data_7PBS
#
_entry.id   7PBS
#
loop_
_entity.id
_entity.type
_entity.pdbx_description
1 polymer 'Holliday junction ATP-dependent DNA helicase RuvB'
2 polymer 'Holliday junction ATP-dependent DNA helicase RuvA'
3 polymer 'random DNA'
4 polymer 'random DNA'
5 non-polymer 'PHOSPHOTHIOPHOSPHORIC ACID-ADENYLATE ESTER'
6 non-polymer 'MAGNESIUM ION'
7 non-polymer "ADENOSINE-5'-DIPHOSPHATE"
#
loop_
_entity_poly.entity_id
_entity_poly.type
_entity_poly.pdbx_seq_one_letter_code
_entity_poly.pdbx_strand_id
1 'polypeptide(L)'
;TLRPQYFKEYIGQDKVKDQLKIFIEAAKLRDEALDHTLLFGPPGLGKTTMAFVIANEMGVNLKQTSGPAIEKAGDLVAIL
NDLEPGDILFIDEIHRMPMAVEEVLYSAMEDYYIDIMIGAGETSRSVHLDLPPFTLVGATTRAGMLSNPLRARFGINGHM
EYYELPDLTEIVERTSEIFEMTITPEAALELARRSRGTPRIANRLLKRVRDYAQIMGDGVIDDKIADQALTMLDVDHEGL
DYVDQKILRTMIEMYGGGPVGLGTLSVNIAEERETVEDMYEPYLIQKGFIMRTRTGRVATAKAYEHMGYDYTRDN
;
A,B,C,D,E,F
2 'polypeptide(L)' SEDAEQEAVAALVALGYKPQEASRMVSKIARPDASSETLIRDALRAAL G
3 'polydeoxyribonucleotide' (DG)(DA)(DA)(DC)(DC)(DT)(DT)(DC)(DG)(DA)(DG)(DG)(DA)(DA)(DG) U
4 'polydeoxyribonucleotide' (DC)(DT)(DT)(DC)(DC)(DT)(DC)(DG)(DA)(DA)(DG)(DG)(DT)(DT)(DC) V
#
loop_
_chem_comp.id
_chem_comp.type
_chem_comp.name
_chem_comp.formula
ADP non-polymer ADENOSINE-5'-DIPHOSPHATE 'C10 H15 N5 O10 P2'
AGS non-polymer 'PHOSPHOTHIOPHOSPHORIC ACID-ADENYLATE ESTER' 'C10 H16 N5 O12 P3 S'
DA DNA linking 2'-DEOXYADENOSINE-5'-MONOPHOSPHATE 'C10 H14 N5 O6 P'
DC DNA linking 2'-DEOXYCYTIDINE-5'-MONOPHOSPHATE 'C9 H14 N3 O7 P'
DG DNA linking 2'-DEOXYGUANOSINE-5'-MONOPHOSPHATE 'C10 H14 N5 O7 P'
DT DNA linking THYMIDINE-5'-MONOPHOSPHATE 'C10 H15 N2 O8 P'
MG non-polymer 'MAGNESIUM ION' 'Mg 2'
#
# COMPACT_ATOMS: atom_id res chain seq x y z
N THR A 1 -3.74 23.54 40.84
CA THR A 1 -3.50 22.69 39.68
C THR A 1 -3.28 23.52 38.42
N LEU A 2 -2.47 22.99 37.49
CA LEU A 2 -2.19 23.70 36.26
C LEU A 2 -3.46 23.96 35.45
N ARG A 3 -4.24 22.92 35.21
CA ARG A 3 -5.46 23.07 34.41
C ARG A 3 -6.58 23.77 35.16
N PRO A 4 -7.06 24.93 34.68
CA PRO A 4 -8.20 25.58 35.32
C PRO A 4 -9.40 24.66 35.43
N GLN A 5 -10.13 24.77 36.54
CA GLN A 5 -11.26 23.89 36.78
C GLN A 5 -12.62 24.55 36.52
N TYR A 6 -12.71 25.87 36.48
CA TYR A 6 -14.00 26.54 36.30
C TYR A 6 -13.84 27.77 35.40
N PHE A 7 -14.96 28.22 34.86
CA PHE A 7 -14.92 29.38 33.97
C PHE A 7 -14.33 30.62 34.65
N LYS A 8 -14.46 30.73 35.96
CA LYS A 8 -13.88 31.87 36.65
C LYS A 8 -12.35 31.85 36.60
N GLU A 9 -11.76 30.67 36.55
CA GLU A 9 -10.31 30.54 36.44
C GLU A 9 -9.80 30.54 35.00
N TYR A 10 -10.65 30.19 34.04
CA TYR A 10 -10.27 30.11 32.64
C TYR A 10 -10.10 31.51 32.05
N ILE A 11 -8.87 31.96 31.92
CA ILE A 11 -8.56 33.27 31.35
C ILE A 11 -8.62 33.22 29.84
N GLY A 12 -9.15 34.28 29.23
CA GLY A 12 -9.22 34.38 27.78
C GLY A 12 -10.38 33.63 27.14
N GLN A 13 -10.31 33.52 25.81
CA GLN A 13 -11.36 32.88 25.01
C GLN A 13 -12.73 33.47 25.33
N ASP A 14 -12.77 34.79 25.47
CA ASP A 14 -14.01 35.46 25.83
C ASP A 14 -15.17 35.08 24.90
N LYS A 15 -14.92 35.01 23.59
CA LYS A 15 -15.99 34.65 22.66
C LYS A 15 -16.56 33.27 22.93
N VAL A 16 -15.70 32.30 23.23
CA VAL A 16 -16.18 30.95 23.52
C VAL A 16 -16.83 30.88 24.90
N LYS A 17 -16.20 31.45 25.91
CA LYS A 17 -16.78 31.41 27.26
C LYS A 17 -18.14 32.10 27.31
N ASP A 18 -18.25 33.28 26.72
CA ASP A 18 -19.52 33.99 26.75
C ASP A 18 -20.65 33.16 26.16
N GLN A 19 -20.39 32.45 25.07
CA GLN A 19 -21.43 31.61 24.48
C GLN A 19 -21.72 30.38 25.32
N LEU A 20 -20.69 29.64 25.74
CA LEU A 20 -20.92 28.43 26.51
C LEU A 20 -21.71 28.70 27.78
N LYS A 21 -21.44 29.82 28.44
CA LYS A 21 -22.20 30.14 29.66
C LYS A 21 -23.69 30.23 29.38
N ILE A 22 -24.07 30.92 28.31
CA ILE A 22 -25.49 31.04 27.98
C ILE A 22 -26.12 29.69 27.67
N PHE A 23 -25.44 28.85 26.89
CA PHE A 23 -25.99 27.55 26.56
C PHE A 23 -26.05 26.61 27.76
N ILE A 24 -25.03 26.65 28.62
CA ILE A 24 -25.05 25.80 29.80
C ILE A 24 -26.16 26.22 30.76
N GLU A 25 -26.31 27.51 31.00
CA GLU A 25 -27.37 27.98 31.90
C GLU A 25 -28.75 27.61 31.37
N ALA A 26 -28.98 27.78 30.07
CA ALA A 26 -30.27 27.43 29.49
C ALA A 26 -30.58 25.95 29.64
N ALA A 27 -29.59 25.09 29.42
CA ALA A 27 -29.81 23.65 29.56
C ALA A 27 -30.22 23.27 30.97
N LYS A 28 -29.63 23.90 31.98
CA LYS A 28 -29.99 23.59 33.36
C LYS A 28 -31.45 23.95 33.67
N LEU A 29 -31.92 25.10 33.20
CA LEU A 29 -33.31 25.46 33.47
C LEU A 29 -34.28 24.43 32.94
N ARG A 30 -34.02 23.89 31.75
CA ARG A 30 -34.90 22.87 31.20
C ARG A 30 -34.64 21.49 31.79
N ASP A 31 -33.56 21.32 32.55
CA ASP A 31 -33.18 20.02 33.09
C ASP A 31 -33.00 19.01 31.96
N GLU A 32 -32.14 19.37 31.02
CA GLU A 32 -31.86 18.57 29.85
C GLU A 32 -30.36 18.47 29.64
N ALA A 33 -29.94 17.49 28.84
CA ALA A 33 -28.54 17.35 28.51
C ALA A 33 -28.12 18.44 27.52
N LEU A 34 -26.85 18.84 27.61
CA LEU A 34 -26.34 19.84 26.69
C LEU A 34 -26.18 19.24 25.30
N ASP A 35 -26.36 20.08 24.28
CA ASP A 35 -26.16 19.64 22.91
C ASP A 35 -24.72 19.24 22.65
N HIS A 36 -24.54 18.36 21.69
CA HIS A 36 -23.20 17.90 21.32
C HIS A 36 -22.35 19.09 20.92
N THR A 37 -21.10 19.13 21.38
CA THR A 37 -20.23 20.28 21.12
C THR A 37 -18.86 19.83 20.62
N LEU A 38 -18.35 20.56 19.62
CA LEU A 38 -17.05 20.30 19.01
C LEU A 38 -16.09 21.44 19.28
N LEU A 39 -14.92 21.14 19.83
CA LEU A 39 -13.88 22.12 20.08
C LEU A 39 -12.76 21.90 19.08
N PHE A 40 -12.37 22.94 18.35
CA PHE A 40 -11.34 22.81 17.34
C PHE A 40 -10.53 24.09 17.23
N GLY A 41 -9.31 23.95 16.72
CA GLY A 41 -8.39 25.06 16.57
C GLY A 41 -6.92 24.69 16.70
N PRO A 42 -6.06 25.69 16.63
CA PRO A 42 -4.60 25.44 16.69
C PRO A 42 -4.16 24.66 17.91
N PRO A 43 -2.96 24.09 17.85
CA PRO A 43 -2.43 23.30 18.98
C PRO A 43 -2.12 24.11 20.24
N GLY A 44 -2.42 23.50 21.39
CA GLY A 44 -2.07 24.07 22.68
C GLY A 44 -2.85 25.28 23.15
N LEU A 45 -3.97 25.60 22.53
CA LEU A 45 -4.74 26.77 22.95
C LEU A 45 -5.68 26.51 24.11
N GLY A 46 -5.95 25.26 24.48
CA GLY A 46 -6.81 25.01 25.62
C GLY A 46 -8.06 24.20 25.32
N LYS A 47 -8.03 23.42 24.25
CA LYS A 47 -9.20 22.64 23.88
C LYS A 47 -9.49 21.54 24.89
N THR A 48 -8.50 20.71 25.21
CA THR A 48 -8.68 19.65 26.20
C THR A 48 -9.09 20.20 27.56
N THR A 49 -8.47 21.29 27.99
CA THR A 49 -8.81 21.89 29.28
C THR A 49 -10.27 22.32 29.34
N MET A 50 -10.77 22.96 28.29
CA MET A 50 -12.15 23.40 28.27
C MET A 50 -13.13 22.23 28.37
N ALA A 51 -12.78 21.07 27.82
CA ALA A 51 -13.68 19.93 27.90
C ALA A 51 -13.95 19.52 29.34
N PHE A 52 -12.93 19.53 30.19
CA PHE A 52 -13.15 19.20 31.60
C PHE A 52 -13.94 20.30 32.31
N VAL A 53 -13.70 21.55 31.95
CA VAL A 53 -14.45 22.66 32.54
C VAL A 53 -15.94 22.52 32.26
N ILE A 54 -16.30 22.16 31.04
CA ILE A 54 -17.71 21.99 30.71
C ILE A 54 -18.36 20.95 31.63
N ALA A 55 -17.64 19.87 31.92
CA ALA A 55 -18.19 18.84 32.80
C ALA A 55 -18.36 19.34 34.22
N ASN A 56 -17.39 20.12 34.73
CA ASN A 56 -17.52 20.63 36.09
C ASN A 56 -18.68 21.61 36.22
N GLU A 57 -18.87 22.48 35.22
CA GLU A 57 -19.98 23.42 35.29
C GLU A 57 -21.32 22.70 35.20
N MET A 58 -21.40 21.67 34.36
CA MET A 58 -22.63 20.89 34.28
C MET A 58 -22.85 20.04 35.52
N GLY A 59 -21.78 19.76 36.27
CA GLY A 59 -21.90 19.00 37.50
C GLY A 59 -22.20 17.52 37.33
N VAL A 60 -21.49 16.86 36.42
CA VAL A 60 -21.71 15.45 36.14
C VAL A 60 -20.37 14.75 35.97
N ASN A 61 -20.41 13.42 36.05
CA ASN A 61 -19.22 12.61 35.86
C ASN A 61 -18.84 12.59 34.38
N LEU A 62 -17.55 12.61 34.10
CA LEU A 62 -17.04 12.62 32.74
C LEU A 62 -16.43 11.28 32.39
N LYS A 63 -16.89 10.70 31.28
CA LYS A 63 -16.34 9.47 30.75
C LYS A 63 -15.39 9.86 29.64
N GLN A 64 -14.16 9.38 29.71
CA GLN A 64 -13.11 9.79 28.79
C GLN A 64 -12.55 8.62 27.99
N THR A 65 -12.24 8.89 26.73
CA THR A 65 -11.63 7.94 25.81
C THR A 65 -10.95 8.74 24.71
N SER A 66 -10.42 8.05 23.70
CA SER A 66 -9.76 8.76 22.62
C SER A 66 -9.97 8.04 21.29
N GLY A 67 -9.84 8.80 20.21
CA GLY A 67 -9.95 8.29 18.87
C GLY A 67 -9.08 7.10 18.56
N PRO A 68 -7.79 7.18 18.87
CA PRO A 68 -6.90 6.04 18.62
C PRO A 68 -7.22 4.82 19.48
N ALA A 69 -7.91 4.99 20.60
CA ALA A 69 -8.26 3.85 21.43
C ALA A 69 -9.43 3.06 20.88
N ILE A 70 -10.27 3.67 20.05
CA ILE A 70 -11.41 2.99 19.44
C ILE A 70 -10.91 2.39 18.14
N GLU A 71 -10.56 1.11 18.18
CA GLU A 71 -9.99 0.42 17.04
C GLU A 71 -11.03 -0.18 16.10
N LYS A 72 -12.19 -0.57 16.62
CA LYS A 72 -13.21 -1.21 15.79
C LYS A 72 -14.58 -0.89 16.34
N ALA A 73 -15.60 -1.17 15.51
CA ALA A 73 -16.98 -0.88 15.88
C ALA A 73 -17.38 -1.52 17.20
N GLY A 74 -16.87 -2.71 17.49
CA GLY A 74 -17.21 -3.36 18.75
C GLY A 74 -16.78 -2.58 19.97
N ASP A 75 -15.71 -1.79 19.86
CA ASP A 75 -15.26 -0.98 21.00
C ASP A 75 -16.24 0.14 21.31
N LEU A 76 -16.69 0.85 20.28
CA LEU A 76 -17.63 1.96 20.50
C LEU A 76 -18.94 1.47 21.06
N VAL A 77 -19.44 0.33 20.59
CA VAL A 77 -20.70 -0.21 21.12
C VAL A 77 -20.57 -0.51 22.61
N ALA A 78 -19.42 -1.03 23.03
CA ALA A 78 -19.21 -1.31 24.45
C ALA A 78 -19.23 -0.04 25.28
N ILE A 79 -18.58 1.02 24.81
CA ILE A 79 -18.56 2.28 25.55
C ILE A 79 -19.97 2.86 25.66
N LEU A 80 -20.72 2.87 24.57
CA LEU A 80 -22.07 3.43 24.60
C LEU A 80 -22.99 2.67 25.54
N ASN A 81 -22.82 1.36 25.69
CA ASN A 81 -23.64 0.62 26.63
C ASN A 81 -23.40 1.00 28.08
N ASP A 82 -22.26 1.63 28.39
CA ASP A 82 -21.96 2.05 29.76
C ASP A 82 -22.50 3.43 30.11
N LEU A 83 -23.10 4.14 29.16
CA LEU A 83 -23.63 5.46 29.44
C LEU A 83 -24.83 5.41 30.38
N GLU A 84 -24.93 6.42 31.24
CA GLU A 84 -26.02 6.63 32.17
C GLU A 84 -26.71 7.95 31.84
N PRO A 85 -27.99 8.10 32.16
CA PRO A 85 -28.68 9.35 31.84
C PRO A 85 -27.93 10.62 32.25
N GLY A 86 -27.67 11.48 31.27
CA GLY A 86 -26.99 12.74 31.49
C GLY A 86 -25.48 12.69 31.44
N ASP A 87 -24.88 11.52 31.30
CA ASP A 87 -23.42 11.42 31.26
C ASP A 87 -22.85 12.18 30.07
N ILE A 88 -21.62 12.65 30.22
CA ILE A 88 -20.88 13.33 29.17
C ILE A 88 -19.77 12.40 28.70
N LEU A 89 -19.70 12.16 27.40
CA LEU A 89 -18.68 11.33 26.79
C LEU A 89 -17.73 12.26 26.04
N PHE A 90 -16.46 12.21 26.38
CA PHE A 90 -15.44 13.05 25.77
C PHE A 90 -14.48 12.18 24.96
N ILE A 91 -14.32 12.49 23.68
CA ILE A 91 -13.42 11.77 22.78
C ILE A 91 -12.36 12.75 22.29
N ASP A 92 -11.13 12.56 22.74
CA ASP A 92 -10.01 13.40 22.31
C ASP A 92 -9.42 12.86 21.02
N GLU A 93 -8.84 13.76 20.22
CA GLU A 93 -8.28 13.40 18.91
C GLU A 93 -9.28 12.63 18.07
N ILE A 94 -10.53 13.10 18.07
CA ILE A 94 -11.62 12.42 17.39
C ILE A 94 -11.38 12.16 15.91
N HIS A 95 -10.50 12.93 15.25
CA HIS A 95 -10.25 12.70 13.83
C HIS A 95 -9.55 11.39 13.53
N ARG A 96 -8.99 10.73 14.53
CA ARG A 96 -8.28 9.47 14.31
C ARG A 96 -9.20 8.27 14.18
N MET A 97 -10.48 8.41 14.53
CA MET A 97 -11.39 7.28 14.43
C MET A 97 -11.51 6.79 12.99
N PRO A 98 -11.60 5.48 12.77
CA PRO A 98 -11.78 4.98 11.41
C PRO A 98 -13.17 5.26 10.88
N MET A 99 -13.26 5.45 9.56
CA MET A 99 -14.54 5.76 8.93
C MET A 99 -15.62 4.75 9.25
N ALA A 100 -15.26 3.46 9.35
CA ALA A 100 -16.24 2.44 9.66
C ALA A 100 -16.89 2.64 11.02
N VAL A 101 -16.23 3.34 11.93
CA VAL A 101 -16.78 3.63 13.25
C VAL A 101 -17.47 4.98 13.29
N GLU A 102 -16.90 5.97 12.61
CA GLU A 102 -17.51 7.30 12.57
C GLU A 102 -18.94 7.24 12.05
N GLU A 103 -19.20 6.38 11.05
CA GLU A 103 -20.55 6.26 10.53
C GLU A 103 -21.52 5.58 11.48
N VAL A 104 -21.03 5.04 12.60
CA VAL A 104 -21.94 4.45 13.58
C VAL A 104 -22.54 5.54 14.46
N LEU A 105 -21.80 6.61 14.70
CA LEU A 105 -22.29 7.74 15.50
C LEU A 105 -23.42 8.50 14.81
N TYR A 106 -23.56 8.40 13.49
CA TYR A 106 -24.60 9.16 12.81
C TYR A 106 -25.96 8.94 13.42
N SER A 107 -26.30 7.69 13.74
CA SER A 107 -27.60 7.39 14.32
C SER A 107 -27.65 7.68 15.82
N ALA A 108 -26.57 7.38 16.53
CA ALA A 108 -26.54 7.61 17.97
C ALA A 108 -26.69 9.09 18.32
N MET A 109 -26.01 9.98 17.60
CA MET A 109 -26.09 11.39 17.93
C MET A 109 -27.45 11.99 17.62
N GLU A 110 -28.09 11.59 16.52
CA GLU A 110 -29.38 12.17 16.19
C GLU A 110 -30.57 11.50 16.88
N ASP A 111 -30.60 10.18 16.97
CA ASP A 111 -31.77 9.49 17.50
C ASP A 111 -31.51 8.64 18.73
N TYR A 112 -30.29 8.64 19.25
CA TYR A 112 -29.98 7.91 20.48
C TYR A 112 -30.24 6.40 20.37
N TYR A 113 -29.98 5.81 19.21
CA TYR A 113 -30.12 4.37 19.07
C TYR A 113 -29.05 3.84 18.13
N ILE A 114 -28.86 2.52 18.15
CA ILE A 114 -27.87 1.84 17.31
C ILE A 114 -28.46 0.53 16.80
N ASP A 115 -28.15 0.20 15.55
CA ASP A 115 -28.51 -1.10 14.99
C ASP A 115 -27.39 -2.08 15.30
N ILE A 116 -27.75 -3.26 15.80
CA ILE A 116 -26.78 -4.28 16.17
C ILE A 116 -27.26 -5.64 15.68
N MET A 117 -26.32 -6.47 15.23
CA MET A 117 -26.64 -7.83 14.82
C MET A 117 -26.43 -8.75 16.01
N ILE A 118 -27.45 -9.56 16.32
CA ILE A 118 -27.41 -10.48 17.44
C ILE A 118 -27.94 -11.84 17.02
N GLY A 119 -27.65 -12.84 17.84
CA GLY A 119 -28.10 -14.20 17.62
C GLY A 119 -26.96 -15.20 17.65
N ALA A 120 -27.35 -16.47 17.64
CA ALA A 120 -26.42 -17.60 17.67
C ALA A 120 -25.72 -17.85 16.35
N GLY A 121 -26.06 -17.11 15.30
CA GLY A 121 -25.50 -17.31 13.98
C GLY A 121 -26.36 -18.22 13.13
N GLU A 122 -26.98 -19.21 13.75
CA GLU A 122 -27.97 -20.02 13.04
C GLU A 122 -29.21 -19.17 12.83
N THR A 123 -29.65 -18.52 13.91
CA THR A 123 -30.72 -17.53 13.90
C THR A 123 -30.09 -16.24 14.39
N SER A 124 -30.23 -15.17 13.61
CA SER A 124 -29.70 -13.88 14.00
C SER A 124 -30.56 -12.79 13.37
N ARG A 125 -30.63 -11.66 14.04
CA ARG A 125 -31.48 -10.56 13.62
C ARG A 125 -30.91 -9.25 14.13
N SER A 126 -31.30 -8.17 13.45
CA SER A 126 -30.91 -6.82 13.83
C SER A 126 -31.86 -6.27 14.88
N VAL A 127 -31.31 -5.67 15.93
CA VAL A 127 -32.10 -5.11 17.01
C VAL A 127 -31.57 -3.72 17.33
N HIS A 128 -32.45 -2.88 17.86
CA HIS A 128 -32.10 -1.53 18.27
C HIS A 128 -31.68 -1.47 19.73
N LEU A 129 -30.58 -0.77 19.98
CA LEU A 129 -30.15 -0.42 21.32
C LEU A 129 -30.60 1.00 21.55
N ASP A 130 -31.31 1.25 22.64
CA ASP A 130 -31.80 2.58 22.94
C ASP A 130 -30.88 3.22 23.97
N LEU A 131 -30.34 4.39 23.64
CA LEU A 131 -29.39 5.08 24.49
C LEU A 131 -30.08 6.16 25.30
N PRO A 132 -29.66 6.40 26.54
CA PRO A 132 -30.23 7.48 27.33
C PRO A 132 -29.72 8.83 26.84
N PRO A 133 -30.32 9.93 27.28
CA PRO A 133 -29.83 11.25 26.87
C PRO A 133 -28.39 11.45 27.31
N PHE A 134 -27.55 11.92 26.39
CA PHE A 134 -26.13 12.12 26.70
C PHE A 134 -25.58 13.23 25.83
N THR A 135 -24.41 13.75 26.23
CA THR A 135 -23.72 14.82 25.52
C THR A 135 -22.35 14.34 25.06
N LEU A 136 -22.10 14.39 23.76
CA LEU A 136 -20.81 14.06 23.20
C LEU A 136 -19.97 15.33 23.05
N VAL A 137 -18.76 15.30 23.58
CA VAL A 137 -17.80 16.40 23.45
C VAL A 137 -16.62 15.88 22.64
N GLY A 138 -16.26 16.61 21.58
CA GLY A 138 -15.15 16.24 20.74
C GLY A 138 -14.13 17.35 20.65
N ALA A 139 -12.85 16.96 20.56
CA ALA A 139 -11.75 17.90 20.42
C ALA A 139 -10.85 17.43 19.29
N THR A 140 -10.46 18.35 18.41
CA THR A 140 -9.61 17.99 17.29
C THR A 140 -8.81 19.19 16.81
N THR A 141 -7.63 18.90 16.28
CA THR A 141 -6.76 19.92 15.70
C THR A 141 -7.05 20.21 14.24
N ARG A 142 -7.75 19.31 13.54
CA ARG A 142 -8.04 19.49 12.12
C ARG A 142 -9.44 18.95 11.81
N ALA A 143 -10.41 19.86 11.87
CA ALA A 143 -11.80 19.48 11.59
C ALA A 143 -11.99 19.01 10.16
N GLY A 144 -11.10 19.39 9.25
CA GLY A 144 -11.21 18.98 7.86
C GLY A 144 -11.19 17.48 7.64
N MET A 145 -10.66 16.71 8.59
CA MET A 145 -10.66 15.26 8.43
C MET A 145 -11.98 14.61 8.78
N LEU A 146 -12.86 15.30 9.51
CA LEU A 146 -14.16 14.75 9.83
C LEU A 146 -15.08 14.81 8.62
N SER A 147 -15.85 13.76 8.40
CA SER A 147 -16.77 13.76 7.27
C SER A 147 -17.85 14.81 7.44
N ASN A 148 -18.35 15.31 6.32
CA ASN A 148 -19.39 16.34 6.36
C ASN A 148 -20.62 15.95 7.17
N PRO A 149 -21.12 14.71 7.10
CA PRO A 149 -22.29 14.38 7.92
C PRO A 149 -22.03 14.39 9.41
N LEU A 150 -20.80 14.19 9.87
CA LEU A 150 -20.53 14.23 11.30
C LEU A 150 -20.47 15.66 11.82
N ARG A 151 -19.72 16.53 11.17
CA ARG A 151 -19.66 17.92 11.63
C ARG A 151 -21.05 18.56 11.65
N ALA A 152 -21.92 18.19 10.73
CA ALA A 152 -23.26 18.76 10.70
C ALA A 152 -24.12 18.35 11.89
N ARG A 153 -23.73 17.31 12.62
CA ARG A 153 -24.51 16.88 13.77
C ARG A 153 -24.14 17.59 15.07
N PHE A 154 -22.98 18.23 15.16
CA PHE A 154 -22.62 18.96 16.37
C PHE A 154 -23.41 20.25 16.46
N GLY A 155 -24.13 20.42 17.56
CA GLY A 155 -24.98 21.58 17.77
C GLY A 155 -24.28 22.84 18.22
N ILE A 156 -23.10 22.72 18.83
CA ILE A 156 -22.33 23.87 19.31
C ILE A 156 -20.91 23.73 18.79
N ASN A 157 -20.44 24.74 18.07
CA ASN A 157 -19.08 24.77 17.54
C ASN A 157 -18.26 25.82 18.28
N GLY A 158 -17.10 25.41 18.79
CA GLY A 158 -16.21 26.31 19.49
C GLY A 158 -14.87 26.43 18.80
N HIS A 159 -14.58 27.58 18.21
CA HIS A 159 -13.32 27.81 17.51
C HIS A 159 -12.40 28.64 18.41
N MET A 160 -11.25 28.08 18.75
CA MET A 160 -10.29 28.73 19.63
C MET A 160 -9.42 29.73 18.88
N GLU A 161 -8.99 30.79 19.58
CA GLU A 161 -8.16 31.84 19.01
C GLU A 161 -6.96 32.11 19.89
N TYR A 162 -5.91 32.68 19.28
CA TYR A 162 -4.69 33.01 20.02
C TYR A 162 -4.93 34.09 21.07
N TYR A 163 -4.11 34.05 22.12
CA TYR A 163 -4.19 34.96 23.25
C TYR A 163 -3.40 36.24 23.04
N GLU A 164 -3.89 37.32 23.64
CA GLU A 164 -3.23 38.63 23.62
C GLU A 164 -2.28 38.76 24.81
N LEU A 165 -1.34 39.71 24.70
CA LEU A 165 -0.36 39.91 25.75
C LEU A 165 -0.97 40.19 27.11
N PRO A 166 -2.04 40.98 27.25
CA PRO A 166 -2.60 41.21 28.59
C PRO A 166 -3.07 39.94 29.27
N ASP A 167 -3.78 39.08 28.54
CA ASP A 167 -4.28 37.84 29.12
C ASP A 167 -3.16 36.82 29.34
N LEU A 168 -2.25 36.71 28.38
CA LEU A 168 -1.15 35.77 28.51
C LEU A 168 -0.24 36.14 29.67
N THR A 169 -0.13 37.42 30.00
CA THR A 169 0.65 37.82 31.16
C THR A 169 0.05 37.27 32.45
N GLU A 170 -1.28 37.25 32.56
CA GLU A 170 -1.91 36.70 33.75
C GLU A 170 -1.64 35.20 33.90
N ILE A 171 -1.59 34.47 32.79
CA ILE A 171 -1.32 33.04 32.86
C ILE A 171 0.08 32.77 33.41
N VAL A 172 1.06 33.57 33.01
CA VAL A 172 2.41 33.42 33.55
C VAL A 172 2.41 33.68 35.05
N GLU A 173 1.71 34.73 35.49
CA GLU A 173 1.66 35.04 36.91
C GLU A 173 0.97 33.93 37.69
N ARG A 174 -0.19 33.48 37.22
CA ARG A 174 -0.89 32.40 37.90
C ARG A 174 -0.01 31.16 38.03
N THR A 175 0.73 30.81 36.98
CA THR A 175 1.61 29.65 37.06
C THR A 175 2.74 29.86 38.05
N SER A 176 3.20 31.10 38.22
CA SER A 176 4.26 31.36 39.19
C SER A 176 3.78 31.07 40.61
N GLU A 177 2.52 31.36 40.91
CA GLU A 177 2.00 31.03 42.24
C GLU A 177 2.04 29.53 42.47
N ILE A 178 1.64 28.74 41.48
CA ILE A 178 1.64 27.29 41.64
C ILE A 178 3.05 26.77 41.88
N PHE A 179 4.04 27.31 41.18
CA PHE A 179 5.42 26.92 41.43
C PHE A 179 6.03 27.58 42.64
N GLU A 180 5.30 28.49 43.30
CA GLU A 180 5.78 29.20 44.48
C GLU A 180 7.02 30.05 44.21
N MET A 181 7.14 30.58 43.01
CA MET A 181 8.25 31.45 42.64
C MET A 181 7.74 32.88 42.52
N THR A 182 8.45 33.82 43.16
CA THR A 182 8.14 35.23 43.01
C THR A 182 8.65 35.72 41.66
N ILE A 183 7.81 36.45 40.93
CA ILE A 183 8.17 36.99 39.62
C ILE A 183 7.79 38.46 39.57
N THR A 184 8.72 39.29 39.09
CA THR A 184 8.45 40.71 38.96
C THR A 184 7.51 40.95 37.78
N PRO A 185 6.58 41.91 37.90
CA PRO A 185 5.64 42.14 36.78
C PRO A 185 6.31 42.45 35.46
N GLU A 186 7.47 43.10 35.49
CA GLU A 186 8.20 43.38 34.25
C GLU A 186 8.67 42.09 33.58
N ALA A 187 9.14 41.12 34.37
CA ALA A 187 9.60 39.85 33.82
C ALA A 187 8.45 39.04 33.24
N ALA A 188 7.29 39.07 33.89
CA ALA A 188 6.13 38.35 33.36
C ALA A 188 5.79 38.82 31.95
N LEU A 189 5.92 40.12 31.69
CA LEU A 189 5.65 40.63 30.35
C LEU A 189 6.72 40.20 29.37
N GLU A 190 7.98 40.11 29.80
CA GLU A 190 9.03 39.65 28.91
C GLU A 190 8.79 38.22 28.45
N LEU A 191 8.41 37.33 29.37
CA LEU A 191 8.11 35.97 28.99
C LEU A 191 6.90 35.89 28.07
N ALA A 192 5.87 36.68 28.35
CA ALA A 192 4.68 36.70 27.51
C ALA A 192 4.99 37.12 26.08
N ARG A 193 5.74 38.20 25.90
CA ARG A 193 6.02 38.67 24.54
C ARG A 193 6.75 37.62 23.72
N ARG A 194 7.48 36.72 24.35
CA ARG A 194 8.22 35.67 23.65
C ARG A 194 7.46 34.35 23.52
N SER A 195 6.25 34.25 24.05
CA SER A 195 5.52 32.97 24.07
C SER A 195 4.66 32.72 22.83
N ARG A 196 4.87 33.47 21.75
CA ARG A 196 4.14 33.25 20.50
C ARG A 196 2.63 33.10 20.70
N GLY A 197 2.09 33.81 21.68
CA GLY A 197 0.65 33.75 21.92
C GLY A 197 0.09 32.41 22.34
N THR A 198 0.90 31.47 22.79
CA THR A 198 0.41 30.13 23.11
C THR A 198 0.65 29.81 24.58
N PRO A 199 -0.37 29.41 25.33
CA PRO A 199 -0.15 29.10 26.75
C PRO A 199 0.85 27.99 27.03
N ARG A 200 0.85 26.91 26.25
CA ARG A 200 1.81 25.84 26.49
C ARG A 200 3.25 26.34 26.39
N ILE A 201 3.53 27.21 25.43
CA ILE A 201 4.89 27.74 25.29
C ILE A 201 5.27 28.60 26.48
N ALA A 202 4.33 29.42 26.97
CA ALA A 202 4.62 30.26 28.13
C ALA A 202 4.99 29.43 29.35
N ASN A 203 4.29 28.32 29.59
CA ASN A 203 4.64 27.47 30.72
C ASN A 203 6.00 26.82 30.55
N ARG A 204 6.36 26.41 29.33
CA ARG A 204 7.67 25.81 29.12
C ARG A 204 8.80 26.80 29.41
N LEU A 205 8.71 28.00 28.85
CA LEU A 205 9.74 29.00 29.14
C LEU A 205 9.86 29.28 30.63
N LEU A 206 8.73 29.42 31.32
CA LEU A 206 8.78 29.69 32.74
C LEU A 206 9.49 28.59 33.50
N LYS A 207 9.23 27.33 33.15
CA LYS A 207 9.91 26.24 33.84
C LYS A 207 11.41 26.31 33.66
N ARG A 208 11.88 26.62 32.46
CA ARG A 208 13.31 26.72 32.23
C ARG A 208 13.93 27.89 33.00
N VAL A 209 13.27 29.05 32.97
CA VAL A 209 13.78 30.20 33.72
C VAL A 209 13.77 29.89 35.21
N ARG A 210 12.72 29.24 35.70
CA ARG A 210 12.65 28.87 37.11
C ARG A 210 13.84 28.01 37.51
N ASP A 211 14.18 27.00 36.72
CA ASP A 211 15.32 26.14 37.05
C ASP A 211 16.61 26.94 37.15
N TYR A 212 16.83 27.86 36.20
CA TYR A 212 18.04 28.66 36.21
C TYR A 212 18.11 29.59 37.43
N ALA A 213 17.00 30.26 37.74
CA ALA A 213 17.00 31.21 38.84
C ALA A 213 17.30 30.60 40.19
N GLN A 214 16.94 29.33 40.41
CA GLN A 214 17.22 28.70 41.69
C GLN A 214 18.56 27.98 41.76
N ILE A 215 19.24 27.80 40.64
CA ILE A 215 20.57 27.18 40.63
C ILE A 215 21.68 28.23 40.67
N MET A 216 21.49 29.36 39.98
CA MET A 216 22.47 30.43 39.97
C MET A 216 21.72 31.76 40.04
N GLY A 217 21.19 32.02 41.22
CA GLY A 217 20.44 33.23 41.48
C GLY A 217 20.04 33.21 42.93
N ASP A 218 19.07 34.06 43.28
CA ASP A 218 18.61 34.13 44.66
C ASP A 218 17.21 33.55 44.81
N GLY A 219 16.75 32.77 43.84
CA GLY A 219 15.43 32.20 43.88
C GLY A 219 14.31 33.17 43.58
N VAL A 220 14.62 34.28 42.91
CA VAL A 220 13.63 35.27 42.52
C VAL A 220 13.82 35.55 41.04
N ILE A 221 12.73 35.54 40.29
CA ILE A 221 12.79 35.81 38.85
C ILE A 221 12.69 37.32 38.70
N ASP A 222 13.84 37.98 38.85
CA ASP A 222 13.92 39.42 38.67
C ASP A 222 14.15 39.76 37.19
N ASP A 223 14.08 41.04 36.88
CA ASP A 223 14.26 41.49 35.51
C ASP A 223 15.66 41.17 34.97
N LYS A 224 16.65 41.13 35.85
CA LYS A 224 18.02 40.84 35.46
C LYS A 224 18.23 39.35 35.15
N ILE A 225 17.66 38.48 35.97
CA ILE A 225 17.80 37.03 35.77
C ILE A 225 17.09 36.57 34.50
N ALA A 226 15.89 37.08 34.24
CA ALA A 226 15.15 36.65 33.06
C ALA A 226 15.92 36.94 31.77
N ASP A 227 16.54 38.11 31.65
CA ASP A 227 17.32 38.41 30.46
C ASP A 227 18.48 37.44 30.28
N GLN A 228 19.16 37.08 31.37
CA GLN A 228 20.27 36.13 31.26
C GLN A 228 19.77 34.74 30.87
N ALA A 229 18.71 34.28 31.53
CA ALA A 229 18.16 32.96 31.21
C ALA A 229 17.66 32.89 29.78
N LEU A 230 16.95 33.91 29.32
CA LEU A 230 16.45 33.90 27.95
C LEU A 230 17.57 33.97 26.93
N THR A 231 18.70 34.58 27.28
CA THR A 231 19.84 34.59 26.37
C THR A 231 20.44 33.20 26.24
N MET A 232 20.49 32.45 27.34
CA MET A 232 21.01 31.09 27.27
C MET A 232 20.17 30.22 26.34
N LEU A 233 18.84 30.35 26.44
CA LEU A 233 17.96 29.60 25.55
C LEU A 233 17.98 30.12 24.13
N ASP A 234 18.58 31.29 23.90
CA ASP A 234 18.66 31.90 22.57
C ASP A 234 17.29 32.16 21.96
N VAL A 235 16.45 32.88 22.71
CA VAL A 235 15.12 33.26 22.26
C VAL A 235 15.13 34.79 22.13
N ASP A 236 14.93 35.27 20.91
CA ASP A 236 14.93 36.70 20.67
C ASP A 236 13.78 37.38 21.41
N HIS A 237 13.89 38.70 21.56
CA HIS A 237 12.83 39.43 22.25
C HIS A 237 11.54 39.50 21.44
N GLU A 238 11.51 38.86 20.27
CA GLU A 238 10.31 38.70 19.46
C GLU A 238 9.95 37.23 19.32
N GLY A 239 10.66 36.35 20.02
CA GLY A 239 10.46 34.92 19.97
C GLY A 239 11.11 34.22 18.79
N LEU A 240 11.93 34.92 18.02
CA LEU A 240 12.61 34.32 16.89
C LEU A 240 13.78 33.45 17.33
N ASP A 241 13.95 32.32 16.65
CA ASP A 241 15.10 31.44 16.86
C ASP A 241 16.29 31.92 16.04
N TYR A 242 17.46 31.33 16.31
CA TYR A 242 18.60 31.62 15.46
C TYR A 242 18.30 31.31 14.01
N VAL A 243 17.52 30.26 13.76
CA VAL A 243 17.12 29.93 12.39
C VAL A 243 16.27 31.06 11.82
N ASP A 244 15.30 31.54 12.60
CA ASP A 244 14.47 32.65 12.14
C ASP A 244 15.30 33.89 11.87
N GLN A 245 16.27 34.18 12.75
CA GLN A 245 17.13 35.33 12.54
C GLN A 245 17.97 35.18 11.28
N LYS A 246 18.49 33.98 11.03
CA LYS A 246 19.26 33.72 9.84
C LYS A 246 18.45 33.97 8.56
N ILE A 247 17.19 33.54 8.54
CA ILE A 247 16.36 33.75 7.36
C ILE A 247 16.22 35.22 7.04
N LEU A 248 15.74 36.02 8.00
CA LEU A 248 15.56 37.44 7.74
C LEU A 248 16.87 38.13 7.41
N ARG A 249 17.94 37.82 8.15
CA ARG A 249 19.22 38.45 7.87
C ARG A 249 19.70 38.13 6.45
N THR A 250 19.56 36.89 6.02
CA THR A 250 19.97 36.51 4.67
C THR A 250 19.21 37.27 3.60
N MET A 251 17.89 37.40 3.75
CA MET A 251 17.10 38.12 2.77
C MET A 251 17.49 39.59 2.68
N ILE A 252 17.81 40.21 3.82
CA ILE A 252 18.15 41.63 3.84
C ILE A 252 19.56 41.88 3.28
N GLU A 253 20.52 41.06 3.68
CA GLU A 253 21.91 41.28 3.26
C GLU A 253 22.24 40.77 1.86
N MET A 254 21.74 39.61 1.45
CA MET A 254 22.10 39.07 0.14
C MET A 254 21.14 39.41 -0.98
N TYR A 255 19.95 39.94 -0.69
CA TYR A 255 18.99 40.24 -1.76
C TYR A 255 18.36 41.62 -1.64
N GLY A 256 18.81 42.46 -0.72
CA GLY A 256 18.21 43.77 -0.58
C GLY A 256 16.74 43.72 -0.25
N GLY A 257 16.30 42.67 0.44
CA GLY A 257 14.91 42.50 0.81
C GLY A 257 14.08 41.65 -0.12
N GLY A 258 14.66 41.10 -1.19
CA GLY A 258 13.91 40.31 -2.13
C GLY A 258 13.32 41.17 -3.22
N PRO A 259 12.41 40.61 -4.03
CA PRO A 259 11.86 39.25 -3.96
C PRO A 259 12.89 38.15 -4.19
N VAL A 260 12.71 37.03 -3.52
CA VAL A 260 13.58 35.87 -3.67
C VAL A 260 12.70 34.62 -3.63
N GLY A 261 13.05 33.64 -4.44
CA GLY A 261 12.29 32.41 -4.46
C GLY A 261 12.62 31.51 -3.28
N LEU A 262 11.67 30.64 -2.94
CA LEU A 262 11.87 29.76 -1.79
C LEU A 262 13.02 28.80 -2.03
N GLY A 263 13.17 28.29 -3.25
CA GLY A 263 14.27 27.40 -3.54
C GLY A 263 15.62 28.08 -3.39
N THR A 264 15.75 29.26 -4.00
CA THR A 264 16.99 30.03 -3.90
C THR A 264 17.35 30.33 -2.46
N LEU A 265 16.37 30.74 -1.65
CA LEU A 265 16.63 31.02 -0.24
C LEU A 265 17.02 29.77 0.53
N SER A 266 16.28 28.67 0.35
CA SER A 266 16.56 27.46 1.11
C SER A 266 18.01 27.02 0.96
N VAL A 267 18.58 27.15 -0.23
CA VAL A 267 19.97 26.75 -0.46
C VAL A 267 20.93 27.64 0.33
N ASN A 268 20.74 28.95 0.28
CA ASN A 268 21.64 29.87 0.96
C ASN A 268 21.63 29.74 2.47
N ILE A 269 20.64 29.05 3.05
CA ILE A 269 20.56 28.88 4.50
C ILE A 269 20.79 27.43 4.93
N ALA A 270 21.01 26.52 3.99
CA ALA A 270 21.23 25.10 4.30
C ALA A 270 20.05 24.51 5.08
N GLU A 271 18.84 24.79 4.62
CA GLU A 271 17.62 24.29 5.24
C GLU A 271 16.83 23.51 4.20
N GLU A 272 16.10 22.50 4.68
CA GLU A 272 15.30 21.68 3.78
C GLU A 272 14.09 22.46 3.28
N ARG A 273 13.84 22.36 1.97
CA ARG A 273 12.77 23.09 1.29
C ARG A 273 11.45 23.15 2.04
N GLU A 274 10.87 22.00 2.35
CA GLU A 274 9.57 21.96 3.02
C GLU A 274 9.64 22.31 4.50
N THR A 275 10.75 22.06 5.17
CA THR A 275 10.83 22.45 6.57
C THR A 275 10.70 23.95 6.75
N VAL A 276 11.37 24.72 5.90
CA VAL A 276 11.27 26.18 5.97
C VAL A 276 9.83 26.64 5.72
N GLU A 277 9.16 26.06 4.73
CA GLU A 277 7.80 26.47 4.41
C GLU A 277 6.78 26.11 5.47
N ASP A 278 6.94 25.00 6.18
CA ASP A 278 5.95 24.58 7.17
C ASP A 278 6.33 24.83 8.62
N MET A 279 7.62 24.84 8.96
CA MET A 279 8.01 25.01 10.35
C MET A 279 8.35 26.45 10.74
N TYR A 280 9.03 27.21 9.89
CA TYR A 280 9.51 28.53 10.26
C TYR A 280 8.77 29.68 9.61
N GLU A 281 8.44 29.59 8.33
CA GLU A 281 7.79 30.70 7.64
C GLU A 281 6.41 31.06 8.17
N PRO A 282 5.54 30.13 8.57
CA PRO A 282 4.18 30.53 8.96
C PRO A 282 4.10 31.56 10.07
N TYR A 283 4.92 31.46 11.11
CA TYR A 283 4.88 32.48 12.16
C TYR A 283 5.41 33.83 11.67
N LEU A 284 6.46 33.81 10.85
CA LEU A 284 7.02 35.06 10.35
C LEU A 284 6.02 35.84 9.52
N ILE A 285 5.20 35.17 8.73
CA ILE A 285 4.18 35.84 7.93
C ILE A 285 3.11 36.45 8.83
N GLN A 286 2.61 35.67 9.79
CA GLN A 286 1.54 36.15 10.65
C GLN A 286 1.98 37.33 11.50
N LYS A 287 3.24 37.37 11.93
CA LYS A 287 3.72 38.55 12.66
C LYS A 287 3.97 39.73 11.75
N GLY A 288 4.05 39.53 10.45
CA GLY A 288 4.28 40.60 9.51
C GLY A 288 5.73 40.90 9.19
N PHE A 289 6.65 39.99 9.49
CA PHE A 289 8.05 40.20 9.13
C PHE A 289 8.28 39.93 7.65
N ILE A 290 7.56 38.97 7.08
CA ILE A 290 7.68 38.60 5.68
C ILE A 290 6.33 38.75 5.01
N MET A 291 6.36 39.08 3.72
CA MET A 291 5.16 39.14 2.90
C MET A 291 5.39 38.35 1.62
N ARG A 292 4.46 37.46 1.29
CA ARG A 292 4.52 36.72 0.05
C ARG A 292 4.01 37.57 -1.11
N THR A 293 4.63 37.40 -2.28
CA THR A 293 4.22 38.12 -3.48
C THR A 293 4.30 37.19 -4.68
N ARG A 294 3.63 37.61 -5.76
CA ARG A 294 3.60 36.80 -6.97
C ARG A 294 4.98 36.48 -7.51
N THR A 295 5.97 37.34 -7.24
CA THR A 295 7.33 37.12 -7.74
C THR A 295 8.28 36.59 -6.69
N GLY A 296 7.81 36.38 -5.46
CA GLY A 296 8.65 35.87 -4.39
C GLY A 296 8.29 36.54 -3.08
N ARG A 297 9.01 36.23 -2.01
CA ARG A 297 8.74 36.83 -0.71
C ARG A 297 9.72 37.96 -0.40
N VAL A 298 9.20 38.99 0.27
CA VAL A 298 9.94 40.21 0.57
C VAL A 298 9.92 40.47 2.06
N ALA A 299 11.02 41.02 2.58
CA ALA A 299 11.12 41.39 3.98
C ALA A 299 10.51 42.79 4.17
N THR A 300 9.57 42.88 5.11
CA THR A 300 8.88 44.14 5.35
C THR A 300 9.72 45.09 6.20
N ALA A 301 9.24 46.35 6.27
CA ALA A 301 9.90 47.37 7.07
C ALA A 301 10.08 46.95 8.52
N LYS A 302 9.15 46.16 9.05
CA LYS A 302 9.27 45.67 10.42
C LYS A 302 10.52 44.82 10.60
N ALA A 303 10.87 44.02 9.59
CA ALA A 303 12.08 43.21 9.68
C ALA A 303 13.34 44.06 9.65
N TYR A 304 13.32 45.18 8.93
CA TYR A 304 14.48 46.05 8.87
C TYR A 304 14.77 46.68 10.23
N GLU A 305 13.76 47.29 10.85
CA GLU A 305 13.96 47.92 12.14
C GLU A 305 14.29 46.91 13.23
N HIS A 306 13.74 45.70 13.16
CA HIS A 306 14.07 44.71 14.18
C HIS A 306 15.52 44.25 14.09
N MET A 307 16.05 44.10 12.87
CA MET A 307 17.43 43.69 12.70
C MET A 307 18.39 44.87 12.70
N GLY A 308 17.88 46.09 12.69
CA GLY A 308 18.70 47.28 12.74
C GLY A 308 19.20 47.83 11.41
N TYR A 309 18.75 47.27 10.29
CA TYR A 309 19.18 47.79 9.00
C TYR A 309 18.36 49.01 8.61
N ASP A 310 18.88 49.78 7.66
CA ASP A 310 18.22 50.98 7.19
C ASP A 310 17.28 50.64 6.05
N TYR A 311 16.01 51.03 6.20
CA TYR A 311 15.01 50.74 5.19
C TYR A 311 15.14 51.69 4.00
N THR A 312 14.94 51.16 2.80
CA THR A 312 15.07 51.94 1.58
C THR A 312 14.04 51.48 0.53
N THR B 1 -44.39 15.57 15.94
CA THR B 1 -43.04 15.02 15.90
C THR B 1 -42.14 15.84 14.99
N LEU B 2 -40.84 15.82 15.28
CA LEU B 2 -39.88 16.61 14.51
C LEU B 2 -39.79 16.15 13.06
N ARG B 3 -39.90 14.86 12.79
CA ARG B 3 -39.81 14.35 11.42
C ARG B 3 -41.19 14.24 10.79
N PRO B 4 -41.43 14.87 9.64
CA PRO B 4 -42.72 14.71 8.97
C PRO B 4 -43.05 13.24 8.73
N GLN B 5 -44.33 12.90 8.82
CA GLN B 5 -44.77 11.52 8.66
C GLN B 5 -45.53 11.25 7.36
N TYR B 6 -46.04 12.26 6.68
CA TYR B 6 -46.79 12.07 5.45
C TYR B 6 -46.44 13.16 4.45
N PHE B 7 -46.75 12.92 3.18
CA PHE B 7 -46.43 13.90 2.15
C PHE B 7 -47.08 15.25 2.43
N LYS B 8 -48.24 15.25 3.09
CA LYS B 8 -48.91 16.51 3.42
C LYS B 8 -48.07 17.38 4.34
N GLU B 9 -47.21 16.76 5.14
CA GLU B 9 -46.34 17.47 6.07
C GLU B 9 -44.94 17.73 5.52
N TYR B 10 -44.56 17.07 4.43
CA TYR B 10 -43.22 17.21 3.85
C TYR B 10 -43.17 18.42 2.93
N ILE B 11 -42.56 19.49 3.42
CA ILE B 11 -42.39 20.74 2.66
C ILE B 11 -41.26 20.59 1.64
N GLY B 12 -41.43 21.22 0.47
CA GLY B 12 -40.39 21.23 -0.54
C GLY B 12 -40.17 19.93 -1.32
N GLN B 13 -39.01 19.84 -1.96
CA GLN B 13 -38.64 18.70 -2.79
C GLN B 13 -39.74 18.38 -3.80
N ASP B 14 -40.31 19.43 -4.38
CA ASP B 14 -41.42 19.24 -5.32
C ASP B 14 -41.15 18.19 -6.38
N LYS B 15 -39.96 18.20 -6.98
CA LYS B 15 -39.66 17.21 -8.02
C LYS B 15 -39.71 15.79 -7.47
N VAL B 16 -38.94 15.51 -6.42
CA VAL B 16 -38.92 14.16 -5.87
C VAL B 16 -40.26 13.81 -5.25
N LYS B 17 -40.86 14.75 -4.53
CA LYS B 17 -42.15 14.51 -3.90
C LYS B 17 -43.25 14.26 -4.91
N ASP B 18 -43.27 15.04 -6.00
CA ASP B 18 -44.28 14.84 -7.04
C ASP B 18 -44.10 13.50 -7.76
N GLN B 19 -42.88 13.08 -8.01
CA GLN B 19 -42.66 11.79 -8.68
C GLN B 19 -43.08 10.62 -7.80
N LEU B 20 -42.64 10.60 -6.55
CA LEU B 20 -42.97 9.49 -5.67
C LEU B 20 -44.47 9.31 -5.51
N LYS B 21 -45.24 10.39 -5.48
CA LYS B 21 -46.69 10.26 -5.38
C LYS B 21 -47.26 9.44 -6.53
N ILE B 22 -46.87 9.76 -7.77
CA ILE B 22 -47.42 9.05 -8.93
C ILE B 22 -47.04 7.57 -8.89
N PHE B 23 -45.78 7.25 -8.60
CA PHE B 23 -45.36 5.86 -8.59
C PHE B 23 -46.03 5.07 -7.47
N ILE B 24 -46.23 5.69 -6.30
CA ILE B 24 -46.89 5.01 -5.21
C ILE B 24 -48.35 4.72 -5.56
N GLU B 25 -49.06 5.71 -6.10
CA GLU B 25 -50.46 5.49 -6.46
C GLU B 25 -50.61 4.43 -7.53
N ALA B 26 -49.73 4.43 -8.54
CA ALA B 26 -49.83 3.42 -9.59
C ALA B 26 -49.61 2.01 -9.05
N ALA B 27 -48.66 1.85 -8.12
CA ALA B 27 -48.43 0.55 -7.52
C ALA B 27 -49.64 0.05 -6.76
N LYS B 28 -50.34 0.95 -6.07
CA LYS B 28 -51.53 0.55 -5.33
C LYS B 28 -52.63 0.07 -6.26
N LEU B 29 -52.81 0.73 -7.41
CA LEU B 29 -53.84 0.26 -8.34
C LEU B 29 -53.57 -1.16 -8.80
N ARG B 30 -52.30 -1.50 -9.05
CA ARG B 30 -51.97 -2.84 -9.48
C ARG B 30 -51.83 -3.80 -8.30
N ASP B 31 -51.88 -3.30 -7.08
CA ASP B 31 -51.74 -4.13 -5.88
C ASP B 31 -50.46 -4.97 -5.93
N GLU B 32 -49.33 -4.28 -6.01
CA GLU B 32 -48.04 -4.96 -6.06
C GLU B 32 -47.00 -4.10 -5.35
N ALA B 33 -45.87 -4.72 -5.03
CA ALA B 33 -44.80 -4.03 -4.32
C ALA B 33 -44.20 -2.90 -5.14
N LEU B 34 -43.81 -1.82 -4.45
CA LEU B 34 -43.16 -0.70 -5.10
C LEU B 34 -41.78 -1.09 -5.58
N ASP B 35 -41.37 -0.50 -6.71
CA ASP B 35 -40.06 -0.75 -7.26
C ASP B 35 -38.97 -0.23 -6.31
N HIS B 36 -37.76 -0.77 -6.46
CA HIS B 36 -36.66 -0.41 -5.57
C HIS B 36 -36.26 1.06 -5.76
N THR B 37 -35.99 1.74 -4.64
CA THR B 37 -35.73 3.17 -4.63
C THR B 37 -34.37 3.51 -4.03
N LEU B 38 -33.62 4.39 -4.69
CA LEU B 38 -32.34 4.90 -4.18
C LEU B 38 -32.45 6.40 -3.94
N LEU B 39 -32.17 6.83 -2.72
CA LEU B 39 -32.19 8.23 -2.34
C LEU B 39 -30.76 8.70 -2.09
N PHE B 40 -30.33 9.77 -2.77
CA PHE B 40 -28.97 10.25 -2.62
C PHE B 40 -28.90 11.76 -2.76
N GLY B 41 -27.79 12.33 -2.26
CA GLY B 41 -27.58 13.76 -2.26
C GLY B 41 -26.94 14.30 -0.99
N PRO B 42 -26.79 15.63 -0.93
CA PRO B 42 -26.07 16.27 0.20
C PRO B 42 -26.65 15.97 1.57
N PRO B 43 -25.88 16.28 2.62
CA PRO B 43 -26.32 16.02 4.00
C PRO B 43 -27.45 16.92 4.49
N GLY B 44 -28.39 16.32 5.20
CA GLY B 44 -29.47 17.05 5.84
C GLY B 44 -30.60 17.52 4.97
N LEU B 45 -30.72 17.00 3.77
CA LEU B 45 -31.79 17.43 2.87
C LEU B 45 -33.07 16.62 3.00
N GLY B 46 -33.09 15.55 3.78
CA GLY B 46 -34.30 14.78 3.99
C GLY B 46 -34.33 13.36 3.45
N LYS B 47 -33.18 12.75 3.20
CA LYS B 47 -33.17 11.39 2.65
C LYS B 47 -33.75 10.39 3.63
N THR B 48 -33.25 10.36 4.88
CA THR B 48 -33.78 9.44 5.86
C THR B 48 -35.25 9.71 6.15
N THR B 49 -35.63 10.97 6.26
CA THR B 49 -37.02 11.32 6.53
C THR B 49 -37.95 10.77 5.45
N MET B 50 -37.55 10.91 4.18
CA MET B 50 -38.38 10.41 3.09
C MET B 50 -38.55 8.90 3.14
N ALA B 51 -37.55 8.16 3.60
CA ALA B 51 -37.70 6.71 3.66
C ALA B 51 -38.85 6.30 4.56
N PHE B 52 -39.00 6.96 5.71
CA PHE B 52 -40.12 6.63 6.59
C PHE B 52 -41.46 7.07 5.99
N VAL B 53 -41.47 8.21 5.31
CA VAL B 53 -42.70 8.69 4.68
C VAL B 53 -43.20 7.68 3.64
N ILE B 54 -42.29 7.13 2.84
CA ILE B 54 -42.68 6.14 1.84
C ILE B 54 -43.37 4.95 2.48
N ALA B 55 -42.84 4.46 3.59
CA ALA B 55 -43.46 3.32 4.27
C ALA B 55 -44.85 3.66 4.79
N ASN B 56 -45.03 4.85 5.35
CA ASN B 56 -46.36 5.23 5.85
C ASN B 56 -47.36 5.38 4.71
N GLU B 57 -46.94 5.95 3.59
CA GLU B 57 -47.85 6.10 2.45
C GLU B 57 -48.21 4.75 1.86
N MET B 58 -47.27 3.81 1.81
CA MET B 58 -47.56 2.48 1.32
C MET B 58 -48.37 1.67 2.31
N GLY B 59 -48.34 2.03 3.59
CA GLY B 59 -49.08 1.31 4.60
C GLY B 59 -48.49 -0.03 5.00
N VAL B 60 -47.17 -0.10 5.20
CA VAL B 60 -46.50 -1.34 5.58
C VAL B 60 -45.46 -1.03 6.64
N ASN B 61 -45.05 -2.06 7.37
CA ASN B 61 -44.00 -1.92 8.37
C ASN B 61 -42.65 -1.79 7.69
N LEU B 62 -41.77 -1.03 8.33
CA LEU B 62 -40.43 -0.77 7.80
C LEU B 62 -39.40 -1.50 8.64
N LYS B 63 -38.59 -2.34 8.00
CA LYS B 63 -37.52 -3.06 8.65
C LYS B 63 -36.24 -2.28 8.37
N GLN B 64 -35.55 -1.86 9.42
CA GLN B 64 -34.40 -0.98 9.30
C GLN B 64 -33.12 -1.64 9.76
N THR B 65 -32.04 -1.33 9.05
CA THR B 65 -30.69 -1.78 9.35
C THR B 65 -29.74 -0.76 8.73
N SER B 66 -28.43 -1.01 8.84
CA SER B 66 -27.47 -0.08 8.26
C SER B 66 -26.25 -0.81 7.74
N GLY B 67 -25.60 -0.19 6.75
CA GLY B 67 -24.43 -0.74 6.12
C GLY B 67 -23.32 -1.15 7.06
N PRO B 68 -22.96 -0.27 8.00
CA PRO B 68 -21.92 -0.62 8.96
C PRO B 68 -22.25 -1.81 9.83
N ALA B 69 -23.52 -2.15 10.00
CA ALA B 69 -23.91 -3.29 10.82
C ALA B 69 -23.83 -4.60 10.06
N ILE B 70 -23.85 -4.56 8.72
CA ILE B 70 -23.76 -5.77 7.92
C ILE B 70 -22.30 -5.97 7.58
N GLU B 71 -21.71 -7.05 8.10
CA GLU B 71 -20.29 -7.30 7.94
C GLU B 71 -19.96 -8.60 7.23
N LYS B 72 -20.88 -9.55 7.15
CA LYS B 72 -20.62 -10.81 6.44
C LYS B 72 -21.90 -11.26 5.78
N ALA B 73 -21.73 -12.08 4.73
CA ALA B 73 -22.88 -12.58 3.98
C ALA B 73 -23.90 -13.27 4.87
N GLY B 74 -23.46 -13.90 5.95
CA GLY B 74 -24.41 -14.54 6.84
C GLY B 74 -25.40 -13.58 7.45
N ASP B 75 -24.98 -12.32 7.67
CA ASP B 75 -25.87 -11.32 8.24
C ASP B 75 -26.97 -10.94 7.25
N LEU B 76 -26.59 -10.66 6.00
CA LEU B 76 -27.59 -10.28 5.01
C LEU B 76 -28.55 -11.42 4.70
N VAL B 77 -28.04 -12.64 4.59
CA VAL B 77 -28.92 -13.79 4.33
C VAL B 77 -29.97 -13.91 5.44
N ALA B 78 -29.55 -13.75 6.70
CA ALA B 78 -30.50 -13.86 7.80
C ALA B 78 -31.59 -12.79 7.73
N ILE B 79 -31.21 -11.56 7.41
CA ILE B 79 -32.22 -10.49 7.30
C ILE B 79 -33.20 -10.79 6.17
N LEU B 80 -32.68 -11.15 5.00
CA LEU B 80 -33.56 -11.48 3.88
C LEU B 80 -34.48 -12.64 4.22
N ASN B 81 -33.98 -13.59 4.99
CA ASN B 81 -34.78 -14.75 5.37
C ASN B 81 -35.94 -14.39 6.28
N ASP B 82 -35.90 -13.24 6.95
CA ASP B 82 -36.97 -12.80 7.84
C ASP B 82 -37.99 -11.90 7.16
N LEU B 83 -37.91 -11.69 5.85
CA LEU B 83 -38.87 -10.86 5.16
C LEU B 83 -40.22 -11.55 4.97
N GLU B 84 -41.27 -10.74 4.93
CA GLU B 84 -42.63 -11.15 4.69
C GLU B 84 -43.18 -10.42 3.48
N PRO B 85 -44.19 -10.98 2.82
CA PRO B 85 -44.73 -10.33 1.61
C PRO B 85 -45.10 -8.87 1.82
N GLY B 86 -44.58 -8.02 0.92
CA GLY B 86 -44.82 -6.60 0.95
C GLY B 86 -43.95 -5.80 1.90
N ASP B 87 -43.08 -6.43 2.67
CA ASP B 87 -42.22 -5.70 3.57
C ASP B 87 -41.31 -4.76 2.81
N ILE B 88 -40.87 -3.69 3.48
CA ILE B 88 -39.91 -2.74 2.95
C ILE B 88 -38.66 -2.83 3.82
N LEU B 89 -37.52 -3.02 3.17
CA LEU B 89 -36.22 -3.09 3.84
C LEU B 89 -35.48 -1.79 3.56
N PHE B 90 -35.09 -1.08 4.61
CA PHE B 90 -34.37 0.18 4.49
C PHE B 90 -32.95 0.00 5.03
N ILE B 91 -31.95 0.25 4.19
CA ILE B 91 -30.54 0.17 4.56
C ILE B 91 -29.93 1.56 4.44
N ASP B 92 -29.52 2.14 5.56
CA ASP B 92 -28.87 3.43 5.56
C ASP B 92 -27.36 3.27 5.39
N GLU B 93 -26.72 4.27 4.77
CA GLU B 93 -25.28 4.21 4.49
C GLU B 93 -24.94 2.94 3.72
N ILE B 94 -25.77 2.63 2.72
CA ILE B 94 -25.62 1.43 1.92
C ILE B 94 -24.27 1.29 1.25
N HIS B 95 -23.51 2.37 1.10
CA HIS B 95 -22.19 2.29 0.49
C HIS B 95 -21.14 1.59 1.35
N ARG B 96 -21.38 1.38 2.64
CA ARG B 96 -20.38 0.72 3.47
C ARG B 96 -20.38 -0.80 3.37
N MET B 97 -21.39 -1.42 2.80
CA MET B 97 -21.39 -2.88 2.69
C MET B 97 -20.16 -3.34 1.93
N PRO B 98 -19.54 -4.45 2.35
CA PRO B 98 -18.39 -4.96 1.59
C PRO B 98 -18.79 -5.36 0.18
N MET B 99 -17.86 -5.21 -0.76
CA MET B 99 -18.16 -5.54 -2.14
C MET B 99 -18.54 -7.00 -2.30
N ALA B 100 -17.97 -7.89 -1.49
CA ALA B 100 -18.33 -9.30 -1.56
C ALA B 100 -19.75 -9.56 -1.08
N VAL B 101 -20.34 -8.62 -0.34
CA VAL B 101 -21.71 -8.76 0.14
C VAL B 101 -22.71 -8.13 -0.83
N GLU B 102 -22.36 -7.01 -1.47
CA GLU B 102 -23.25 -6.42 -2.45
C GLU B 102 -23.62 -7.41 -3.55
N GLU B 103 -22.66 -8.23 -4.00
CA GLU B 103 -22.94 -9.17 -5.07
C GLU B 103 -23.98 -10.21 -4.70
N VAL B 104 -24.35 -10.32 -3.43
CA VAL B 104 -25.43 -11.23 -3.07
C VAL B 104 -26.78 -10.64 -3.45
N LEU B 105 -26.90 -9.32 -3.41
CA LEU B 105 -28.15 -8.65 -3.75
C LEU B 105 -28.47 -8.69 -5.23
N TYR B 106 -27.49 -8.93 -6.09
CA TYR B 106 -27.74 -8.88 -7.54
C TYR B 106 -28.91 -9.76 -7.95
N SER B 107 -28.92 -11.02 -7.55
CA SER B 107 -30.04 -11.90 -7.90
C SER B 107 -31.26 -11.66 -7.02
N ALA B 108 -31.07 -11.25 -5.78
CA ALA B 108 -32.20 -10.99 -4.90
C ALA B 108 -33.08 -9.88 -5.43
N MET B 109 -32.48 -8.79 -5.91
CA MET B 109 -33.24 -7.66 -6.41
C MET B 109 -33.92 -7.94 -7.75
N GLU B 110 -33.23 -8.62 -8.67
CA GLU B 110 -33.83 -8.88 -9.97
C GLU B 110 -34.72 -10.11 -10.00
N ASP B 111 -34.32 -11.21 -9.34
CA ASP B 111 -35.08 -12.45 -9.44
C ASP B 111 -35.69 -12.95 -8.15
N TYR B 112 -35.49 -12.26 -7.03
CA TYR B 112 -36.07 -12.66 -5.76
C TYR B 112 -35.60 -14.03 -5.27
N TYR B 113 -34.35 -14.40 -5.53
CA TYR B 113 -33.83 -15.63 -4.98
C TYR B 113 -32.34 -15.47 -4.74
N ILE B 114 -31.80 -16.30 -3.85
CA ILE B 114 -30.38 -16.36 -3.59
C ILE B 114 -29.95 -17.82 -3.51
N ASP B 115 -28.70 -18.07 -3.87
CA ASP B 115 -28.14 -19.42 -3.85
C ASP B 115 -27.29 -19.59 -2.61
N ILE B 116 -27.57 -20.63 -1.84
CA ILE B 116 -26.91 -20.89 -0.57
C ILE B 116 -26.36 -22.30 -0.56
N MET B 117 -25.23 -22.48 0.11
CA MET B 117 -24.65 -23.79 0.29
C MET B 117 -25.19 -24.37 1.59
N ILE B 118 -25.61 -25.64 1.55
CA ILE B 118 -26.19 -26.30 2.70
C ILE B 118 -25.61 -27.72 2.79
N GLY B 119 -25.71 -28.29 3.99
CA GLY B 119 -25.18 -29.62 4.24
C GLY B 119 -23.68 -29.64 4.45
N ALA B 120 -23.14 -30.85 4.54
CA ALA B 120 -21.71 -31.03 4.74
C ALA B 120 -21.23 -32.31 4.06
N GLY B 121 -19.97 -32.30 3.64
CA GLY B 121 -19.40 -33.44 2.95
C GLY B 121 -20.26 -33.90 1.79
N GLU B 122 -20.56 -35.19 1.75
CA GLU B 122 -21.41 -35.74 0.70
C GLU B 122 -22.81 -35.18 0.75
N THR B 123 -23.20 -34.55 1.85
CA THR B 123 -24.51 -33.92 1.98
C THR B 123 -24.51 -32.45 1.58
N SER B 124 -23.36 -31.87 1.27
CA SER B 124 -23.32 -30.45 0.90
C SER B 124 -24.09 -30.23 -0.39
N ARG B 125 -24.87 -29.15 -0.43
CA ARG B 125 -25.67 -28.85 -1.61
C ARG B 125 -25.86 -27.34 -1.77
N SER B 126 -26.14 -26.96 -3.01
CA SER B 126 -26.51 -25.60 -3.37
C SER B 126 -28.00 -25.58 -3.64
N VAL B 127 -28.73 -24.69 -2.99
CA VAL B 127 -30.17 -24.63 -3.12
C VAL B 127 -30.62 -23.19 -3.31
N HIS B 128 -31.68 -23.02 -4.10
CA HIS B 128 -32.28 -21.70 -4.29
C HIS B 128 -33.20 -21.37 -3.13
N LEU B 129 -32.96 -20.24 -2.50
CA LEU B 129 -33.83 -19.72 -1.46
C LEU B 129 -34.68 -18.65 -2.13
N ASP B 130 -35.99 -18.85 -2.15
CA ASP B 130 -36.90 -17.96 -2.86
C ASP B 130 -37.46 -16.93 -1.90
N LEU B 131 -37.43 -15.66 -2.31
CA LEU B 131 -37.85 -14.51 -1.53
C LEU B 131 -39.23 -14.01 -1.95
N PRO B 132 -40.04 -13.55 -1.00
CA PRO B 132 -41.35 -12.97 -1.35
C PRO B 132 -41.18 -11.58 -1.94
N PRO B 133 -42.22 -11.02 -2.54
CA PRO B 133 -42.12 -9.65 -3.08
C PRO B 133 -41.79 -8.65 -2.00
N PHE B 134 -40.82 -7.77 -2.28
CA PHE B 134 -40.39 -6.79 -1.30
C PHE B 134 -39.78 -5.60 -2.01
N THR B 135 -39.67 -4.49 -1.28
CA THR B 135 -39.08 -3.25 -1.77
C THR B 135 -37.85 -2.90 -0.97
N LEU B 136 -36.72 -2.72 -1.64
CA LEU B 136 -35.49 -2.28 -1.00
C LEU B 136 -35.33 -0.78 -1.19
N VAL B 137 -35.09 -0.07 -0.09
CA VAL B 137 -34.86 1.37 -0.10
C VAL B 137 -33.47 1.63 0.45
N GLY B 138 -32.67 2.38 -0.28
CA GLY B 138 -31.32 2.73 0.14
C GLY B 138 -31.10 4.22 0.14
N ALA B 139 -30.32 4.70 1.10
CA ALA B 139 -29.99 6.12 1.20
C ALA B 139 -28.48 6.24 1.34
N THR B 140 -27.87 7.12 0.54
CA THR B 140 -26.44 7.30 0.61
C THR B 140 -26.05 8.68 0.13
N THR B 141 -24.97 9.21 0.69
CA THR B 141 -24.39 10.47 0.26
C THR B 141 -23.32 10.28 -0.80
N ARG B 142 -22.77 9.09 -0.95
CA ARG B 142 -21.69 8.79 -1.87
C ARG B 142 -22.16 7.75 -2.88
N ALA B 143 -23.10 8.14 -3.75
CA ALA B 143 -23.65 7.22 -4.74
C ALA B 143 -22.55 6.61 -5.62
N GLY B 144 -21.54 7.39 -5.97
CA GLY B 144 -20.47 6.91 -6.82
C GLY B 144 -19.66 5.77 -6.23
N MET B 145 -19.81 5.50 -4.93
CA MET B 145 -19.10 4.40 -4.31
C MET B 145 -19.78 3.05 -4.55
N LEU B 146 -21.03 3.04 -4.97
CA LEU B 146 -21.74 1.82 -5.28
C LEU B 146 -21.31 1.25 -6.64
N SER B 147 -21.29 -0.07 -6.73
CA SER B 147 -20.89 -0.76 -7.95
C SER B 147 -21.88 -0.49 -9.09
N ASN B 148 -21.35 -0.47 -10.31
CA ASN B 148 -22.20 -0.24 -11.48
C ASN B 148 -23.35 -1.21 -11.62
N PRO B 149 -23.18 -2.52 -11.40
CA PRO B 149 -24.33 -3.42 -11.51
C PRO B 149 -25.39 -3.23 -10.45
N LEU B 150 -25.06 -2.65 -9.30
CA LEU B 150 -26.07 -2.42 -8.27
C LEU B 150 -26.92 -1.21 -8.57
N ARG B 151 -26.31 -0.07 -8.90
CA ARG B 151 -27.10 1.10 -9.21
C ARG B 151 -28.06 0.84 -10.36
N ALA B 152 -27.66 0.00 -11.32
CA ALA B 152 -28.54 -0.31 -12.45
C ALA B 152 -29.78 -1.07 -12.05
N ARG B 153 -29.80 -1.70 -10.88
CA ARG B 153 -30.96 -2.47 -10.46
C ARG B 153 -32.02 -1.63 -9.76
N PHE B 154 -31.67 -0.46 -9.23
CA PHE B 154 -32.67 0.41 -8.62
C PHE B 154 -33.57 1.00 -9.70
N GLY B 155 -34.88 0.82 -9.55
CA GLY B 155 -35.82 1.30 -10.55
C GLY B 155 -36.22 2.74 -10.41
N ILE B 156 -36.03 3.34 -9.24
CA ILE B 156 -36.38 4.74 -9.00
C ILE B 156 -35.18 5.43 -8.37
N ASN B 157 -34.79 6.58 -8.93
CA ASN B 157 -33.67 7.35 -8.45
C ASN B 157 -34.15 8.73 -8.01
N GLY B 158 -33.88 9.07 -6.76
CA GLY B 158 -34.27 10.35 -6.20
C GLY B 158 -33.07 11.18 -5.79
N HIS B 159 -32.79 12.26 -6.52
CA HIS B 159 -31.69 13.15 -6.22
C HIS B 159 -32.26 14.37 -5.49
N MET B 160 -31.81 14.59 -4.26
CA MET B 160 -32.31 15.68 -3.43
C MET B 160 -31.68 17.02 -3.80
N GLU B 161 -32.48 18.08 -3.72
CA GLU B 161 -32.06 19.44 -4.04
C GLU B 161 -32.22 20.34 -2.82
N TYR B 162 -31.47 21.45 -2.82
CA TYR B 162 -31.56 22.43 -1.75
C TYR B 162 -32.90 23.15 -1.73
N TYR B 163 -33.30 23.59 -0.54
CA TYR B 163 -34.56 24.29 -0.33
C TYR B 163 -34.41 25.79 -0.63
N GLU B 164 -35.53 26.50 -0.60
CA GLU B 164 -35.58 27.94 -0.87
C GLU B 164 -36.16 28.70 0.31
N LEU B 165 -35.92 30.01 0.32
CA LEU B 165 -36.35 30.86 1.43
C LEU B 165 -37.81 30.71 1.83
N PRO B 166 -38.78 30.62 0.91
CA PRO B 166 -40.16 30.42 1.37
C PRO B 166 -40.37 29.13 2.12
N ASP B 167 -39.75 28.05 1.66
CA ASP B 167 -39.89 26.75 2.32
C ASP B 167 -39.15 26.73 3.65
N LEU B 168 -37.94 27.25 3.70
CA LEU B 168 -37.21 27.29 4.97
C LEU B 168 -37.92 28.13 6.00
N THR B 169 -38.60 29.20 5.59
CA THR B 169 -39.36 29.99 6.55
C THR B 169 -40.50 29.17 7.14
N GLU B 170 -41.21 28.42 6.31
CA GLU B 170 -42.30 27.59 6.80
C GLU B 170 -41.79 26.49 7.71
N ILE B 171 -40.62 25.93 7.42
CA ILE B 171 -40.03 24.90 8.27
C ILE B 171 -39.69 25.47 9.64
N VAL B 172 -39.07 26.65 9.68
CA VAL B 172 -38.74 27.26 10.97
C VAL B 172 -40.00 27.51 11.77
N GLU B 173 -41.05 28.01 11.13
CA GLU B 173 -42.30 28.25 11.84
C GLU B 173 -42.87 26.95 12.41
N ARG B 174 -42.79 25.86 11.64
CA ARG B 174 -43.27 24.57 12.13
C ARG B 174 -42.48 24.12 13.35
N THR B 175 -41.15 24.16 13.27
CA THR B 175 -40.32 23.76 14.41
C THR B 175 -40.61 24.61 15.63
N SER B 176 -40.88 25.90 15.41
CA SER B 176 -41.20 26.80 16.50
C SER B 176 -42.48 26.41 17.23
N GLU B 177 -43.27 25.49 16.68
CA GLU B 177 -44.46 25.02 17.36
C GLU B 177 -44.23 23.71 18.11
N ILE B 178 -43.19 22.97 17.76
CA ILE B 178 -42.88 21.75 18.51
C ILE B 178 -42.41 22.16 19.88
N PHE B 179 -41.42 23.04 19.91
CA PHE B 179 -41.04 23.69 21.15
C PHE B 179 -42.09 24.76 21.38
N GLU B 180 -42.31 25.15 22.62
CA GLU B 180 -43.29 26.20 22.87
C GLU B 180 -42.59 27.54 22.75
N MET B 181 -42.55 28.07 21.52
CA MET B 181 -41.90 29.34 21.24
C MET B 181 -42.75 30.15 20.27
N THR B 182 -42.98 31.42 20.61
CA THR B 182 -43.66 32.34 19.73
C THR B 182 -42.59 33.05 18.91
N ILE B 183 -42.74 33.06 17.59
CA ILE B 183 -41.77 33.71 16.72
C ILE B 183 -42.49 34.58 15.71
N THR B 184 -42.00 35.79 15.52
CA THR B 184 -42.57 36.71 14.55
C THR B 184 -42.16 36.29 13.14
N PRO B 185 -43.05 36.41 12.15
CA PRO B 185 -42.68 36.00 10.79
C PRO B 185 -41.42 36.67 10.26
N GLU B 186 -41.17 37.92 10.65
CA GLU B 186 -39.96 38.60 10.21
C GLU B 186 -38.70 37.95 10.79
N ALA B 187 -38.77 37.49 12.03
CA ALA B 187 -37.63 36.81 12.62
C ALA B 187 -37.43 35.43 12.00
N ALA B 188 -38.53 34.74 11.68
CA ALA B 188 -38.40 33.45 11.03
C ALA B 188 -37.71 33.59 9.69
N LEU B 189 -38.07 34.62 8.92
CA LEU B 189 -37.41 34.86 7.64
C LEU B 189 -35.96 35.25 7.81
N GLU B 190 -35.63 35.97 8.88
CA GLU B 190 -34.23 36.34 9.11
C GLU B 190 -33.34 35.12 9.35
N LEU B 191 -33.84 34.11 10.06
CA LEU B 191 -33.06 32.89 10.26
C LEU B 191 -32.98 32.04 9.00
N ALA B 192 -34.11 31.89 8.30
CA ALA B 192 -34.13 31.08 7.09
C ALA B 192 -33.08 31.52 6.08
N ARG B 193 -32.95 32.82 5.86
CA ARG B 193 -31.99 33.33 4.90
C ARG B 193 -30.54 33.02 5.29
N ARG B 194 -30.27 32.72 6.56
CA ARG B 194 -28.92 32.40 7.01
C ARG B 194 -28.66 30.91 7.13
N SER B 195 -29.62 30.05 6.79
CA SER B 195 -29.50 28.62 6.98
C SER B 195 -28.82 27.89 5.81
N ARG B 196 -28.21 28.60 4.88
CA ARG B 196 -27.51 27.98 3.76
C ARG B 196 -28.36 27.00 2.97
N GLY B 197 -29.68 27.06 3.06
CA GLY B 197 -30.51 26.16 2.30
C GLY B 197 -30.72 24.77 2.89
N THR B 198 -30.29 24.52 4.11
CA THR B 198 -30.38 23.18 4.70
C THR B 198 -31.34 23.17 5.88
N PRO B 199 -32.35 22.30 5.90
CA PRO B 199 -33.26 22.28 7.05
C PRO B 199 -32.59 22.03 8.39
N ARG B 200 -31.61 21.13 8.46
CA ARG B 200 -30.92 20.88 9.72
C ARG B 200 -30.23 22.13 10.25
N ILE B 201 -29.71 22.98 9.37
CA ILE B 201 -29.07 24.20 9.84
C ILE B 201 -30.11 25.17 10.38
N ALA B 202 -31.28 25.23 9.74
CA ALA B 202 -32.33 26.11 10.24
C ALA B 202 -32.74 25.73 11.66
N ASN B 203 -32.90 24.44 11.94
CA ASN B 203 -33.24 24.01 13.28
C ASN B 203 -32.14 24.32 14.28
N ARG B 204 -30.87 24.16 13.89
CA ARG B 204 -29.78 24.47 14.83
C ARG B 204 -29.76 25.95 15.20
N LEU B 205 -29.93 26.84 14.23
CA LEU B 205 -29.97 28.27 14.56
C LEU B 205 -31.12 28.58 15.50
N LEU B 206 -32.30 28.02 15.23
CA LEU B 206 -33.44 28.27 16.10
C LEU B 206 -33.16 27.83 17.54
N LYS B 207 -32.55 26.66 17.71
CA LYS B 207 -32.22 26.20 19.06
C LYS B 207 -31.28 27.14 19.78
N ARG B 208 -30.26 27.65 19.08
CA ARG B 208 -29.32 28.57 19.71
C ARG B 208 -29.97 29.90 20.05
N VAL B 209 -30.84 30.40 19.17
CA VAL B 209 -31.56 31.65 19.47
C VAL B 209 -32.53 31.45 20.63
N ARG B 210 -33.18 30.30 20.69
CA ARG B 210 -34.08 30.02 21.81
C ARG B 210 -33.34 30.09 23.15
N ASP B 211 -32.16 29.48 23.23
CA ASP B 211 -31.40 29.54 24.47
C ASP B 211 -31.12 30.97 24.88
N TYR B 212 -30.69 31.80 23.94
CA TYR B 212 -30.44 33.21 24.24
C TYR B 212 -31.72 33.93 24.62
N ALA B 213 -32.79 33.72 23.85
CA ALA B 213 -34.05 34.41 24.10
C ALA B 213 -34.61 34.15 25.49
N GLN B 214 -34.34 32.99 26.09
CA GLN B 214 -34.87 32.69 27.42
C GLN B 214 -33.88 32.93 28.54
N ILE B 215 -32.65 33.36 28.23
CA ILE B 215 -31.64 33.69 29.23
C ILE B 215 -31.35 35.18 29.23
N MET B 216 -31.19 35.76 28.05
CA MET B 216 -30.89 37.17 27.87
C MET B 216 -32.12 37.98 27.49
N GLY B 217 -33.28 37.34 27.41
CA GLY B 217 -34.51 38.01 27.02
C GLY B 217 -35.70 37.57 27.84
N ASP B 218 -36.90 37.87 27.35
CA ASP B 218 -38.15 37.54 28.03
C ASP B 218 -38.73 36.19 27.61
N GLY B 219 -38.02 35.42 26.79
CA GLY B 219 -38.54 34.15 26.34
C GLY B 219 -39.38 34.24 25.08
N VAL B 220 -39.32 35.34 24.36
CA VAL B 220 -40.06 35.54 23.12
C VAL B 220 -39.06 35.92 22.05
N ILE B 221 -39.25 35.41 20.84
CA ILE B 221 -38.34 35.70 19.74
C ILE B 221 -38.98 36.79 18.88
N ASP B 222 -38.36 37.96 18.88
CA ASP B 222 -38.81 39.12 18.13
C ASP B 222 -37.62 39.73 17.41
N ASP B 223 -37.91 40.64 16.47
CA ASP B 223 -36.86 41.27 15.69
C ASP B 223 -35.72 41.79 16.55
N LYS B 224 -36.04 42.31 17.74
CA LYS B 224 -34.99 42.82 18.62
C LYS B 224 -34.14 41.70 19.19
N ILE B 225 -34.75 40.60 19.60
CA ILE B 225 -34.01 39.49 20.17
C ILE B 225 -33.25 38.73 19.09
N ALA B 226 -33.89 38.49 17.95
CA ALA B 226 -33.22 37.76 16.87
C ALA B 226 -31.95 38.48 16.42
N ASP B 227 -32.04 39.80 16.23
CA ASP B 227 -30.86 40.56 15.81
C ASP B 227 -29.73 40.48 16.84
N GLN B 228 -30.07 40.54 18.12
CA GLN B 228 -29.04 40.46 19.15
C GLN B 228 -28.39 39.09 19.20
N ALA B 229 -29.21 38.03 19.17
CA ALA B 229 -28.67 36.67 19.21
C ALA B 229 -27.76 36.38 18.03
N LEU B 230 -28.16 36.79 16.83
CA LEU B 230 -27.34 36.56 15.65
C LEU B 230 -26.05 37.35 15.69
N THR B 231 -26.04 38.50 16.38
CA THR B 231 -24.79 39.24 16.52
C THR B 231 -23.84 38.50 17.44
N MET B 232 -24.35 37.85 18.49
CA MET B 232 -23.49 37.08 19.36
C MET B 232 -22.90 35.88 18.62
N LEU B 233 -23.73 35.18 17.83
CA LEU B 233 -23.23 34.06 17.05
C LEU B 233 -22.32 34.52 15.93
N ASP B 234 -22.39 35.80 15.54
CA ASP B 234 -21.54 36.36 14.50
C ASP B 234 -21.73 35.70 13.14
N VAL B 235 -22.99 35.55 12.73
CA VAL B 235 -23.32 34.97 11.43
C VAL B 235 -23.90 36.10 10.58
N ASP B 236 -23.20 36.43 9.51
CA ASP B 236 -23.61 37.51 8.62
C ASP B 236 -25.01 37.27 8.04
N HIS B 237 -25.62 38.37 7.59
CA HIS B 237 -26.93 38.28 6.94
C HIS B 237 -26.91 37.43 5.68
N GLU B 238 -25.75 37.10 5.14
CA GLU B 238 -25.61 36.19 4.02
C GLU B 238 -25.23 34.79 4.46
N GLY B 239 -25.09 34.56 5.77
CA GLY B 239 -24.72 33.26 6.29
C GLY B 239 -23.24 33.03 6.41
N LEU B 240 -22.41 34.06 6.20
CA LEU B 240 -20.97 33.92 6.30
C LEU B 240 -20.55 33.92 7.76
N ASP B 241 -19.81 32.89 8.15
CA ASP B 241 -19.30 32.79 9.50
C ASP B 241 -18.17 33.81 9.72
N TYR B 242 -17.68 33.86 10.95
CA TYR B 242 -16.57 34.76 11.27
C TYR B 242 -15.36 34.50 10.39
N VAL B 243 -15.00 33.23 10.19
CA VAL B 243 -13.85 32.91 9.35
C VAL B 243 -14.12 33.18 7.88
N ASP B 244 -15.36 32.97 7.42
CA ASP B 244 -15.69 33.26 6.04
C ASP B 244 -15.44 34.73 5.71
N GLN B 245 -15.83 35.62 6.60
CA GLN B 245 -15.59 37.04 6.39
C GLN B 245 -14.10 37.36 6.39
N LYS B 246 -13.34 36.74 7.29
CA LYS B 246 -11.90 36.98 7.36
C LYS B 246 -11.20 36.59 6.06
N ILE B 247 -11.65 35.53 5.39
CA ILE B 247 -11.06 35.14 4.11
C ILE B 247 -11.23 36.24 3.08
N LEU B 248 -12.47 36.69 2.86
CA LEU B 248 -12.71 37.73 1.86
C LEU B 248 -11.98 39.03 2.19
N ARG B 249 -12.01 39.45 3.45
CA ARG B 249 -11.30 40.67 3.82
C ARG B 249 -9.82 40.59 3.49
N THR B 250 -9.17 39.46 3.80
CA THR B 250 -7.75 39.32 3.49
C THR B 250 -7.48 39.34 2.00
N MET B 251 -8.30 38.64 1.21
CA MET B 251 -8.11 38.62 -0.23
C MET B 251 -8.28 39.99 -0.86
N ILE B 252 -9.25 40.76 -0.38
CA ILE B 252 -9.53 42.07 -0.95
C ILE B 252 -8.53 43.12 -0.50
N GLU B 253 -8.06 43.07 0.74
CA GLU B 253 -7.18 44.10 1.25
C GLU B 253 -5.68 43.85 1.04
N MET B 254 -5.20 42.61 1.10
CA MET B 254 -3.77 42.37 0.94
C MET B 254 -3.36 41.98 -0.47
N TYR B 255 -4.20 41.25 -1.20
CA TYR B 255 -3.88 40.78 -2.54
C TYR B 255 -4.68 41.49 -3.61
N GLY B 256 -5.38 42.56 -3.27
CA GLY B 256 -6.15 43.30 -4.26
C GLY B 256 -7.15 42.45 -5.02
N GLY B 257 -7.61 41.36 -4.43
CA GLY B 257 -8.56 40.47 -5.08
C GLY B 257 -7.98 39.23 -5.71
N GLY B 258 -6.67 39.04 -5.69
CA GLY B 258 -6.08 37.87 -6.31
C GLY B 258 -5.60 38.15 -7.71
N PRO B 259 -5.22 37.11 -8.45
CA PRO B 259 -5.24 35.69 -8.07
C PRO B 259 -4.27 35.35 -6.95
N VAL B 260 -4.66 34.42 -6.08
CA VAL B 260 -3.83 33.97 -4.96
C VAL B 260 -4.03 32.48 -4.79
N GLY B 261 -2.95 31.80 -4.42
CA GLY B 261 -3.01 30.37 -4.21
C GLY B 261 -3.57 30.01 -2.86
N LEU B 262 -4.13 28.81 -2.77
CA LEU B 262 -4.72 28.36 -1.52
C LEU B 262 -3.69 28.32 -0.40
N GLY B 263 -2.47 27.89 -0.70
CA GLY B 263 -1.44 27.84 0.32
C GLY B 263 -1.12 29.20 0.89
N THR B 264 -0.92 30.18 0.00
CA THR B 264 -0.61 31.53 0.46
C THR B 264 -1.74 32.11 1.31
N LEU B 265 -2.99 31.91 0.89
CA LEU B 265 -4.13 32.43 1.63
C LEU B 265 -4.29 31.76 2.99
N SER B 266 -4.10 30.44 3.06
CA SER B 266 -4.28 29.73 4.33
C SER B 266 -3.33 30.22 5.41
N VAL B 267 -2.07 30.47 5.05
CA VAL B 267 -1.09 30.92 6.03
C VAL B 267 -1.46 32.28 6.60
N ASN B 268 -2.01 33.18 5.77
CA ASN B 268 -2.37 34.50 6.27
C ASN B 268 -3.48 34.48 7.31
N ILE B 269 -4.41 33.53 7.25
CA ILE B 269 -5.50 33.46 8.21
C ILE B 269 -5.19 32.50 9.36
N ALA B 270 -3.98 31.95 9.41
CA ALA B 270 -3.54 31.02 10.43
C ALA B 270 -4.31 29.71 10.44
N GLU B 271 -5.08 29.41 9.40
CA GLU B 271 -5.75 28.13 9.29
C GLU B 271 -4.85 27.17 8.53
N GLU B 272 -5.30 25.94 8.32
CA GLU B 272 -4.52 24.99 7.54
C GLU B 272 -5.23 24.67 6.24
N ARG B 273 -4.44 24.31 5.24
CA ARG B 273 -4.92 24.06 3.88
C ARG B 273 -6.11 23.12 3.82
N GLU B 274 -6.14 22.09 4.65
CA GLU B 274 -7.23 21.12 4.58
C GLU B 274 -8.56 21.70 5.04
N THR B 275 -8.57 22.47 6.12
CA THR B 275 -9.83 23.03 6.61
C THR B 275 -10.39 24.08 5.66
N VAL B 276 -9.53 24.93 5.10
CA VAL B 276 -10.00 25.97 4.19
C VAL B 276 -10.62 25.36 2.93
N GLU B 277 -9.99 24.33 2.38
CA GLU B 277 -10.52 23.71 1.16
C GLU B 277 -11.78 22.89 1.41
N ASP B 278 -11.86 22.19 2.54
CA ASP B 278 -13.00 21.32 2.80
C ASP B 278 -14.15 21.96 3.57
N MET B 279 -13.89 22.91 4.46
CA MET B 279 -14.97 23.52 5.23
C MET B 279 -15.51 24.82 4.66
N TYR B 280 -14.66 25.81 4.41
CA TYR B 280 -15.11 27.15 4.06
C TYR B 280 -15.23 27.42 2.56
N GLU B 281 -14.21 27.08 1.78
CA GLU B 281 -14.24 27.39 0.36
C GLU B 281 -15.47 26.89 -0.40
N PRO B 282 -15.99 25.68 -0.15
CA PRO B 282 -17.10 25.20 -0.99
C PRO B 282 -18.34 26.08 -1.01
N TYR B 283 -18.79 26.59 0.12
CA TYR B 283 -19.98 27.45 0.11
C TYR B 283 -19.72 28.78 -0.56
N LEU B 284 -18.53 29.34 -0.40
CA LEU B 284 -18.21 30.61 -1.05
C LEU B 284 -18.23 30.50 -2.56
N ILE B 285 -17.80 29.37 -3.10
CA ILE B 285 -17.82 29.17 -4.54
C ILE B 285 -19.24 28.98 -5.06
N GLN B 286 -19.99 28.07 -4.44
CA GLN B 286 -21.34 27.80 -4.92
C GLN B 286 -22.24 29.03 -4.86
N LYS B 287 -21.97 29.96 -3.96
CA LYS B 287 -22.77 31.17 -3.88
C LYS B 287 -22.19 32.34 -4.69
N GLY B 288 -21.07 32.13 -5.37
CA GLY B 288 -20.49 33.15 -6.23
C GLY B 288 -19.62 34.20 -5.60
N PHE B 289 -19.14 33.99 -4.37
CA PHE B 289 -18.25 34.98 -3.77
C PHE B 289 -16.81 34.81 -4.24
N ILE B 290 -16.41 33.60 -4.59
CA ILE B 290 -15.06 33.32 -5.06
C ILE B 290 -15.14 32.57 -6.39
N MET B 291 -14.13 32.80 -7.23
CA MET B 291 -14.00 32.15 -8.52
C MET B 291 -12.67 31.44 -8.56
N ARG B 292 -12.65 30.18 -8.98
CA ARG B 292 -11.42 29.42 -9.12
C ARG B 292 -10.93 29.50 -10.55
N THR B 293 -9.65 29.86 -10.72
CA THR B 293 -9.04 30.04 -12.03
C THR B 293 -7.68 29.36 -12.05
N ARG B 294 -7.12 29.23 -13.25
CA ARG B 294 -5.80 28.61 -13.38
C ARG B 294 -4.74 29.39 -12.62
N THR B 295 -4.95 30.68 -12.42
CA THR B 295 -3.98 31.51 -11.73
C THR B 295 -4.16 31.53 -10.21
N GLY B 296 -5.34 31.17 -9.72
CA GLY B 296 -5.61 31.17 -8.30
C GLY B 296 -7.04 31.60 -8.03
N ARG B 297 -7.35 31.81 -6.76
CA ARG B 297 -8.66 32.29 -6.35
C ARG B 297 -8.80 33.79 -6.61
N VAL B 298 -10.01 34.19 -6.99
CA VAL B 298 -10.31 35.59 -7.27
C VAL B 298 -11.64 35.95 -6.63
N ALA B 299 -11.73 37.13 -6.03
CA ALA B 299 -12.98 37.60 -5.46
C ALA B 299 -13.83 38.25 -6.53
N THR B 300 -15.09 37.84 -6.62
CA THR B 300 -15.98 38.36 -7.64
C THR B 300 -16.58 39.70 -7.23
N ALA B 301 -17.21 40.37 -8.20
CA ALA B 301 -17.86 41.65 -7.96
C ALA B 301 -18.89 41.56 -6.84
N LYS B 302 -19.55 40.42 -6.70
CA LYS B 302 -20.53 40.24 -5.64
C LYS B 302 -19.88 40.35 -4.25
N ALA B 303 -18.65 39.89 -4.10
CA ALA B 303 -17.96 39.97 -2.82
C ALA B 303 -17.60 41.41 -2.46
N TYR B 304 -17.23 42.22 -3.45
CA TYR B 304 -16.88 43.61 -3.18
C TYR B 304 -18.05 44.40 -2.62
N GLU B 305 -19.23 44.30 -3.23
CA GLU B 305 -20.36 45.06 -2.72
C GLU B 305 -20.88 44.53 -1.38
N HIS B 306 -20.62 43.25 -1.06
CA HIS B 306 -21.08 42.72 0.22
C HIS B 306 -20.22 43.20 1.38
N MET B 307 -18.91 43.22 1.21
CA MET B 307 -18.02 43.68 2.27
C MET B 307 -17.93 45.20 2.32
N GLY B 308 -18.45 45.91 1.33
CA GLY B 308 -18.45 47.36 1.34
C GLY B 308 -17.27 48.04 0.71
N TYR B 309 -16.48 47.35 -0.10
CA TYR B 309 -15.35 47.96 -0.77
C TYR B 309 -15.76 48.45 -2.16
N ASP B 310 -14.86 49.12 -2.85
CA ASP B 310 -15.10 49.63 -4.20
C ASP B 310 -14.42 48.74 -5.23
N TYR B 311 -15.19 48.29 -6.22
CA TYR B 311 -14.72 47.39 -7.27
C TYR B 311 -13.97 48.17 -8.35
N THR B 312 -12.78 48.63 -8.00
CA THR B 312 -11.96 49.37 -8.95
C THR B 312 -11.55 48.46 -10.10
N THR C 1 -42.39 -13.96 -20.54
CA THR C 1 -41.41 -13.56 -19.54
C THR C 1 -40.39 -12.61 -20.15
N LEU C 2 -39.80 -11.76 -19.31
CA LEU C 2 -38.83 -10.78 -19.78
C LEU C 2 -37.60 -11.40 -20.40
N ARG C 3 -37.15 -12.55 -19.91
CA ARG C 3 -35.95 -13.18 -20.44
C ARG C 3 -36.24 -14.07 -21.63
N PRO C 4 -35.70 -13.77 -22.81
CA PRO C 4 -35.90 -14.65 -23.97
C PRO C 4 -35.36 -16.05 -23.72
N GLN C 5 -36.01 -17.04 -24.35
CA GLN C 5 -35.64 -18.44 -24.17
C GLN C 5 -34.89 -19.07 -25.34
N TYR C 6 -34.94 -18.49 -26.54
CA TYR C 6 -34.27 -19.08 -27.70
C TYR C 6 -33.66 -17.99 -28.58
N PHE C 7 -32.71 -18.40 -29.43
CA PHE C 7 -32.07 -17.46 -30.33
C PHE C 7 -33.08 -16.75 -31.23
N LYS C 8 -34.19 -17.41 -31.56
CA LYS C 8 -35.19 -16.73 -32.39
C LYS C 8 -35.78 -15.52 -31.67
N GLU C 9 -35.79 -15.53 -30.34
CA GLU C 9 -36.32 -14.43 -29.56
C GLU C 9 -35.25 -13.45 -29.12
N TYR C 10 -33.98 -13.84 -29.13
CA TYR C 10 -32.88 -13.01 -28.66
C TYR C 10 -32.49 -11.99 -29.73
N ILE C 11 -32.92 -10.75 -29.55
CA ILE C 11 -32.65 -9.66 -30.48
C ILE C 11 -31.24 -9.12 -30.27
N GLY C 12 -30.60 -8.71 -31.37
CA GLY C 12 -29.27 -8.13 -31.32
C GLY C 12 -28.13 -9.12 -31.11
N GLN C 13 -26.98 -8.56 -30.73
CA GLN C 13 -25.76 -9.33 -30.49
C GLN C 13 -25.43 -10.22 -31.69
N ASP C 14 -25.57 -9.67 -32.89
CA ASP C 14 -25.35 -10.45 -34.10
C ASP C 14 -24.01 -11.18 -34.09
N LYS C 15 -22.93 -10.53 -33.64
CA LYS C 15 -21.63 -11.20 -33.63
C LYS C 15 -21.62 -12.41 -32.70
N VAL C 16 -21.96 -12.20 -31.43
CA VAL C 16 -21.94 -13.30 -30.47
C VAL C 16 -23.02 -14.32 -30.81
N LYS C 17 -24.21 -13.86 -31.16
CA LYS C 17 -25.30 -14.78 -31.48
C LYS C 17 -25.00 -15.64 -32.70
N ASP C 18 -24.42 -15.06 -33.74
CA ASP C 18 -24.09 -15.84 -34.94
C ASP C 18 -23.02 -16.88 -34.67
N GLN C 19 -21.94 -16.50 -33.99
CA GLN C 19 -20.88 -17.46 -33.67
C GLN C 19 -21.39 -18.61 -32.82
N LEU C 20 -22.14 -18.32 -31.77
CA LEU C 20 -22.64 -19.37 -30.90
C LEU C 20 -23.52 -20.38 -31.62
N LYS C 21 -24.32 -19.95 -32.59
CA LYS C 21 -25.11 -20.92 -33.34
C LYS C 21 -24.23 -21.91 -34.08
N ILE C 22 -23.18 -21.44 -34.74
CA ILE C 22 -22.30 -22.35 -35.47
C ILE C 22 -21.67 -23.37 -34.53
N PHE C 23 -21.14 -22.91 -33.40
CA PHE C 23 -20.49 -23.83 -32.47
C PHE C 23 -21.48 -24.79 -31.82
N ILE C 24 -22.69 -24.33 -31.53
CA ILE C 24 -23.69 -25.22 -30.93
C ILE C 24 -24.18 -26.23 -31.95
N GLU C 25 -24.43 -25.80 -33.19
CA GLU C 25 -24.88 -26.75 -34.21
C GLU C 25 -23.80 -27.79 -34.50
N ALA C 26 -22.54 -27.35 -34.57
CA ALA C 26 -21.44 -28.28 -34.82
C ALA C 26 -21.30 -29.30 -33.69
N ALA C 27 -21.44 -28.85 -32.45
CA ALA C 27 -21.33 -29.77 -31.32
C ALA C 27 -22.40 -30.85 -31.38
N LYS C 28 -23.63 -30.49 -31.74
CA LYS C 28 -24.67 -31.49 -31.85
C LYS C 28 -24.36 -32.48 -32.96
N LEU C 29 -23.84 -32.00 -34.09
CA LEU C 29 -23.53 -32.88 -35.19
C LEU C 29 -22.53 -33.97 -34.80
N ARG C 30 -21.61 -33.66 -33.89
CA ARG C 30 -20.63 -34.65 -33.43
C ARG C 30 -21.05 -35.38 -32.16
N ASP C 31 -22.22 -35.07 -31.60
CA ASP C 31 -22.67 -35.67 -30.35
C ASP C 31 -21.74 -35.38 -29.19
N GLU C 32 -21.01 -34.26 -29.23
CA GLU C 32 -20.08 -33.89 -28.18
C GLU C 32 -20.64 -32.74 -27.34
N ALA C 33 -20.00 -32.52 -26.19
CA ALA C 33 -20.34 -31.37 -25.36
C ALA C 33 -19.66 -30.11 -25.89
N LEU C 34 -20.31 -28.98 -25.66
CA LEU C 34 -19.75 -27.70 -26.08
C LEU C 34 -18.56 -27.32 -25.22
N ASP C 35 -17.60 -26.63 -25.82
CA ASP C 35 -16.43 -26.16 -25.09
C ASP C 35 -16.83 -25.15 -24.02
N HIS C 36 -15.91 -24.92 -23.08
CA HIS C 36 -16.15 -24.00 -21.98
C HIS C 36 -16.23 -22.57 -22.52
N THR C 37 -17.26 -21.83 -22.09
CA THR C 37 -17.54 -20.50 -22.60
C THR C 37 -17.43 -19.45 -21.50
N LEU C 38 -16.79 -18.33 -21.82
CA LEU C 38 -16.69 -17.19 -20.91
C LEU C 38 -17.42 -16.01 -21.54
N LEU C 39 -18.41 -15.48 -20.84
CA LEU C 39 -19.16 -14.31 -21.27
C LEU C 39 -18.76 -13.11 -20.43
N PHE C 40 -18.41 -12.01 -21.08
CA PHE C 40 -17.93 -10.83 -20.38
C PHE C 40 -18.29 -9.57 -21.14
N GLY C 41 -18.26 -8.44 -20.43
CA GLY C 41 -18.62 -7.17 -20.98
C GLY C 41 -19.44 -6.29 -20.05
N PRO C 42 -19.85 -5.12 -20.55
CA PRO C 42 -20.54 -4.13 -19.71
C PRO C 42 -21.80 -4.65 -19.05
N PRO C 43 -22.26 -3.98 -17.99
CA PRO C 43 -23.47 -4.41 -17.27
C PRO C 43 -24.76 -4.29 -18.07
N GLY C 44 -25.64 -5.27 -17.85
CA GLY C 44 -26.98 -5.25 -18.42
C GLY C 44 -27.13 -5.53 -19.90
N LEU C 45 -26.11 -6.05 -20.56
CA LEU C 45 -26.19 -6.30 -22.00
C LEU C 45 -26.80 -7.65 -22.36
N GLY C 46 -26.93 -8.58 -21.43
CA GLY C 46 -27.54 -9.86 -21.75
C GLY C 46 -26.73 -11.10 -21.46
N LYS C 47 -25.68 -10.96 -20.65
CA LYS C 47 -24.81 -12.09 -20.34
C LYS C 47 -25.59 -13.23 -19.68
N THR C 48 -26.28 -12.95 -18.59
CA THR C 48 -27.05 -14.00 -17.91
C THR C 48 -28.14 -14.58 -18.81
N THR C 49 -28.82 -13.75 -19.58
CA THR C 49 -29.86 -14.23 -20.47
C THR C 49 -29.33 -15.24 -21.49
N MET C 50 -28.17 -14.95 -22.08
CA MET C 50 -27.58 -15.86 -23.05
C MET C 50 -27.20 -17.20 -22.43
N ALA C 51 -26.77 -17.20 -21.17
CA ALA C 51 -26.40 -18.46 -20.53
C ALA C 51 -27.56 -19.45 -20.50
N PHE C 52 -28.77 -18.97 -20.21
CA PHE C 52 -29.94 -19.85 -20.23
C PHE C 52 -30.31 -20.26 -21.66
N VAL C 53 -30.13 -19.36 -22.62
CA VAL C 53 -30.41 -19.69 -24.01
C VAL C 53 -29.53 -20.83 -24.49
N ILE C 54 -28.25 -20.79 -24.15
CA ILE C 54 -27.33 -21.85 -24.54
C ILE C 54 -27.82 -23.20 -24.02
N ALA C 55 -28.23 -23.26 -22.76
CA ALA C 55 -28.70 -24.51 -22.20
C ALA C 55 -29.94 -25.03 -22.90
N ASN C 56 -30.89 -24.15 -23.22
CA ASN C 56 -32.09 -24.59 -23.93
C ASN C 56 -31.78 -25.08 -25.34
N GLU C 57 -30.85 -24.42 -26.03
CA GLU C 57 -30.52 -24.86 -27.38
C GLU C 57 -29.77 -26.19 -27.37
N MET C 58 -28.91 -26.40 -26.39
CA MET C 58 -28.22 -27.68 -26.26
C MET C 58 -29.15 -28.79 -25.79
N GLY C 59 -30.30 -28.44 -25.20
CA GLY C 59 -31.24 -29.42 -24.72
C GLY C 59 -30.75 -30.15 -23.49
N VAL C 60 -30.22 -29.40 -22.52
CA VAL C 60 -29.65 -29.96 -21.30
C VAL C 60 -30.20 -29.19 -20.12
N ASN C 61 -30.15 -29.82 -18.94
CA ASN C 61 -30.60 -29.20 -17.70
C ASN C 61 -29.44 -28.41 -17.09
N LEU C 62 -29.69 -27.15 -16.79
CA LEU C 62 -28.67 -26.23 -16.29
C LEU C 62 -28.50 -26.30 -14.77
N LYS C 63 -27.27 -26.56 -14.33
CA LYS C 63 -26.91 -26.51 -12.92
C LYS C 63 -26.40 -25.10 -12.66
N GLN C 64 -26.86 -24.46 -11.60
CA GLN C 64 -26.52 -23.06 -11.37
C GLN C 64 -26.01 -22.79 -9.96
N THR C 65 -24.97 -21.98 -9.87
CA THR C 65 -24.37 -21.51 -8.63
C THR C 65 -23.79 -20.13 -8.87
N SER C 66 -23.08 -19.57 -7.88
CA SER C 66 -22.46 -18.27 -8.06
C SER C 66 -21.16 -18.20 -7.27
N GLY C 67 -20.24 -17.36 -7.74
CA GLY C 67 -18.95 -17.20 -7.10
C GLY C 67 -18.98 -16.86 -5.63
N PRO C 68 -19.81 -15.92 -5.20
CA PRO C 68 -19.86 -15.59 -3.76
C PRO C 68 -20.32 -16.74 -2.88
N ALA C 69 -21.17 -17.64 -3.38
CA ALA C 69 -21.66 -18.73 -2.56
C ALA C 69 -20.61 -19.81 -2.34
N ILE C 70 -19.71 -20.02 -3.30
CA ILE C 70 -18.68 -21.05 -3.17
C ILE C 70 -17.54 -20.45 -2.36
N GLU C 71 -17.39 -20.91 -1.11
CA GLU C 71 -16.40 -20.36 -0.21
C GLU C 71 -15.19 -21.24 0.01
N LYS C 72 -15.29 -22.56 -0.19
CA LYS C 72 -14.16 -23.44 0.02
C LYS C 72 -14.16 -24.55 -1.02
N ALA C 73 -12.99 -25.14 -1.20
CA ALA C 73 -12.84 -26.23 -2.16
C ALA C 73 -13.84 -27.35 -1.92
N GLY C 74 -14.14 -27.63 -0.64
CA GLY C 74 -15.12 -28.66 -0.35
C GLY C 74 -16.49 -28.40 -0.94
N ASP C 75 -16.87 -27.14 -1.09
CA ASP C 75 -18.16 -26.83 -1.71
C ASP C 75 -18.15 -27.19 -3.19
N LEU C 76 -17.14 -26.74 -3.91
CA LEU C 76 -17.04 -27.02 -5.34
C LEU C 76 -16.98 -28.52 -5.61
N VAL C 77 -16.23 -29.25 -4.80
CA VAL C 77 -16.15 -30.70 -4.98
C VAL C 77 -17.54 -31.33 -4.86
N ALA C 78 -18.35 -30.87 -3.93
CA ALA C 78 -19.71 -31.41 -3.82
C ALA C 78 -20.56 -31.07 -5.02
N ILE C 79 -20.45 -29.83 -5.52
CA ILE C 79 -21.21 -29.43 -6.70
C ILE C 79 -20.79 -30.25 -7.92
N LEU C 80 -19.48 -30.36 -8.15
CA LEU C 80 -18.98 -31.11 -9.29
C LEU C 80 -19.36 -32.58 -9.22
N ASN C 81 -19.33 -33.17 -8.02
CA ASN C 81 -19.65 -34.59 -7.89
C ASN C 81 -21.08 -34.91 -8.33
N ASP C 82 -21.98 -33.94 -8.32
CA ASP C 82 -23.35 -34.16 -8.77
C ASP C 82 -23.54 -34.07 -10.27
N LEU C 83 -22.49 -33.73 -11.03
CA LEU C 83 -22.62 -33.60 -12.48
C LEU C 83 -22.79 -34.95 -13.16
N GLU C 84 -23.63 -34.97 -14.19
CA GLU C 84 -23.86 -36.12 -15.05
C GLU C 84 -23.38 -35.81 -16.46
N PRO C 85 -23.13 -36.83 -17.27
CA PRO C 85 -22.60 -36.58 -18.62
C PRO C 85 -23.48 -35.63 -19.42
N GLY C 86 -22.85 -34.58 -19.95
CA GLY C 86 -23.51 -33.57 -20.74
C GLY C 86 -24.09 -32.40 -19.97
N ASP C 87 -24.08 -32.43 -18.64
CA ASP C 87 -24.62 -31.32 -17.87
C ASP C 87 -23.82 -30.05 -18.10
N ILE C 88 -24.50 -28.92 -17.89
CA ILE C 88 -23.90 -27.60 -18.02
C ILE C 88 -23.90 -26.94 -16.66
N LEU C 89 -22.73 -26.50 -16.21
CA LEU C 89 -22.57 -25.82 -14.94
C LEU C 89 -22.32 -24.34 -15.23
N PHE C 90 -23.18 -23.49 -14.68
CA PHE C 90 -23.07 -22.04 -14.88
C PHE C 90 -22.69 -21.39 -13.56
N ILE C 91 -21.58 -20.64 -13.57
CA ILE C 91 -21.11 -19.92 -12.39
C ILE C 91 -21.19 -18.43 -12.69
N ASP C 92 -22.11 -17.73 -12.04
CA ASP C 92 -22.23 -16.29 -12.21
C ASP C 92 -21.28 -15.57 -11.27
N GLU C 93 -20.85 -14.37 -11.67
CA GLU C 93 -19.88 -13.59 -10.89
C GLU C 93 -18.66 -14.43 -10.55
N ILE C 94 -18.17 -15.18 -11.54
CA ILE C 94 -17.04 -16.08 -11.36
C ILE C 94 -15.79 -15.42 -10.82
N HIS C 95 -15.66 -14.10 -10.93
CA HIS C 95 -14.44 -13.44 -10.44
C HIS C 95 -14.26 -13.48 -8.92
N ARG C 96 -15.27 -13.83 -8.14
CA ARG C 96 -15.11 -13.87 -6.68
C ARG C 96 -14.59 -15.17 -6.11
N MET C 97 -14.53 -16.26 -6.86
CA MET C 97 -14.09 -17.49 -6.25
C MET C 97 -12.73 -17.31 -5.59
N PRO C 98 -12.51 -17.86 -4.40
CA PRO C 98 -11.20 -17.75 -3.76
C PRO C 98 -10.13 -18.45 -4.58
N MET C 99 -8.89 -18.02 -4.38
CA MET C 99 -7.78 -18.61 -5.11
C MET C 99 -7.69 -20.11 -4.87
N ALA C 100 -8.00 -20.55 -3.65
CA ALA C 100 -8.00 -21.97 -3.33
C ALA C 100 -8.96 -22.76 -4.19
N VAL C 101 -10.01 -22.13 -4.71
CA VAL C 101 -10.99 -22.81 -5.54
C VAL C 101 -10.60 -22.78 -7.01
N GLU C 102 -10.09 -21.65 -7.50
CA GLU C 102 -9.68 -21.58 -8.90
C GLU C 102 -8.65 -22.65 -9.24
N GLU C 103 -7.72 -22.94 -8.31
CA GLU C 103 -6.71 -23.94 -8.58
C GLU C 103 -7.29 -25.32 -8.79
N VAL C 104 -8.42 -25.62 -8.15
CA VAL C 104 -9.06 -26.91 -8.35
C VAL C 104 -9.70 -26.98 -9.73
N LEU C 105 -10.22 -25.86 -10.19
CA LEU C 105 -10.89 -25.80 -11.49
C LEU C 105 -9.96 -26.02 -12.68
N TYR C 106 -8.65 -25.77 -12.53
CA TYR C 106 -7.73 -25.99 -13.65
C TYR C 106 -7.78 -27.43 -14.15
N SER C 107 -7.56 -28.39 -13.25
CA SER C 107 -7.54 -29.80 -13.64
C SER C 107 -8.91 -30.29 -14.09
N ALA C 108 -9.97 -29.87 -13.41
CA ALA C 108 -11.31 -30.30 -13.79
C ALA C 108 -11.66 -29.87 -15.21
N MET C 109 -11.22 -28.69 -15.62
CA MET C 109 -11.54 -28.20 -16.96
C MET C 109 -10.71 -28.89 -18.03
N GLU C 110 -9.41 -29.03 -17.81
CA GLU C 110 -8.53 -29.60 -18.84
C GLU C 110 -8.40 -31.12 -18.77
N ASP C 111 -8.40 -31.73 -17.58
CA ASP C 111 -8.18 -33.15 -17.47
C ASP C 111 -9.36 -33.95 -16.95
N TYR C 112 -10.46 -33.30 -16.57
CA TYR C 112 -11.64 -34.02 -16.09
C TYR C 112 -11.39 -34.89 -14.87
N TYR C 113 -10.40 -34.52 -14.05
CA TYR C 113 -10.12 -35.27 -12.83
C TYR C 113 -9.74 -34.29 -11.73
N ILE C 114 -9.96 -34.72 -10.49
CA ILE C 114 -9.61 -33.92 -9.31
C ILE C 114 -8.99 -34.85 -8.28
N ASP C 115 -8.00 -34.33 -7.55
CA ASP C 115 -7.29 -35.09 -6.52
C ASP C 115 -7.47 -34.33 -5.20
N ILE C 116 -8.38 -34.82 -4.36
CA ILE C 116 -8.77 -34.14 -3.14
C ILE C 116 -8.36 -34.98 -1.94
N MET C 117 -7.66 -34.35 -0.99
CA MET C 117 -7.33 -35.00 0.27
C MET C 117 -8.56 -35.03 1.18
N ILE C 118 -8.85 -36.20 1.74
CA ILE C 118 -10.01 -36.36 2.60
C ILE C 118 -9.65 -37.24 3.79
N THR C 123 -7.35 -40.94 9.53
CA THR C 123 -8.46 -40.89 8.59
C THR C 123 -8.09 -40.14 7.32
N SER C 124 -6.94 -39.48 7.32
CA SER C 124 -6.52 -38.73 6.15
C SER C 124 -6.17 -39.67 5.00
N ARG C 125 -6.77 -39.41 3.84
CA ARG C 125 -6.54 -40.23 2.65
C ARG C 125 -6.83 -39.39 1.42
N SER C 126 -6.28 -39.82 0.28
CA SER C 126 -6.47 -39.13 -0.99
C SER C 126 -7.42 -39.92 -1.87
N VAL C 127 -8.48 -39.24 -2.34
CA VAL C 127 -9.48 -39.82 -3.24
C VAL C 127 -9.31 -39.19 -4.60
N HIS C 128 -9.27 -40.02 -5.65
CA HIS C 128 -9.12 -39.57 -7.02
C HIS C 128 -10.48 -39.71 -7.72
N LEU C 129 -11.01 -38.59 -8.19
CA LEU C 129 -12.33 -38.56 -8.84
C LEU C 129 -12.18 -38.20 -10.32
N ASP C 130 -12.84 -38.97 -11.17
CA ASP C 130 -12.87 -38.75 -12.61
C ASP C 130 -14.23 -38.18 -12.98
N LEU C 131 -14.23 -36.97 -13.57
CA LEU C 131 -15.46 -36.27 -13.94
C LEU C 131 -15.96 -36.69 -15.33
N PRO C 132 -17.28 -36.72 -15.50
CA PRO C 132 -17.85 -37.01 -16.82
C PRO C 132 -17.75 -35.81 -17.72
N PRO C 133 -18.02 -35.97 -19.02
CA PRO C 133 -17.96 -34.80 -19.92
C PRO C 133 -18.98 -33.75 -19.52
N PHE C 134 -18.51 -32.50 -19.41
CA PHE C 134 -19.37 -31.42 -18.97
C PHE C 134 -18.90 -30.10 -19.57
N THR C 135 -19.81 -29.12 -19.57
CA THR C 135 -19.55 -27.77 -20.08
C THR C 135 -19.67 -26.75 -18.97
N LEU C 136 -18.64 -25.94 -18.80
CA LEU C 136 -18.64 -24.85 -17.81
C LEU C 136 -18.92 -23.53 -18.51
N VAL C 137 -19.85 -22.75 -17.97
CA VAL C 137 -20.18 -21.43 -18.48
C VAL C 137 -19.95 -20.41 -17.38
N GLY C 138 -19.20 -19.35 -17.70
CA GLY C 138 -18.92 -18.30 -16.74
C GLY C 138 -19.34 -16.94 -17.27
N ALA C 139 -19.79 -16.07 -16.36
CA ALA C 139 -20.18 -14.72 -16.71
C ALA C 139 -19.57 -13.75 -15.70
N THR C 140 -18.98 -12.67 -16.20
CA THR C 140 -18.35 -11.71 -15.30
C THR C 140 -18.21 -10.36 -15.98
N THR C 141 -18.10 -9.32 -15.17
CA THR C 141 -17.83 -7.97 -15.63
C THR C 141 -16.36 -7.58 -15.48
N ARG C 142 -15.55 -8.42 -14.85
CA ARG C 142 -14.16 -8.14 -14.52
C ARG C 142 -13.26 -9.26 -15.01
N ALA C 143 -13.36 -9.57 -16.30
CA ALA C 143 -12.58 -10.68 -16.86
C ALA C 143 -11.10 -10.57 -16.56
N GLY C 144 -10.56 -9.36 -16.44
CA GLY C 144 -9.16 -9.19 -16.11
C GLY C 144 -8.79 -9.65 -14.71
N MET C 145 -9.77 -9.88 -13.86
CA MET C 145 -9.50 -10.32 -12.50
C MET C 145 -9.26 -11.82 -12.39
N LEU C 146 -9.65 -12.60 -13.40
CA LEU C 146 -9.40 -14.04 -13.40
C LEU C 146 -7.92 -14.35 -13.59
N SER C 147 -7.50 -15.47 -13.01
CA SER C 147 -6.11 -15.90 -13.13
C SER C 147 -5.75 -16.20 -14.57
N ASN C 148 -4.50 -15.90 -14.94
CA ASN C 148 -4.06 -16.09 -16.31
C ASN C 148 -4.14 -17.55 -16.78
N PRO C 149 -3.89 -18.56 -15.95
CA PRO C 149 -4.03 -19.94 -16.42
C PRO C 149 -5.47 -20.36 -16.61
N LEU C 150 -6.41 -19.71 -15.95
CA LEU C 150 -7.83 -20.05 -16.10
C LEU C 150 -8.39 -19.53 -17.42
N ARG C 151 -8.13 -18.26 -17.73
CA ARG C 151 -8.61 -17.71 -18.99
C ARG C 151 -8.12 -18.54 -20.19
N ALA C 152 -6.90 -19.06 -20.12
CA ALA C 152 -6.36 -19.84 -21.22
C ALA C 152 -7.11 -21.13 -21.49
N ARG C 153 -7.87 -21.65 -20.54
CA ARG C 153 -8.58 -22.90 -20.75
C ARG C 153 -9.98 -22.73 -21.32
N PHE C 154 -10.53 -21.52 -21.33
CA PHE C 154 -11.85 -21.32 -21.94
C PHE C 154 -11.71 -21.35 -23.45
N GLY C 155 -12.57 -22.13 -24.10
CA GLY C 155 -12.51 -22.30 -25.54
C GLY C 155 -13.31 -21.32 -26.37
N ILE C 156 -14.32 -20.68 -25.80
CA ILE C 156 -15.13 -19.70 -26.51
C ILE C 156 -15.20 -18.44 -25.67
N ASN C 157 -14.91 -17.30 -26.28
CA ASN C 157 -14.98 -16.01 -25.59
C ASN C 157 -16.00 -15.12 -26.28
N GLY C 158 -17.04 -14.73 -25.54
CA GLY C 158 -18.08 -13.88 -26.05
C GLY C 158 -18.04 -12.50 -25.42
N HIS C 159 -17.68 -11.47 -26.18
CA HIS C 159 -17.64 -10.10 -25.69
C HIS C 159 -18.91 -9.38 -26.15
N MET C 160 -19.69 -8.89 -25.20
CA MET C 160 -20.96 -8.22 -25.49
C MET C 160 -20.77 -6.78 -25.94
N GLU C 161 -21.61 -6.36 -26.89
CA GLU C 161 -21.57 -5.02 -27.44
C GLU C 161 -22.90 -4.30 -27.21
N TYR C 162 -22.86 -2.97 -27.21
CA TYR C 162 -24.07 -2.18 -27.07
C TYR C 162 -24.99 -2.34 -28.28
N TYR C 163 -26.28 -2.11 -28.05
CA TYR C 163 -27.31 -2.26 -29.06
C TYR C 163 -27.51 -0.98 -29.87
N GLU C 164 -28.06 -1.14 -31.06
CA GLU C 164 -28.40 -0.05 -31.96
C GLU C 164 -29.87 0.33 -31.82
N LEU C 165 -30.21 1.53 -32.29
CA LEU C 165 -31.58 2.01 -32.18
C LEU C 165 -32.62 1.08 -32.79
N PRO C 166 -32.39 0.44 -33.94
CA PRO C 166 -33.43 -0.45 -34.47
C PRO C 166 -33.72 -1.62 -33.55
N ASP C 167 -32.71 -2.14 -32.86
CA ASP C 167 -32.92 -3.26 -31.95
C ASP C 167 -33.65 -2.83 -30.68
N LEU C 168 -33.23 -1.72 -30.08
CA LEU C 168 -33.91 -1.23 -28.89
C LEU C 168 -35.37 -0.90 -29.17
N THR C 169 -35.66 -0.40 -30.36
CA THR C 169 -37.06 -0.11 -30.70
C THR C 169 -37.90 -1.37 -30.67
N GLU C 170 -37.36 -2.47 -31.19
CA GLU C 170 -38.09 -3.73 -31.20
C GLU C 170 -38.22 -4.33 -29.80
N ILE C 171 -37.20 -4.15 -28.96
CA ILE C 171 -37.24 -4.65 -27.60
C ILE C 171 -38.34 -3.96 -26.78
N VAL C 172 -38.46 -2.64 -26.92
CA VAL C 172 -39.51 -1.92 -26.20
C VAL C 172 -40.89 -2.40 -26.61
N GLU C 173 -41.13 -2.60 -27.90
CA GLU C 173 -42.42 -3.08 -28.35
C GLU C 173 -42.72 -4.47 -27.79
N ARG C 174 -41.72 -5.36 -27.79
CA ARG C 174 -41.90 -6.70 -27.23
C ARG C 174 -42.30 -6.62 -25.76
N THR C 175 -41.59 -5.81 -24.98
CA THR C 175 -41.90 -5.67 -23.56
C THR C 175 -43.28 -5.09 -23.34
N SER C 176 -43.70 -4.15 -24.19
CA SER C 176 -45.02 -3.56 -24.04
C SER C 176 -46.12 -4.60 -24.16
N GLU C 177 -45.94 -5.59 -25.03
CA GLU C 177 -46.96 -6.64 -25.15
C GLU C 177 -47.00 -7.54 -23.92
N ILE C 178 -45.87 -7.70 -23.22
CA ILE C 178 -45.90 -8.49 -21.99
C ILE C 178 -46.71 -7.77 -20.93
N PHE C 179 -46.57 -6.45 -20.83
CA PHE C 179 -47.37 -5.66 -19.92
C PHE C 179 -48.75 -5.35 -20.51
N GLU C 180 -49.02 -5.83 -21.73
CA GLU C 180 -50.27 -5.61 -22.46
C GLU C 180 -50.60 -4.13 -22.56
N MET C 181 -49.57 -3.32 -22.76
CA MET C 181 -49.68 -1.88 -22.93
C MET C 181 -49.60 -1.58 -24.42
N THR C 182 -50.47 -0.70 -24.91
CA THR C 182 -50.43 -0.29 -26.31
C THR C 182 -49.48 0.88 -26.43
N ILE C 183 -48.54 0.78 -27.36
CA ILE C 183 -47.55 1.84 -27.60
C ILE C 183 -47.36 1.99 -29.10
N THR C 184 -47.31 3.23 -29.56
CA THR C 184 -47.13 3.49 -30.98
C THR C 184 -45.65 3.43 -31.37
N PRO C 185 -45.36 3.11 -32.63
CA PRO C 185 -43.95 3.01 -33.05
C PRO C 185 -43.13 4.27 -32.83
N GLU C 186 -43.66 5.45 -33.16
CA GLU C 186 -42.89 6.66 -32.95
C GLU C 186 -42.68 6.96 -31.47
N ALA C 187 -43.61 6.55 -30.61
CA ALA C 187 -43.40 6.72 -29.18
C ALA C 187 -42.31 5.77 -28.69
N ALA C 188 -42.29 4.55 -29.21
CA ALA C 188 -41.27 3.58 -28.82
C ALA C 188 -39.87 4.05 -29.21
N LEU C 189 -39.75 4.69 -30.37
CA LEU C 189 -38.45 5.21 -30.79
C LEU C 189 -37.94 6.29 -29.85
N GLU C 190 -38.84 7.11 -29.31
CA GLU C 190 -38.40 8.14 -28.38
C GLU C 190 -37.79 7.55 -27.11
N LEU C 191 -38.25 6.39 -26.67
CA LEU C 191 -37.64 5.76 -25.50
C LEU C 191 -36.31 5.11 -25.86
N ALA C 192 -36.21 4.52 -27.04
CA ALA C 192 -34.95 3.89 -27.44
C ALA C 192 -33.81 4.89 -27.47
N ARG C 193 -34.05 6.07 -28.04
CA ARG C 193 -33.00 7.09 -28.09
C ARG C 193 -32.44 7.41 -26.72
N ARG C 194 -33.28 7.37 -25.69
CA ARG C 194 -32.88 7.72 -24.34
C ARG C 194 -32.37 6.55 -23.50
N SER C 195 -32.36 5.34 -24.03
CA SER C 195 -31.96 4.18 -23.25
C SER C 195 -30.45 3.97 -23.15
N ARG C 196 -29.62 4.90 -23.63
CA ARG C 196 -28.17 4.78 -23.55
C ARG C 196 -27.63 3.47 -24.13
N GLY C 197 -28.39 2.80 -24.99
CA GLY C 197 -27.92 1.57 -25.57
C GLY C 197 -28.01 0.33 -24.70
N THR C 198 -28.68 0.39 -23.55
CA THR C 198 -28.74 -0.74 -22.64
C THR C 198 -30.15 -1.26 -22.55
N PRO C 199 -30.40 -2.56 -22.79
CA PRO C 199 -31.77 -3.08 -22.70
C PRO C 199 -32.44 -2.88 -21.36
N ARG C 200 -31.73 -3.08 -20.25
CA ARG C 200 -32.33 -2.87 -18.93
C ARG C 200 -32.83 -1.44 -18.75
N ILE C 201 -32.09 -0.46 -19.26
CA ILE C 201 -32.52 0.93 -19.11
C ILE C 201 -33.79 1.19 -19.93
N ALA C 202 -33.89 0.61 -21.12
CA ALA C 202 -35.10 0.77 -21.91
C ALA C 202 -36.31 0.21 -21.18
N ASN C 203 -36.16 -0.93 -20.51
CA ASN C 203 -37.25 -1.47 -19.72
C ASN C 203 -37.56 -0.57 -18.52
N ARG C 204 -36.55 -0.02 -17.87
CA ARG C 204 -36.78 0.85 -16.72
C ARG C 204 -37.59 2.08 -17.12
N LEU C 205 -37.25 2.72 -18.23
CA LEU C 205 -38.02 3.87 -18.70
C LEU C 205 -39.46 3.49 -19.01
N LEU C 206 -39.65 2.36 -19.69
CA LEU C 206 -41.02 1.95 -20.03
C LEU C 206 -41.85 1.74 -18.79
N LYS C 207 -41.29 1.12 -17.76
CA LYS C 207 -42.04 0.94 -16.51
C LYS C 207 -42.47 2.28 -15.93
N ARG C 208 -41.58 3.27 -15.92
CA ARG C 208 -41.92 4.59 -15.39
C ARG C 208 -42.97 5.30 -16.24
N VAL C 209 -42.87 5.22 -17.56
CA VAL C 209 -43.86 5.86 -18.42
C VAL C 209 -45.21 5.18 -18.28
N ARG C 210 -45.21 3.87 -18.08
CA ARG C 210 -46.46 3.16 -17.85
C ARG C 210 -47.18 3.69 -16.62
N ASP C 211 -46.45 3.90 -15.53
CA ASP C 211 -47.06 4.42 -14.32
C ASP C 211 -47.71 5.78 -14.56
N TYR C 212 -47.02 6.66 -15.28
CA TYR C 212 -47.60 7.97 -15.58
C TYR C 212 -48.83 7.85 -16.47
N ALA C 213 -48.78 7.00 -17.49
CA ALA C 213 -49.93 6.85 -18.39
C ALA C 213 -51.15 6.32 -17.65
N GLN C 214 -50.95 5.48 -16.63
CA GLN C 214 -52.08 4.94 -15.88
C GLN C 214 -52.67 5.92 -14.87
N ILE C 215 -51.89 6.88 -14.39
CA ILE C 215 -52.36 7.83 -13.39
C ILE C 215 -52.73 9.17 -14.01
N MET C 216 -51.95 9.66 -14.96
CA MET C 216 -52.19 10.96 -15.59
C MET C 216 -52.81 10.83 -16.98
N GLY C 217 -53.17 9.62 -17.40
CA GLY C 217 -53.73 9.45 -18.73
C GLY C 217 -54.72 8.31 -18.81
N ASP C 218 -55.02 7.86 -20.03
CA ASP C 218 -56.00 6.81 -20.26
C ASP C 218 -55.37 5.42 -20.29
N GLY C 219 -54.17 5.26 -19.75
CA GLY C 219 -53.53 3.97 -19.77
C GLY C 219 -53.05 3.54 -21.12
N VAL C 220 -52.80 4.48 -22.02
CA VAL C 220 -52.32 4.21 -23.37
C VAL C 220 -51.16 5.15 -23.63
N ILE C 221 -50.10 4.63 -24.23
CA ILE C 221 -48.92 5.43 -24.54
C ILE C 221 -49.03 5.90 -25.98
N ASP C 222 -48.97 7.22 -26.16
CA ASP C 222 -49.03 7.84 -27.47
C ASP C 222 -47.98 8.94 -27.52
N ASP C 223 -47.80 9.51 -28.71
CA ASP C 223 -46.79 10.56 -28.89
C ASP C 223 -47.01 11.74 -27.96
N LYS C 224 -48.20 11.90 -27.39
CA LYS C 224 -48.46 13.00 -26.48
C LYS C 224 -48.10 12.66 -25.03
N ILE C 225 -48.56 11.49 -24.55
CA ILE C 225 -48.25 11.08 -23.18
C ILE C 225 -46.75 10.88 -23.01
N ALA C 226 -46.09 10.30 -24.01
CA ALA C 226 -44.65 10.09 -23.91
C ALA C 226 -43.90 11.40 -23.76
N ASP C 227 -44.28 12.42 -24.53
CA ASP C 227 -43.62 13.71 -24.42
C ASP C 227 -43.76 14.30 -23.02
N GLN C 228 -44.95 14.18 -22.44
CA GLN C 228 -45.17 14.71 -21.09
C GLN C 228 -44.40 13.92 -20.04
N ALA C 229 -44.49 12.59 -20.08
CA ALA C 229 -43.80 11.77 -19.08
C ALA C 229 -42.30 12.00 -19.11
N LEU C 230 -41.71 12.06 -20.30
CA LEU C 230 -40.28 12.30 -20.41
C LEU C 230 -39.90 13.69 -19.90
N THR C 231 -40.82 14.65 -19.97
CA THR C 231 -40.53 15.97 -19.42
C THR C 231 -40.51 15.92 -17.90
N MET C 232 -41.40 15.14 -17.29
CA MET C 232 -41.40 15.01 -15.84
C MET C 232 -40.12 14.33 -15.37
N LEU C 233 -39.71 13.25 -16.04
CA LEU C 233 -38.47 12.59 -15.68
C LEU C 233 -37.25 13.45 -15.99
N ASP C 234 -37.40 14.45 -16.87
CA ASP C 234 -36.32 15.34 -17.24
C ASP C 234 -35.16 14.62 -17.92
N VAL C 235 -35.49 13.79 -18.91
CA VAL C 235 -34.48 13.07 -19.70
C VAL C 235 -34.43 13.74 -21.07
N ASP C 236 -33.25 14.25 -21.42
CA ASP C 236 -33.07 14.94 -22.68
C ASP C 236 -33.20 13.98 -23.86
N HIS C 237 -33.38 14.54 -25.05
CA HIS C 237 -33.52 13.72 -26.26
C HIS C 237 -32.24 12.98 -26.60
N GLU C 238 -31.12 13.29 -25.96
CA GLU C 238 -29.87 12.56 -26.10
C GLU C 238 -29.61 11.64 -24.92
N GLY C 239 -30.53 11.56 -23.98
CA GLY C 239 -30.40 10.72 -22.80
C GLY C 239 -29.66 11.35 -21.64
N LEU C 240 -29.44 12.66 -21.68
CA LEU C 240 -28.77 13.36 -20.59
C LEU C 240 -29.75 13.69 -19.47
N ASP C 241 -29.33 13.46 -18.23
CA ASP C 241 -30.13 13.80 -17.07
C ASP C 241 -29.94 15.26 -16.68
N TYR C 242 -30.71 15.69 -15.68
CA TYR C 242 -30.59 17.05 -15.16
C TYR C 242 -29.17 17.39 -14.76
N VAL C 243 -28.49 16.47 -14.07
CA VAL C 243 -27.12 16.73 -13.65
C VAL C 243 -26.16 16.72 -14.83
N ASP C 244 -26.41 15.86 -15.82
CA ASP C 244 -25.57 15.83 -17.01
C ASP C 244 -25.60 17.16 -17.75
N GLN C 245 -26.79 17.74 -17.89
CA GLN C 245 -26.90 19.03 -18.56
C GLN C 245 -26.23 20.14 -17.75
N LYS C 246 -26.33 20.10 -16.43
CA LYS C 246 -25.70 21.10 -15.58
C LYS C 246 -24.18 21.11 -15.73
N ILE C 247 -23.56 19.93 -15.88
CA ILE C 247 -22.11 19.88 -16.08
C ILE C 247 -21.72 20.61 -17.36
N LEU C 248 -22.36 20.26 -18.48
CA LEU C 248 -22.02 20.92 -19.74
C LEU C 248 -22.29 22.42 -19.68
N ARG C 249 -23.42 22.82 -19.13
CA ARG C 249 -23.74 24.25 -19.02
C ARG C 249 -22.71 25.00 -18.20
N THR C 250 -22.28 24.42 -17.09
CA THR C 250 -21.26 25.08 -16.26
C THR C 250 -19.94 25.23 -16.99
N MET C 251 -19.50 24.19 -17.69
CA MET C 251 -18.24 24.27 -18.40
C MET C 251 -18.26 25.33 -19.49
N ILE C 252 -19.36 25.40 -20.25
CA ILE C 252 -19.45 26.34 -21.35
C ILE C 252 -19.60 27.78 -20.87
N GLU C 253 -20.39 28.01 -19.81
CA GLU C 253 -20.63 29.38 -19.36
C GLU C 253 -19.65 29.93 -18.34
N MET C 254 -19.02 29.11 -17.51
CA MET C 254 -18.11 29.65 -16.50
C MET C 254 -16.63 29.52 -16.86
N TYR C 255 -16.24 28.52 -17.64
CA TYR C 255 -14.84 28.30 -17.98
C TYR C 255 -14.57 28.41 -19.47
N GLY C 256 -15.54 28.85 -20.25
CA GLY C 256 -15.34 28.96 -21.69
C GLY C 256 -14.96 27.67 -22.37
N GLY C 257 -15.45 26.54 -21.86
CA GLY C 257 -15.14 25.25 -22.42
C GLY C 257 -13.97 24.52 -21.81
N GLY C 258 -13.26 25.12 -20.86
CA GLY C 258 -12.13 24.48 -20.24
C GLY C 258 -10.81 24.96 -20.81
N PRO C 259 -9.71 24.29 -20.45
CA PRO C 259 -9.63 23.13 -19.57
C PRO C 259 -9.96 23.45 -18.12
N VAL C 260 -10.62 22.51 -17.44
CA VAL C 260 -10.95 22.64 -16.03
C VAL C 260 -10.69 21.30 -15.35
N GLY C 261 -10.13 21.36 -14.15
CA GLY C 261 -9.86 20.15 -13.42
C GLY C 261 -11.10 19.54 -12.80
N LEU C 262 -11.03 18.24 -12.57
CA LEU C 262 -12.15 17.51 -11.98
C LEU C 262 -12.52 18.06 -10.61
N GLY C 263 -11.51 18.45 -9.82
CA GLY C 263 -11.80 18.97 -8.49
C GLY C 263 -12.57 20.28 -8.52
N THR C 264 -12.13 21.21 -9.35
CA THR C 264 -12.81 22.49 -9.47
C THR C 264 -14.25 22.33 -9.94
N LEU C 265 -14.45 21.53 -10.98
CA LEU C 265 -15.79 21.31 -11.53
C LEU C 265 -16.73 20.64 -10.53
N SER C 266 -16.24 19.69 -9.74
CA SER C 266 -17.11 19.02 -8.78
C SER C 266 -17.61 19.97 -7.71
N VAL C 267 -16.71 20.77 -7.14
CA VAL C 267 -17.10 21.73 -6.10
C VAL C 267 -18.10 22.75 -6.62
N ASN C 268 -17.95 23.16 -7.88
CA ASN C 268 -18.85 24.15 -8.43
C ASN C 268 -20.28 23.64 -8.54
N ILE C 269 -20.49 22.43 -9.09
CA ILE C 269 -21.84 21.89 -9.17
C ILE C 269 -22.33 21.32 -7.85
N ALA C 270 -21.47 21.28 -6.82
CA ALA C 270 -21.82 20.71 -5.52
C ALA C 270 -22.05 19.21 -5.54
N GLU C 271 -21.38 18.50 -6.43
CA GLU C 271 -21.44 17.05 -6.46
C GLU C 271 -20.17 16.49 -5.82
N GLU C 272 -20.21 15.22 -5.47
CA GLU C 272 -19.02 14.58 -4.92
C GLU C 272 -18.08 14.15 -6.02
N ARG C 273 -16.77 14.30 -5.79
CA ARG C 273 -15.79 13.98 -6.82
C ARG C 273 -15.93 12.55 -7.34
N GLU C 274 -16.03 11.58 -6.43
CA GLU C 274 -16.22 10.19 -6.83
C GLU C 274 -17.46 10.00 -7.69
N THR C 275 -18.53 10.72 -7.40
CA THR C 275 -19.76 10.55 -8.16
C THR C 275 -19.64 11.11 -9.56
N VAL C 276 -19.08 12.31 -9.71
CA VAL C 276 -18.92 12.89 -11.03
C VAL C 276 -18.01 12.03 -11.91
N GLU C 277 -16.90 11.55 -11.36
CA GLU C 277 -15.96 10.75 -12.14
C GLU C 277 -16.52 9.39 -12.53
N ASP C 278 -17.09 8.65 -11.57
CA ASP C 278 -17.54 7.29 -11.85
C ASP C 278 -18.99 7.16 -12.29
N MET C 279 -19.83 8.16 -12.07
CA MET C 279 -21.24 8.03 -12.42
C MET C 279 -21.70 8.89 -13.59
N TYR C 280 -21.14 10.08 -13.80
CA TYR C 280 -21.58 10.97 -14.87
C TYR C 280 -20.62 11.12 -16.05
N GLU C 281 -19.31 11.17 -15.82
CA GLU C 281 -18.38 11.32 -16.94
C GLU C 281 -18.37 10.18 -17.94
N PRO C 282 -18.49 8.91 -17.56
CA PRO C 282 -18.32 7.84 -18.55
C PRO C 282 -19.21 7.95 -19.78
N TYR C 283 -20.50 8.24 -19.62
CA TYR C 283 -21.35 8.38 -20.79
C TYR C 283 -21.04 9.64 -21.59
N LEU C 284 -20.68 10.73 -20.91
CA LEU C 284 -20.34 11.96 -21.63
C LEU C 284 -19.09 11.79 -22.47
N ILE C 285 -18.11 11.03 -21.99
CA ILE C 285 -16.89 10.81 -22.77
C ILE C 285 -17.15 9.88 -23.95
N GLN C 286 -17.86 8.78 -23.74
CA GLN C 286 -18.09 7.84 -24.82
C GLN C 286 -18.90 8.45 -25.95
N LYS C 287 -19.86 9.31 -25.62
CA LYS C 287 -20.62 9.99 -26.66
C LYS C 287 -19.88 11.15 -27.30
N GLY C 288 -18.71 11.51 -26.79
CA GLY C 288 -17.92 12.57 -27.37
C GLY C 288 -18.32 13.98 -26.98
N PHE C 289 -19.02 14.16 -25.86
CA PHE C 289 -19.36 15.51 -25.43
C PHE C 289 -18.20 16.14 -24.66
N ILE C 290 -17.37 15.32 -24.04
CA ILE C 290 -16.23 15.76 -23.25
C ILE C 290 -14.98 14.99 -23.67
N MET C 291 -13.83 15.64 -23.54
CA MET C 291 -12.55 15.02 -23.80
C MET C 291 -11.59 15.33 -22.67
N ARG C 292 -10.84 14.32 -22.25
CA ARG C 292 -9.82 14.51 -21.23
C ARG C 292 -8.53 14.99 -21.90
N THR C 293 -7.85 15.91 -21.22
CA THR C 293 -6.62 16.51 -21.75
C THR C 293 -5.59 16.55 -20.64
N ARG C 294 -4.32 16.66 -21.05
CA ARG C 294 -3.23 16.72 -20.09
C ARG C 294 -3.42 17.81 -19.04
N THR C 295 -4.12 18.89 -19.40
CA THR C 295 -4.32 20.01 -18.49
C THR C 295 -5.74 20.09 -17.92
N GLY C 296 -6.60 19.16 -18.28
CA GLY C 296 -7.96 19.16 -17.80
C GLY C 296 -8.86 18.55 -18.86
N ARG C 297 -10.17 18.76 -18.69
CA ARG C 297 -11.13 18.29 -19.67
C ARG C 297 -11.88 19.48 -20.28
N VAL C 298 -12.25 19.33 -21.54
CA VAL C 298 -12.87 20.40 -22.32
C VAL C 298 -14.14 19.88 -22.97
N ALA C 299 -15.08 20.80 -23.22
CA ALA C 299 -16.31 20.48 -23.92
C ALA C 299 -16.08 20.56 -25.42
N THR C 300 -16.52 19.54 -26.13
CA THR C 300 -16.32 19.48 -27.58
C THR C 300 -17.40 20.26 -28.32
N ALA C 301 -17.15 20.47 -29.62
CA ALA C 301 -18.10 21.17 -30.47
C ALA C 301 -19.47 20.50 -30.46
N LYS C 302 -19.50 19.18 -30.28
CA LYS C 302 -20.77 18.47 -30.21
C LYS C 302 -21.59 18.94 -29.01
N ALA C 303 -20.93 19.29 -27.91
CA ALA C 303 -21.64 19.80 -26.74
C ALA C 303 -22.24 21.18 -27.00
N TYR C 304 -21.50 22.06 -27.68
CA TYR C 304 -22.02 23.39 -27.98
C TYR C 304 -23.26 23.31 -28.86
N GLU C 305 -23.19 22.54 -29.93
CA GLU C 305 -24.32 22.40 -30.84
C GLU C 305 -25.55 21.84 -30.14
N HIS C 306 -25.35 20.86 -29.25
CA HIS C 306 -26.48 20.28 -28.52
C HIS C 306 -27.10 21.24 -27.53
N MET C 307 -26.27 21.91 -26.72
CA MET C 307 -26.82 22.81 -25.72
C MET C 307 -27.35 24.11 -26.31
N GLY C 308 -27.01 24.43 -27.56
CA GLY C 308 -27.53 25.63 -28.19
C GLY C 308 -26.68 26.85 -27.94
N TYR C 309 -25.36 26.72 -28.06
CA TYR C 309 -24.42 27.80 -27.89
C TYR C 309 -23.60 27.99 -29.16
N ASP C 310 -23.16 29.22 -29.39
CA ASP C 310 -22.34 29.53 -30.55
C ASP C 310 -20.92 29.06 -30.28
N TYR C 311 -20.43 28.14 -31.10
CA TYR C 311 -19.10 27.60 -30.89
C TYR C 311 -18.04 28.64 -31.24
N THR C 312 -16.97 28.64 -30.46
CA THR C 312 -15.86 29.57 -30.64
C THR C 312 -14.57 28.80 -30.47
N ARG C 313 -13.70 28.85 -31.48
CA ARG C 313 -12.43 28.14 -31.43
C ARG C 313 -11.57 28.66 -30.28
N THR D 1 -4.83 -38.74 -27.04
CA THR D 1 -4.24 -37.59 -26.38
C THR D 1 -3.51 -36.69 -27.37
N LEU D 2 -3.39 -35.41 -27.01
CA LEU D 2 -2.72 -34.42 -27.83
C LEU D 2 -1.31 -34.11 -27.34
N ARG D 3 -0.74 -34.95 -26.49
CA ARG D 3 0.59 -34.69 -25.96
C ARG D 3 1.62 -35.66 -26.53
N PRO D 4 2.71 -35.17 -27.08
CA PRO D 4 3.77 -36.08 -27.55
C PRO D 4 4.31 -36.90 -26.40
N GLN D 5 4.80 -38.10 -26.72
CA GLN D 5 5.28 -39.02 -25.70
C GLN D 5 6.79 -39.22 -25.71
N TYR D 6 7.51 -38.81 -26.76
CA TYR D 6 8.95 -39.04 -26.81
C TYR D 6 9.62 -37.91 -27.57
N PHE D 7 10.94 -37.80 -27.41
CA PHE D 7 11.69 -36.77 -28.11
C PHE D 7 11.52 -36.87 -29.61
N LYS D 8 11.18 -38.05 -30.11
CA LYS D 8 10.91 -38.22 -31.53
C LYS D 8 9.74 -37.37 -31.99
N GLU D 9 8.75 -37.19 -31.13
CA GLU D 9 7.55 -36.43 -31.47
C GLU D 9 7.52 -35.02 -30.89
N TYR D 10 8.39 -34.69 -29.93
CA TYR D 10 8.37 -33.35 -29.34
C TYR D 10 8.89 -32.33 -30.34
N ILE D 11 7.96 -31.62 -30.99
CA ILE D 11 8.30 -30.60 -31.96
C ILE D 11 8.84 -29.36 -31.27
N GLY D 12 9.84 -28.72 -31.88
CA GLY D 12 10.44 -27.51 -31.33
C GLY D 12 11.31 -27.73 -30.10
N GLN D 13 11.63 -26.62 -29.43
CA GLN D 13 12.46 -26.65 -28.24
C GLN D 13 13.77 -27.38 -28.50
N ASP D 14 14.35 -27.16 -29.68
CA ASP D 14 15.56 -27.87 -30.08
C ASP D 14 16.72 -27.64 -29.12
N LYS D 15 16.90 -26.41 -28.61
CA LYS D 15 18.01 -26.18 -27.69
C LYS D 15 17.88 -26.98 -26.40
N VAL D 16 16.75 -26.85 -25.71
CA VAL D 16 16.57 -27.60 -24.47
C VAL D 16 16.49 -29.09 -24.75
N LYS D 17 15.88 -29.47 -25.86
CA LYS D 17 15.77 -30.88 -26.21
C LYS D 17 17.13 -31.49 -26.51
N ASP D 18 18.01 -30.75 -27.18
CA ASP D 18 19.35 -31.26 -27.47
C ASP D 18 20.16 -31.48 -26.19
N GLN D 19 20.12 -30.52 -25.28
CA GLN D 19 20.86 -30.64 -24.02
C GLN D 19 20.42 -31.84 -23.21
N LEU D 20 19.13 -31.97 -22.96
CA LEU D 20 18.62 -33.08 -22.16
C LEU D 20 18.93 -34.44 -22.76
N LYS D 21 18.92 -34.55 -24.09
CA LYS D 21 19.23 -35.84 -24.71
C LYS D 21 20.65 -36.31 -24.38
N ILE D 22 21.62 -35.41 -24.47
CA ILE D 22 23.00 -35.78 -24.15
C ILE D 22 23.13 -36.17 -22.68
N PHE D 23 22.56 -35.37 -21.79
CA PHE D 23 22.67 -35.67 -20.37
C PHE D 23 21.98 -36.97 -20.00
N ILE D 24 20.82 -37.24 -20.59
CA ILE D 24 20.11 -38.48 -20.26
C ILE D 24 20.94 -39.70 -20.66
N GLU D 25 21.52 -39.68 -21.86
CA GLU D 25 22.34 -40.81 -22.25
C GLU D 25 23.58 -40.94 -21.37
N ALA D 26 24.20 -39.82 -21.01
CA ALA D 26 25.38 -39.87 -20.15
C ALA D 26 25.04 -40.47 -18.80
N ALA D 27 23.87 -40.13 -18.26
CA ALA D 27 23.44 -40.73 -17.00
C ALA D 27 23.16 -42.21 -17.20
N LYS D 28 22.54 -42.57 -18.32
CA LYS D 28 22.28 -43.98 -18.60
C LYS D 28 23.57 -44.75 -18.83
N LEU D 29 24.62 -44.07 -19.29
CA LEU D 29 25.91 -44.74 -19.48
C LEU D 29 26.56 -45.09 -18.15
N ARG D 30 25.92 -44.71 -17.05
CA ARG D 30 26.40 -44.96 -15.70
C ARG D 30 25.19 -45.39 -14.90
N ASP D 31 25.42 -45.94 -13.72
CA ASP D 31 24.32 -46.35 -12.85
C ASP D 31 23.91 -45.19 -11.95
N GLU D 32 23.59 -44.06 -12.59
CA GLU D 32 23.26 -42.83 -11.88
C GLU D 32 21.95 -42.25 -12.40
N ALA D 33 21.22 -41.58 -11.51
CA ALA D 33 20.01 -40.89 -11.90
C ALA D 33 20.35 -39.52 -12.50
N LEU D 34 19.39 -38.96 -13.23
CA LEU D 34 19.59 -37.65 -13.82
C LEU D 34 19.66 -36.56 -12.75
N ASP D 35 20.48 -35.55 -13.01
CA ASP D 35 20.62 -34.44 -12.08
C ASP D 35 19.31 -33.67 -11.97
N HIS D 36 19.14 -33.00 -10.83
CA HIS D 36 17.95 -32.20 -10.59
C HIS D 36 17.79 -31.14 -11.67
N THR D 37 16.61 -31.08 -12.29
CA THR D 37 16.37 -30.19 -13.43
C THR D 37 15.28 -29.17 -13.10
N LEU D 38 15.47 -27.95 -13.60
CA LEU D 38 14.53 -26.86 -13.41
C LEU D 38 14.18 -26.26 -14.77
N LEU D 39 12.89 -26.12 -15.05
CA LEU D 39 12.39 -25.60 -16.32
C LEU D 39 11.84 -24.19 -16.15
N PHE D 40 12.34 -23.26 -16.98
CA PHE D 40 11.96 -21.86 -16.96
C PHE D 40 11.22 -21.50 -18.24
N GLY D 41 10.19 -20.66 -18.12
CA GLY D 41 9.48 -20.19 -19.27
C GLY D 41 8.06 -19.72 -19.02
N PRO D 42 7.52 -18.96 -19.95
CA PRO D 42 6.13 -18.48 -19.83
C PRO D 42 5.13 -19.62 -19.88
N PRO D 43 3.90 -19.38 -19.45
CA PRO D 43 2.90 -20.45 -19.42
C PRO D 43 2.46 -20.91 -20.80
N GLY D 44 2.18 -22.21 -20.90
CA GLY D 44 1.66 -22.83 -22.10
C GLY D 44 2.67 -23.26 -23.14
N LEU D 45 3.95 -23.30 -22.82
CA LEU D 45 4.95 -23.72 -23.80
C LEU D 45 5.22 -25.21 -23.82
N GLY D 46 4.69 -25.98 -22.88
CA GLY D 46 4.90 -27.41 -22.83
C GLY D 46 5.71 -27.95 -21.67
N LYS D 47 5.88 -27.19 -20.59
CA LYS D 47 6.65 -27.66 -19.44
C LYS D 47 6.12 -28.99 -18.92
N THR D 48 4.81 -29.08 -18.70
CA THR D 48 4.23 -30.33 -18.22
C THR D 48 4.47 -31.46 -19.21
N THR D 49 4.26 -31.20 -20.50
CA THR D 49 4.47 -32.24 -21.51
C THR D 49 5.91 -32.75 -21.48
N MET D 50 6.87 -31.84 -21.35
CA MET D 50 8.28 -32.24 -21.31
C MET D 50 8.56 -33.13 -20.11
N ALA D 51 7.91 -32.87 -18.99
CA ALA D 51 8.13 -33.70 -17.81
C ALA D 51 7.74 -35.15 -18.05
N PHE D 52 6.62 -35.39 -18.73
CA PHE D 52 6.24 -36.76 -19.05
C PHE D 52 7.25 -37.39 -19.99
N VAL D 53 7.72 -36.64 -20.99
CA VAL D 53 8.69 -37.18 -21.94
C VAL D 53 9.98 -37.57 -21.24
N ILE D 54 10.47 -36.73 -20.33
CA ILE D 54 11.71 -37.06 -19.62
C ILE D 54 11.55 -38.39 -18.88
N ALA D 55 10.40 -38.60 -18.23
CA ALA D 55 10.17 -39.86 -17.54
C ALA D 55 10.16 -41.02 -18.51
N ASN D 56 9.45 -40.88 -19.63
CA ASN D 56 9.41 -41.95 -20.61
C ASN D 56 10.77 -42.22 -21.22
N GLU D 57 11.54 -41.16 -21.49
CA GLU D 57 12.89 -41.36 -22.00
C GLU D 57 13.78 -42.04 -20.98
N MET D 58 13.64 -41.67 -19.70
CA MET D 58 14.39 -42.33 -18.65
C MET D 58 13.92 -43.76 -18.43
N GLY D 59 12.69 -44.08 -18.78
CA GLY D 59 12.16 -45.41 -18.58
C GLY D 59 11.85 -45.71 -17.14
N VAL D 60 11.35 -44.72 -16.40
CA VAL D 60 11.05 -44.87 -14.99
C VAL D 60 9.69 -44.28 -14.70
N ASN D 61 9.06 -44.75 -13.64
CA ASN D 61 7.76 -44.23 -13.25
C ASN D 61 7.87 -42.77 -12.82
N LEU D 62 6.74 -42.07 -12.89
CA LEU D 62 6.68 -40.65 -12.59
C LEU D 62 5.61 -40.35 -11.55
N LYS D 63 5.97 -39.57 -10.54
CA LYS D 63 5.04 -39.09 -9.52
C LYS D 63 4.82 -37.62 -9.77
N GLN D 64 3.55 -37.23 -9.93
CA GLN D 64 3.17 -35.87 -10.27
C GLN D 64 2.43 -35.22 -9.11
N THR D 65 2.79 -33.98 -8.81
CA THR D 65 2.17 -33.21 -7.73
C THR D 65 2.44 -31.73 -7.99
N SER D 66 1.87 -30.87 -7.15
CA SER D 66 2.06 -29.43 -7.29
C SER D 66 2.35 -28.79 -5.93
N GLY D 67 3.15 -27.73 -5.99
CA GLY D 67 3.56 -26.99 -4.82
C GLY D 67 2.46 -26.62 -3.85
N PRO D 68 1.35 -26.11 -4.38
CA PRO D 68 0.23 -25.74 -3.49
C PRO D 68 -0.34 -26.90 -2.69
N ALA D 69 -0.26 -28.12 -3.20
CA ALA D 69 -0.78 -29.29 -2.50
C ALA D 69 0.10 -29.76 -1.35
N ILE D 70 1.35 -29.30 -1.27
CA ILE D 70 2.27 -29.72 -0.22
C ILE D 70 2.15 -28.73 0.93
N GLU D 71 1.47 -29.17 2.00
CA GLU D 71 1.23 -28.33 3.16
C GLU D 71 2.16 -28.63 4.34
N LYS D 72 2.72 -29.83 4.43
CA LYS D 72 3.62 -30.17 5.53
C LYS D 72 4.76 -31.04 5.05
N ALA D 73 5.86 -30.99 5.81
CA ALA D 73 7.04 -31.78 5.50
C ALA D 73 6.76 -33.27 5.45
N GLY D 74 5.86 -33.76 6.29
CA GLY D 74 5.52 -35.17 6.26
C GLY D 74 5.04 -35.66 4.90
N ASP D 75 4.32 -34.81 4.17
CA ASP D 75 3.88 -35.20 2.84
C ASP D 75 5.06 -35.42 1.91
N LEU D 76 5.99 -34.47 1.88
CA LEU D 76 7.15 -34.59 1.02
C LEU D 76 7.96 -35.84 1.37
N VAL D 77 8.23 -36.06 2.65
CA VAL D 77 9.02 -37.25 3.04
C VAL D 77 8.23 -38.53 2.75
N ALA D 78 6.92 -38.51 3.00
CA ALA D 78 6.10 -39.69 2.71
C ALA D 78 6.06 -39.97 1.22
N ILE D 79 5.89 -38.92 0.41
CA ILE D 79 5.88 -39.08 -1.05
C ILE D 79 7.20 -39.65 -1.53
N LEU D 80 8.31 -39.14 -1.00
CA LEU D 80 9.62 -39.64 -1.38
C LEU D 80 9.80 -41.11 -0.99
N ASN D 81 9.18 -41.55 0.11
CA ASN D 81 9.28 -42.95 0.50
C ASN D 81 8.57 -43.88 -0.48
N ASP D 82 7.56 -43.39 -1.18
CA ASP D 82 6.86 -44.22 -2.15
C ASP D 82 7.67 -44.42 -3.43
N LEU D 83 8.76 -43.68 -3.59
CA LEU D 83 9.60 -43.77 -4.78
C LEU D 83 10.54 -44.97 -4.73
N GLU D 84 10.74 -45.59 -5.88
CA GLU D 84 11.66 -46.67 -6.15
C GLU D 84 12.96 -46.10 -6.70
N PRO D 85 14.04 -46.88 -6.70
CA PRO D 85 15.32 -46.35 -7.20
C PRO D 85 15.25 -45.76 -8.60
N GLY D 86 15.60 -44.49 -8.72
CA GLY D 86 15.58 -43.78 -9.98
C GLY D 86 14.28 -43.09 -10.32
N ASP D 87 13.25 -43.22 -9.49
CA ASP D 87 11.98 -42.58 -9.78
C ASP D 87 12.13 -41.08 -9.94
N ILE D 88 11.24 -40.48 -10.73
CA ILE D 88 11.24 -39.05 -11.00
C ILE D 88 10.08 -38.42 -10.25
N LEU D 89 10.38 -37.36 -9.49
CA LEU D 89 9.39 -36.58 -8.78
C LEU D 89 9.26 -35.23 -9.48
N PHE D 90 8.07 -34.94 -10.00
CA PHE D 90 7.81 -33.70 -10.69
C PHE D 90 6.94 -32.81 -9.80
N ILE D 91 7.41 -31.61 -9.53
CA ILE D 91 6.71 -30.64 -8.69
C ILE D 91 6.46 -29.39 -9.51
N ASP D 92 5.20 -29.15 -9.88
CA ASP D 92 4.87 -27.93 -10.58
C ASP D 92 4.76 -26.75 -9.62
N GLU D 93 4.97 -25.55 -10.15
CA GLU D 93 4.86 -24.33 -9.36
C GLU D 93 5.69 -24.41 -8.09
N ILE D 94 6.85 -25.05 -8.20
CA ILE D 94 7.75 -25.27 -7.07
C ILE D 94 8.08 -23.98 -6.33
N HIS D 95 7.92 -22.83 -7.00
CA HIS D 95 8.16 -21.56 -6.33
C HIS D 95 7.13 -21.24 -5.27
N ARG D 96 6.00 -21.95 -5.24
CA ARG D 96 4.94 -21.71 -4.26
C ARG D 96 5.02 -22.62 -3.04
N MET D 97 6.05 -23.43 -2.90
CA MET D 97 6.15 -24.30 -1.75
C MET D 97 6.37 -23.46 -0.49
N PRO D 98 5.84 -23.91 0.66
CA PRO D 98 6.06 -23.17 1.90
C PRO D 98 7.50 -23.30 2.39
N MET D 99 8.04 -22.19 2.86
CA MET D 99 9.43 -22.11 3.30
C MET D 99 9.79 -23.21 4.29
N ALA D 100 8.84 -23.64 5.13
CA ALA D 100 9.12 -24.70 6.09
C ALA D 100 9.51 -26.01 5.42
N VAL D 101 9.09 -26.23 4.18
CA VAL D 101 9.41 -27.46 3.46
C VAL D 101 10.73 -27.34 2.71
N GLU D 102 10.98 -26.17 2.12
CA GLU D 102 12.21 -25.93 1.38
C GLU D 102 13.46 -26.28 2.18
N GLU D 103 13.49 -25.91 3.47
CA GLU D 103 14.67 -26.21 4.30
C GLU D 103 14.90 -27.70 4.48
N VAL D 104 13.90 -28.54 4.23
CA VAL D 104 14.06 -29.98 4.34
C VAL D 104 14.47 -30.58 3.00
N LEU D 105 13.95 -30.02 1.91
CA LEU D 105 14.25 -30.51 0.58
C LEU D 105 15.75 -30.53 0.30
N TYR D 106 16.51 -29.60 0.89
CA TYR D 106 17.96 -29.57 0.69
C TYR D 106 18.61 -30.91 1.01
N SER D 107 18.24 -31.51 2.15
CA SER D 107 18.85 -32.78 2.53
C SER D 107 18.55 -33.89 1.53
N ALA D 108 17.30 -33.98 1.08
CA ALA D 108 16.93 -35.00 0.11
C ALA D 108 17.65 -34.80 -1.22
N MET D 109 17.74 -33.56 -1.70
CA MET D 109 18.41 -33.29 -2.97
C MET D 109 19.91 -33.50 -2.88
N GLU D 110 20.55 -32.98 -1.84
CA GLU D 110 22.00 -33.07 -1.75
C GLU D 110 22.48 -34.40 -1.17
N ASP D 111 21.79 -34.91 -0.16
CA ASP D 111 22.23 -36.13 0.53
C ASP D 111 21.38 -37.37 0.26
N TYR D 112 20.15 -37.23 -0.19
CA TYR D 112 19.24 -38.36 -0.35
C TYR D 112 18.96 -39.05 0.98
N TYR D 113 19.06 -38.32 2.08
CA TYR D 113 18.73 -38.85 3.40
C TYR D 113 18.35 -37.68 4.29
N ILE D 114 17.67 -37.99 5.39
CA ILE D 114 17.22 -36.99 6.35
C ILE D 114 17.66 -37.40 7.74
N ASP D 115 18.11 -36.42 8.52
CA ASP D 115 18.47 -36.59 9.93
C ASP D 115 17.66 -35.62 10.76
N ILE D 116 17.04 -36.12 11.81
CA ILE D 116 16.22 -35.32 12.72
C ILE D 116 16.90 -35.30 14.08
N MET D 117 17.06 -34.11 14.64
CA MET D 117 17.72 -33.91 15.92
C MET D 117 16.67 -33.59 16.98
N ILE D 118 16.82 -34.19 18.16
CA ILE D 118 15.93 -33.95 19.28
C ILE D 118 16.74 -33.81 20.56
N GLY D 119 16.14 -33.18 21.55
CA GLY D 119 16.77 -32.94 22.83
C GLY D 119 17.15 -31.47 23.02
N ALA D 120 17.24 -31.08 24.28
CA ALA D 120 17.55 -29.70 24.66
C ALA D 120 18.94 -29.26 24.25
N GLY D 121 19.84 -30.21 23.98
CA GLY D 121 21.21 -29.90 23.61
C GLY D 121 22.17 -30.56 24.58
N GLU D 122 21.80 -30.58 25.86
CA GLU D 122 22.62 -31.29 26.85
C GLU D 122 22.53 -32.79 26.60
N THR D 123 21.33 -33.28 26.34
CA THR D 123 21.05 -34.66 25.96
C THR D 123 20.39 -34.59 24.60
N SER D 124 20.95 -35.29 23.61
CA SER D 124 20.38 -35.26 22.27
C SER D 124 20.75 -36.53 21.53
N ARG D 125 19.93 -36.83 20.51
CA ARG D 125 20.13 -37.99 19.65
C ARG D 125 19.55 -37.66 18.29
N SER D 126 20.03 -38.37 17.27
CA SER D 126 19.54 -38.20 15.92
C SER D 126 18.88 -39.49 15.43
N VAL D 127 18.00 -39.33 14.44
CA VAL D 127 17.37 -40.44 13.74
C VAL D 127 17.58 -40.20 12.25
N HIS D 128 18.02 -41.23 11.54
CA HIS D 128 18.33 -41.14 10.13
C HIS D 128 17.30 -41.87 9.28
N LEU D 129 16.86 -41.20 8.21
CA LEU D 129 15.94 -41.77 7.24
C LEU D 129 16.67 -41.80 5.90
N ASP D 130 16.89 -42.99 5.36
CA ASP D 130 17.62 -43.14 4.11
C ASP D 130 16.63 -43.20 2.95
N LEU D 131 16.90 -42.41 1.91
CA LEU D 131 16.02 -42.36 0.76
C LEU D 131 16.69 -42.95 -0.48
N PRO D 132 15.92 -43.61 -1.34
CA PRO D 132 16.50 -44.14 -2.57
C PRO D 132 16.86 -43.02 -3.52
N PRO D 133 17.84 -43.22 -4.39
CA PRO D 133 18.21 -42.15 -5.34
C PRO D 133 17.01 -41.77 -6.19
N PHE D 134 16.88 -40.46 -6.45
CA PHE D 134 15.76 -39.97 -7.24
C PHE D 134 16.18 -38.67 -7.90
N THR D 135 15.37 -38.26 -8.88
CA THR D 135 15.60 -37.02 -9.63
C THR D 135 14.40 -36.11 -9.46
N LEU D 136 14.62 -34.91 -8.94
CA LEU D 136 13.57 -33.92 -8.82
C LEU D 136 13.54 -33.06 -10.08
N VAL D 137 12.34 -32.87 -10.63
CA VAL D 137 12.14 -32.00 -11.79
C VAL D 137 11.15 -30.93 -11.37
N GLY D 138 11.60 -29.68 -11.33
CA GLY D 138 10.76 -28.57 -10.96
C GLY D 138 10.42 -27.70 -12.17
N ALA D 139 9.19 -27.22 -12.21
CA ALA D 139 8.73 -26.31 -13.25
C ALA D 139 8.31 -25.03 -12.57
N THR D 140 8.75 -23.89 -13.09
CA THR D 140 8.39 -22.63 -12.47
C THR D 140 8.29 -21.51 -13.50
N THR D 141 7.31 -20.65 -13.29
CA THR D 141 7.11 -19.47 -14.12
C THR D 141 7.94 -18.29 -13.64
N ARG D 142 8.36 -18.29 -12.38
CA ARG D 142 9.16 -17.21 -11.81
C ARG D 142 10.42 -17.81 -11.19
N ALA D 143 11.58 -17.48 -11.75
CA ALA D 143 12.86 -17.95 -11.23
C ALA D 143 13.39 -17.06 -10.12
N GLY D 144 13.24 -15.75 -10.29
CA GLY D 144 13.80 -14.78 -9.34
C GLY D 144 13.40 -14.98 -7.89
N MET D 145 12.24 -15.58 -7.62
CA MET D 145 11.84 -15.78 -6.24
C MET D 145 12.40 -17.04 -5.59
N LEU D 146 13.08 -17.91 -6.32
CA LEU D 146 13.68 -19.08 -5.70
C LEU D 146 14.95 -18.69 -4.95
N SER D 147 15.03 -19.09 -3.69
CA SER D 147 16.17 -18.76 -2.85
C SER D 147 17.46 -19.33 -3.42
N ASN D 148 18.56 -18.62 -3.14
CA ASN D 148 19.87 -19.06 -3.61
C ASN D 148 20.25 -20.46 -3.14
N PRO D 149 19.97 -20.88 -1.92
CA PRO D 149 20.34 -22.26 -1.53
C PRO D 149 19.64 -23.32 -2.37
N LEU D 150 18.36 -23.14 -2.70
CA LEU D 150 17.68 -24.11 -3.53
C LEU D 150 18.19 -24.06 -4.96
N ARG D 151 18.32 -22.85 -5.50
CA ARG D 151 18.80 -22.68 -6.87
C ARG D 151 20.16 -23.36 -7.06
N ALA D 152 21.02 -23.29 -6.05
CA ALA D 152 22.34 -23.90 -6.14
C ALA D 152 22.28 -25.42 -6.22
N ARG D 153 21.22 -26.05 -5.72
CA ARG D 153 21.13 -27.50 -5.82
C ARG D 153 20.73 -27.99 -7.21
N PHE D 154 19.93 -27.21 -7.94
CA PHE D 154 19.53 -27.60 -9.28
C PHE D 154 20.71 -27.49 -10.24
N GLY D 155 21.08 -28.62 -10.85
CA GLY D 155 22.21 -28.73 -11.74
C GLY D 155 21.94 -28.51 -13.22
N ILE D 156 20.69 -28.52 -13.64
CA ILE D 156 20.34 -28.31 -15.05
C ILE D 156 19.24 -27.26 -15.14
N ASN D 157 19.43 -26.30 -16.03
CA ASN D 157 18.47 -25.23 -16.28
C ASN D 157 18.04 -25.31 -17.74
N GLY D 158 16.73 -25.23 -17.97
CA GLY D 158 16.21 -25.30 -19.32
C GLY D 158 15.27 -24.17 -19.63
N HIS D 159 15.70 -23.26 -20.50
CA HIS D 159 14.87 -22.14 -20.93
C HIS D 159 13.95 -22.56 -22.06
N MET D 160 12.64 -22.43 -21.85
CA MET D 160 11.66 -22.69 -22.90
C MET D 160 11.49 -21.42 -23.71
N GLU D 161 11.18 -21.57 -25.00
CA GLU D 161 11.02 -20.42 -25.87
C GLU D 161 9.79 -20.55 -26.74
N TYR D 162 9.32 -19.40 -27.22
CA TYR D 162 8.16 -19.36 -28.12
C TYR D 162 8.48 -20.06 -29.44
N TYR D 163 7.51 -20.85 -29.91
CA TYR D 163 7.69 -21.62 -31.12
C TYR D 163 7.65 -20.72 -32.35
N GLU D 164 8.50 -21.02 -33.33
CA GLU D 164 8.55 -20.26 -34.57
C GLU D 164 7.52 -20.78 -35.57
N LEU D 165 7.19 -19.92 -36.53
CA LEU D 165 6.17 -20.27 -37.52
C LEU D 165 6.39 -21.61 -38.21
N PRO D 166 7.59 -21.99 -38.64
CA PRO D 166 7.73 -23.28 -39.32
C PRO D 166 7.42 -24.47 -38.44
N ASP D 167 7.68 -24.36 -37.13
CA ASP D 167 7.39 -25.44 -36.20
C ASP D 167 5.96 -25.39 -35.70
N LEU D 168 5.47 -24.18 -35.40
CA LEU D 168 4.10 -24.03 -34.95
C LEU D 168 3.13 -24.47 -36.04
N THR D 169 3.53 -24.32 -37.29
CA THR D 169 2.72 -24.81 -38.40
C THR D 169 2.62 -26.34 -38.38
N GLU D 170 3.72 -27.01 -38.03
CA GLU D 170 3.72 -28.46 -37.96
C GLU D 170 2.84 -28.97 -36.82
N ILE D 171 2.75 -28.23 -35.72
CA ILE D 171 1.87 -28.62 -34.63
C ILE D 171 0.42 -28.61 -35.08
N VAL D 172 0.04 -27.63 -35.91
CA VAL D 172 -1.31 -27.58 -36.45
C VAL D 172 -1.56 -28.77 -37.36
N GLU D 173 -0.63 -29.04 -38.27
CA GLU D 173 -0.78 -30.19 -39.18
C GLU D 173 -0.98 -31.47 -38.38
N ARG D 174 -0.14 -31.71 -37.39
CA ARG D 174 -0.29 -32.90 -36.56
C ARG D 174 -1.66 -32.97 -35.90
N THR D 175 -2.10 -31.87 -35.30
CA THR D 175 -3.40 -31.86 -34.62
C THR D 175 -4.53 -32.08 -35.60
N SER D 176 -4.42 -31.54 -36.81
CA SER D 176 -5.47 -31.73 -37.80
C SER D 176 -5.62 -33.19 -38.22
N GLU D 177 -4.56 -34.00 -38.09
CA GLU D 177 -4.66 -35.40 -38.43
C GLU D 177 -5.23 -36.23 -37.29
N ILE D 178 -5.28 -35.68 -36.07
CA ILE D 178 -5.93 -36.39 -34.97
C ILE D 178 -7.42 -36.39 -35.19
N PHE D 179 -7.96 -35.28 -35.67
CA PHE D 179 -9.35 -35.19 -36.07
C PHE D 179 -9.44 -35.83 -37.46
N GLU D 180 -10.59 -35.70 -38.11
CA GLU D 180 -10.81 -36.24 -39.44
C GLU D 180 -10.74 -35.17 -40.53
N MET D 181 -10.04 -34.07 -40.31
CA MET D 181 -10.05 -32.95 -41.24
C MET D 181 -8.76 -32.81 -42.04
N THR D 182 -8.95 -32.52 -43.33
CA THR D 182 -7.87 -32.23 -44.25
C THR D 182 -7.60 -30.74 -44.22
N ILE D 183 -6.33 -30.34 -44.10
CA ILE D 183 -5.97 -28.93 -44.07
C ILE D 183 -4.81 -28.68 -45.03
N THR D 184 -4.95 -27.65 -45.85
CA THR D 184 -3.93 -27.26 -46.80
C THR D 184 -2.75 -26.59 -46.10
N PRO D 185 -1.52 -26.88 -46.53
CA PRO D 185 -0.35 -26.25 -45.89
C PRO D 185 -0.39 -24.73 -45.80
N GLU D 186 -0.90 -24.06 -46.84
CA GLU D 186 -1.02 -22.61 -46.79
C GLU D 186 -2.02 -22.18 -45.71
N ALA D 187 -3.10 -22.94 -45.55
CA ALA D 187 -4.06 -22.61 -44.50
C ALA D 187 -3.46 -22.81 -43.12
N ALA D 188 -2.70 -23.90 -42.94
CA ALA D 188 -2.06 -24.14 -41.65
C ALA D 188 -1.13 -23.01 -41.26
N LEU D 189 -0.45 -22.42 -42.24
CA LEU D 189 0.43 -21.30 -41.93
C LEU D 189 -0.37 -20.09 -41.47
N GLU D 190 -1.54 -19.86 -42.06
CA GLU D 190 -2.36 -18.71 -41.66
C GLU D 190 -2.79 -18.82 -40.20
N LEU D 191 -3.13 -20.01 -39.74
CA LEU D 191 -3.47 -20.17 -38.33
C LEU D 191 -2.25 -20.00 -37.43
N ALA D 192 -1.12 -20.57 -37.82
CA ALA D 192 0.10 -20.45 -37.03
C ALA D 192 0.53 -18.99 -36.88
N ARG D 193 0.43 -18.24 -37.97
CA ARG D 193 0.82 -16.83 -37.94
C ARG D 193 0.04 -16.04 -36.91
N ARG D 194 -1.20 -16.44 -36.61
CA ARG D 194 -2.06 -15.75 -35.67
C ARG D 194 -2.14 -16.43 -34.30
N SER D 195 -1.36 -17.48 -34.06
CA SER D 195 -1.43 -18.21 -32.81
C SER D 195 -0.58 -17.62 -31.69
N ARG D 196 -0.05 -16.41 -31.86
CA ARG D 196 0.75 -15.76 -30.84
C ARG D 196 1.92 -16.62 -30.36
N GLY D 197 2.33 -17.61 -31.14
CA GLY D 197 3.45 -18.46 -30.77
C GLY D 197 3.19 -19.50 -29.70
N THR D 198 1.94 -19.72 -29.31
CA THR D 198 1.65 -20.67 -28.24
C THR D 198 0.89 -21.87 -28.79
N PRO D 199 1.34 -23.10 -28.55
CA PRO D 199 0.60 -24.26 -29.07
C PRO D 199 -0.83 -24.33 -28.61
N ARG D 200 -1.10 -24.02 -27.35
CA ARG D 200 -2.47 -24.05 -26.86
C ARG D 200 -3.38 -23.10 -27.63
N ILE D 201 -2.85 -21.95 -28.05
CA ILE D 201 -3.67 -21.02 -28.81
C ILE D 201 -3.95 -21.55 -30.21
N ALA D 202 -2.94 -22.16 -30.84
CA ALA D 202 -3.14 -22.73 -32.17
C ALA D 202 -4.21 -23.80 -32.16
N ASN D 203 -4.21 -24.66 -31.14
CA ASN D 203 -5.22 -25.70 -31.04
C ASN D 203 -6.61 -25.10 -30.88
N ARG D 204 -6.74 -24.07 -30.05
CA ARG D 204 -8.03 -23.43 -29.86
C ARG D 204 -8.55 -22.83 -31.16
N LEU D 205 -7.69 -22.15 -31.91
CA LEU D 205 -8.10 -21.60 -33.21
C LEU D 205 -8.52 -22.70 -34.17
N LEU D 206 -7.74 -23.78 -34.25
CA LEU D 206 -8.09 -24.86 -35.15
C LEU D 206 -9.47 -25.44 -34.85
N LYS D 207 -9.79 -25.62 -33.57
CA LYS D 207 -11.12 -26.12 -33.22
C LYS D 207 -12.21 -25.19 -33.73
N ARG D 208 -12.04 -23.89 -33.54
CA ARG D 208 -13.05 -22.94 -34.01
C ARG D 208 -13.16 -22.93 -35.54
N VAL D 209 -12.03 -22.99 -36.23
CA VAL D 209 -12.07 -23.03 -37.70
C VAL D 209 -12.73 -24.32 -38.17
N ARG D 210 -12.49 -25.43 -37.48
CA ARG D 210 -13.15 -26.68 -37.83
C ARG D 210 -14.66 -26.56 -37.76
N ASP D 211 -15.19 -25.99 -36.67
CA ASP D 211 -16.64 -25.85 -36.54
C ASP D 211 -17.24 -25.08 -37.70
N TYR D 212 -16.61 -23.98 -38.11
CA TYR D 212 -17.12 -23.22 -39.25
C TYR D 212 -17.02 -24.01 -40.53
N ALA D 213 -15.86 -24.61 -40.80
CA ALA D 213 -15.66 -25.33 -42.06
C ALA D 213 -16.62 -26.49 -42.25
N GLN D 214 -17.16 -27.08 -41.19
CA GLN D 214 -18.07 -28.20 -41.35
C GLN D 214 -19.55 -27.82 -41.27
N ILE D 215 -19.87 -26.55 -41.04
CA ILE D 215 -21.24 -26.07 -40.99
C ILE D 215 -21.52 -25.10 -42.12
N MET D 216 -20.57 -24.23 -42.43
CA MET D 216 -20.68 -23.24 -43.49
C MET D 216 -19.89 -23.65 -44.72
N GLY D 217 -19.40 -24.89 -44.76
CA GLY D 217 -18.60 -25.40 -45.85
C GLY D 217 -18.72 -26.90 -45.98
N ASP D 218 -17.79 -27.54 -46.71
CA ASP D 218 -17.84 -28.97 -46.96
C ASP D 218 -17.02 -29.79 -45.98
N GLY D 219 -16.60 -29.22 -44.85
CA GLY D 219 -15.79 -29.97 -43.92
C GLY D 219 -14.34 -30.12 -44.32
N VAL D 220 -13.81 -29.19 -45.10
CA VAL D 220 -12.42 -29.19 -45.53
C VAL D 220 -11.89 -27.78 -45.30
N ILE D 221 -10.70 -27.67 -44.74
CA ILE D 221 -10.10 -26.37 -44.46
C ILE D 221 -9.14 -26.05 -45.60
N ASP D 222 -9.65 -25.33 -46.59
CA ASP D 222 -8.86 -24.83 -47.70
C ASP D 222 -8.51 -23.37 -47.41
N ASP D 223 -7.69 -22.79 -48.29
CA ASP D 223 -7.29 -21.40 -48.08
C ASP D 223 -8.48 -20.45 -48.07
N LYS D 224 -9.51 -20.73 -48.87
CA LYS D 224 -10.68 -19.86 -48.91
C LYS D 224 -11.53 -19.95 -47.64
N ILE D 225 -11.80 -21.17 -47.18
CA ILE D 225 -12.57 -21.34 -45.96
C ILE D 225 -11.83 -20.77 -44.76
N ALA D 226 -10.51 -20.94 -44.72
CA ALA D 226 -9.73 -20.36 -43.63
C ALA D 226 -9.88 -18.85 -43.58
N ASP D 227 -9.89 -18.19 -44.74
CA ASP D 227 -10.09 -16.75 -44.76
C ASP D 227 -11.46 -16.35 -44.23
N GLN D 228 -12.50 -17.08 -44.62
CA GLN D 228 -13.83 -16.75 -44.11
C GLN D 228 -13.91 -16.96 -42.60
N ALA D 229 -13.38 -18.09 -42.12
CA ALA D 229 -13.40 -18.34 -40.68
C ALA D 229 -12.62 -17.27 -39.93
N LEU D 230 -11.43 -16.94 -40.41
CA LEU D 230 -10.63 -15.88 -39.79
C LEU D 230 -11.23 -14.51 -40.02
N THR D 231 -12.39 -14.42 -40.65
CA THR D 231 -13.13 -13.18 -40.84
C THR D 231 -14.32 -13.09 -39.94
N MET D 232 -14.98 -14.21 -39.65
CA MET D 232 -16.07 -14.20 -38.68
C MET D 232 -15.49 -13.82 -37.33
N LEU D 233 -14.41 -14.50 -36.93
CA LEU D 233 -13.64 -14.07 -35.78
C LEU D 233 -12.81 -12.90 -36.28
N ASP D 234 -12.71 -11.84 -35.50
CA ASP D 234 -12.03 -10.63 -35.94
C ASP D 234 -10.52 -10.67 -35.70
N VAL D 235 -9.92 -11.85 -35.59
CA VAL D 235 -8.49 -11.96 -35.31
C VAL D 235 -7.70 -11.44 -36.51
N ASP D 236 -6.97 -10.34 -36.30
CA ASP D 236 -6.15 -9.71 -37.33
C ASP D 236 -4.99 -10.62 -37.74
N HIS D 237 -4.40 -10.31 -38.92
CA HIS D 237 -3.29 -11.10 -39.42
C HIS D 237 -2.07 -11.05 -38.50
N GLU D 238 -2.01 -10.11 -37.57
CA GLU D 238 -0.98 -10.09 -36.55
C GLU D 238 -1.45 -10.72 -35.25
N GLY D 239 -2.66 -11.25 -35.23
CA GLY D 239 -3.24 -11.87 -34.06
C GLY D 239 -3.96 -10.92 -33.14
N LEU D 240 -4.18 -9.68 -33.55
CA LEU D 240 -4.85 -8.70 -32.72
C LEU D 240 -6.36 -8.93 -32.72
N ASP D 241 -6.94 -8.94 -31.53
CA ASP D 241 -8.39 -9.06 -31.41
C ASP D 241 -9.05 -7.78 -31.89
N TYR D 242 -10.38 -7.80 -31.90
CA TYR D 242 -11.13 -6.59 -32.23
C TYR D 242 -10.82 -5.48 -31.24
N VAL D 243 -10.81 -5.81 -29.95
CA VAL D 243 -10.52 -4.82 -28.92
C VAL D 243 -9.07 -4.35 -28.99
N ASP D 244 -8.14 -5.24 -29.33
CA ASP D 244 -6.75 -4.83 -29.47
C ASP D 244 -6.57 -3.76 -30.53
N GLN D 245 -7.24 -3.91 -31.67
CA GLN D 245 -7.17 -2.90 -32.71
C GLN D 245 -7.81 -1.59 -32.25
N LYS D 246 -8.91 -1.69 -31.51
CA LYS D 246 -9.58 -0.49 -31.02
C LYS D 246 -8.71 0.31 -30.07
N ILE D 247 -7.88 -0.36 -29.28
CA ILE D 247 -6.98 0.36 -28.38
C ILE D 247 -6.00 1.21 -29.19
N LEU D 248 -5.27 0.58 -30.12
CA LEU D 248 -4.29 1.32 -30.90
C LEU D 248 -4.94 2.44 -31.71
N ARG D 249 -6.09 2.18 -32.31
CA ARG D 249 -6.76 3.23 -33.08
C ARG D 249 -7.09 4.43 -32.20
N THR D 250 -7.58 4.19 -30.98
CA THR D 250 -7.92 5.29 -30.08
C THR D 250 -6.69 6.11 -29.71
N MET D 251 -5.56 5.46 -29.42
CA MET D 251 -4.36 6.20 -29.07
C MET D 251 -3.87 7.07 -30.23
N ILE D 252 -3.91 6.53 -31.44
CA ILE D 252 -3.44 7.27 -32.61
C ILE D 252 -4.42 8.37 -33.02
N GLU D 253 -5.72 8.05 -33.03
CA GLU D 253 -6.72 9.01 -33.50
C GLU D 253 -7.02 10.13 -32.51
N MET D 254 -7.19 9.83 -31.23
CA MET D 254 -7.65 10.83 -30.29
C MET D 254 -6.57 11.45 -29.41
N TYR D 255 -5.39 10.83 -29.30
CA TYR D 255 -4.35 11.37 -28.44
C TYR D 255 -3.01 11.56 -29.16
N GLY D 256 -2.97 11.37 -30.47
CA GLY D 256 -1.73 11.54 -31.19
C GLY D 256 -0.62 10.64 -30.70
N GLY D 257 -0.96 9.46 -30.21
CA GLY D 257 0.02 8.52 -29.70
C GLY D 257 0.28 8.60 -28.21
N GLY D 258 -0.25 9.59 -27.51
CA GLY D 258 -0.03 9.71 -26.09
C GLY D 258 1.05 10.71 -25.75
N PRO D 259 1.53 10.69 -24.51
CA PRO D 259 1.16 9.77 -23.42
C PRO D 259 -0.30 9.88 -23.02
N VAL D 260 -0.90 8.77 -22.61
CA VAL D 260 -2.28 8.72 -22.14
C VAL D 260 -2.34 7.77 -20.95
N GLY D 261 -3.09 8.16 -19.93
CA GLY D 261 -3.20 7.33 -18.74
C GLY D 261 -4.09 6.12 -18.94
N LEU D 262 -3.90 5.14 -18.06
CA LEU D 262 -4.68 3.92 -18.11
C LEU D 262 -6.17 4.20 -17.91
N GLY D 263 -6.50 5.07 -16.95
CA GLY D 263 -7.90 5.38 -16.70
C GLY D 263 -8.57 6.08 -17.87
N THR D 264 -7.90 7.08 -18.44
CA THR D 264 -8.46 7.80 -19.58
C THR D 264 -8.70 6.88 -20.75
N LEU D 265 -7.77 5.97 -21.02
CA LEU D 265 -7.91 5.01 -22.11
C LEU D 265 -9.03 4.00 -21.84
N SER D 266 -9.19 3.57 -20.58
CA SER D 266 -10.21 2.58 -20.27
C SER D 266 -11.63 3.09 -20.52
N VAL D 267 -11.94 4.32 -20.12
CA VAL D 267 -13.29 4.82 -20.33
C VAL D 267 -13.61 5.01 -21.79
N ASN D 268 -12.62 5.37 -22.62
CA ASN D 268 -12.89 5.55 -24.04
C ASN D 268 -13.36 4.24 -24.69
N ILE D 269 -12.67 3.14 -24.40
CA ILE D 269 -13.06 1.86 -24.96
C ILE D 269 -14.13 1.16 -24.14
N ALA D 270 -14.61 1.79 -23.07
CA ALA D 270 -15.63 1.21 -22.20
C ALA D 270 -15.20 -0.13 -21.61
N GLU D 271 -14.02 -0.16 -20.99
CA GLU D 271 -13.50 -1.37 -20.39
C GLU D 271 -13.03 -1.06 -18.99
N GLU D 272 -12.90 -2.11 -18.18
CA GLU D 272 -12.40 -1.99 -16.81
C GLU D 272 -10.88 -1.89 -16.81
N ARG D 273 -10.34 -1.05 -15.92
CA ARG D 273 -8.89 -0.89 -15.81
C ARG D 273 -8.17 -2.22 -15.78
N GLU D 274 -8.64 -3.14 -14.94
CA GLU D 274 -7.97 -4.44 -14.81
C GLU D 274 -7.91 -5.19 -16.12
N THR D 275 -8.97 -5.17 -16.90
CA THR D 275 -8.97 -5.88 -18.17
C THR D 275 -7.92 -5.32 -19.13
N VAL D 276 -7.83 -4.00 -19.24
CA VAL D 276 -6.86 -3.40 -20.15
C VAL D 276 -5.43 -3.74 -19.71
N GLU D 277 -5.14 -3.59 -18.42
CA GLU D 277 -3.79 -3.82 -17.94
C GLU D 277 -3.39 -5.30 -17.88
N ASP D 278 -4.33 -6.22 -17.71
CA ASP D 278 -3.98 -7.63 -17.62
C ASP D 278 -4.33 -8.50 -18.83
N MET D 279 -5.43 -8.24 -19.53
CA MET D 279 -5.73 -9.09 -20.69
C MET D 279 -5.07 -8.64 -21.99
N TYR D 280 -5.17 -7.35 -22.32
CA TYR D 280 -4.72 -6.86 -23.62
C TYR D 280 -3.33 -6.22 -23.63
N GLU D 281 -3.04 -5.37 -22.66
CA GLU D 281 -1.75 -4.66 -22.67
C GLU D 281 -0.53 -5.55 -22.72
N PRO D 282 -0.46 -6.69 -22.03
CA PRO D 282 0.80 -7.47 -22.03
C PRO D 282 1.26 -7.94 -23.40
N TYR D 283 0.37 -8.45 -24.25
CA TYR D 283 0.80 -8.88 -25.58
C TYR D 283 1.20 -7.72 -26.47
N LEU D 284 0.52 -6.58 -26.36
CA LEU D 284 0.88 -5.43 -27.16
C LEU D 284 2.28 -4.93 -26.84
N ILE D 285 2.71 -5.06 -25.59
CA ILE D 285 4.05 -4.65 -25.21
C ILE D 285 5.10 -5.59 -25.79
N GLN D 286 4.85 -6.90 -25.72
CA GLN D 286 5.81 -7.86 -26.28
C GLN D 286 6.04 -7.59 -27.77
N LYS D 287 4.98 -7.34 -28.52
CA LYS D 287 5.13 -7.03 -29.93
C LYS D 287 5.75 -5.66 -30.16
N GLY D 288 5.89 -4.85 -29.11
CA GLY D 288 6.48 -3.53 -29.23
C GLY D 288 5.57 -2.47 -29.80
N PHE D 289 4.26 -2.67 -29.77
CA PHE D 289 3.33 -1.68 -30.30
C PHE D 289 3.13 -0.50 -29.35
N ILE D 290 3.31 -0.69 -28.04
CA ILE D 290 3.16 0.38 -27.07
C ILE D 290 4.25 0.28 -26.03
N MET D 291 4.49 1.39 -25.34
CA MET D 291 5.49 1.49 -24.30
C MET D 291 4.86 2.16 -23.09
N ARG D 292 5.42 1.89 -21.92
CA ARG D 292 4.93 2.46 -20.68
C ARG D 292 5.91 3.52 -20.18
N THR D 293 5.38 4.69 -19.86
CA THR D 293 6.18 5.83 -19.41
C THR D 293 5.54 6.40 -18.16
N ARG D 294 6.33 7.16 -17.40
CA ARG D 294 5.82 7.76 -16.19
C ARG D 294 4.60 8.65 -16.45
N THR D 295 4.45 9.16 -17.67
CA THR D 295 3.33 10.00 -18.02
C THR D 295 2.19 9.23 -18.70
N GLY D 296 2.34 7.94 -18.93
CA GLY D 296 1.31 7.14 -19.56
C GLY D 296 1.83 6.31 -20.72
N ARG D 297 0.93 5.52 -21.29
CA ARG D 297 1.25 4.68 -22.42
C ARG D 297 1.44 5.52 -23.68
N VAL D 298 2.32 5.05 -24.56
CA VAL D 298 2.60 5.74 -25.83
C VAL D 298 2.73 4.71 -26.93
N ALA D 299 2.21 5.03 -28.11
CA ALA D 299 2.29 4.15 -29.26
C ALA D 299 3.60 4.37 -30.01
N THR D 300 4.20 3.28 -30.48
CA THR D 300 5.46 3.33 -31.19
C THR D 300 5.27 3.32 -32.70
N ALA D 301 6.35 3.64 -33.42
CA ALA D 301 6.32 3.68 -34.88
C ALA D 301 5.90 2.35 -35.48
N LYS D 302 6.18 1.25 -34.79
CA LYS D 302 5.75 -0.07 -35.28
C LYS D 302 4.23 -0.16 -35.36
N ALA D 303 3.53 0.47 -34.43
CA ALA D 303 2.06 0.45 -34.45
C ALA D 303 1.50 1.28 -35.60
N TYR D 304 2.11 2.43 -35.88
CA TYR D 304 1.62 3.28 -36.96
C TYR D 304 1.60 2.57 -38.30
N GLU D 305 2.71 1.93 -38.68
CA GLU D 305 2.73 1.24 -39.96
C GLU D 305 1.82 0.03 -40.00
N HIS D 306 1.51 -0.58 -38.85
CA HIS D 306 0.61 -1.72 -38.88
C HIS D 306 -0.84 -1.28 -39.07
N MET D 307 -1.27 -0.25 -38.35
CA MET D 307 -2.63 0.25 -38.49
C MET D 307 -2.82 1.05 -39.78
N GLY D 308 -1.72 1.48 -40.41
CA GLY D 308 -1.81 2.22 -41.65
C GLY D 308 -1.91 3.73 -41.53
N TYR D 309 -1.35 4.32 -40.48
CA TYR D 309 -1.41 5.76 -40.26
C TYR D 309 -0.02 6.35 -40.43
N ASP D 310 0.04 7.56 -40.97
CA ASP D 310 1.32 8.24 -41.13
C ASP D 310 1.89 8.64 -39.78
N TYR D 311 3.22 8.60 -39.68
CA TYR D 311 3.92 8.86 -38.43
C TYR D 311 4.87 10.05 -38.56
N THR D 312 5.00 10.78 -37.45
CA THR D 312 5.91 11.91 -37.36
C THR D 312 6.41 11.99 -35.93
N ARG D 313 7.70 12.25 -35.76
CA ARG D 313 8.26 12.37 -34.42
C ARG D 313 7.66 13.56 -33.69
N THR E 1 35.15 -32.53 0.67
CA THR E 1 34.21 -31.67 -0.03
C THR E 1 34.96 -30.73 -0.98
N LEU E 2 34.21 -30.11 -1.89
CA LEU E 2 34.82 -29.20 -2.85
C LEU E 2 35.35 -27.93 -2.21
N ARG E 3 34.63 -27.36 -1.25
CA ARG E 3 35.09 -26.10 -0.67
C ARG E 3 36.25 -26.29 0.32
N PRO E 4 37.26 -25.42 0.24
CA PRO E 4 38.43 -25.50 1.11
C PRO E 4 38.09 -25.35 2.58
N GLN E 5 39.02 -25.83 3.43
CA GLN E 5 38.84 -25.79 4.87
C GLN E 5 39.77 -24.82 5.60
N TYR E 6 40.85 -24.35 4.98
CA TYR E 6 41.78 -23.45 5.66
C TYR E 6 42.31 -22.41 4.69
N PHE E 7 42.86 -21.33 5.25
CA PHE E 7 43.42 -20.28 4.40
C PHE E 7 44.50 -20.83 3.48
N LYS E 8 45.15 -21.91 3.86
CA LYS E 8 46.14 -22.52 2.99
C LYS E 8 45.51 -23.02 1.70
N GLU E 9 44.24 -23.44 1.77
CA GLU E 9 43.50 -23.92 0.62
C GLU E 9 42.65 -22.86 -0.06
N TYR E 10 42.30 -21.77 0.63
CA TYR E 10 41.43 -20.75 0.05
C TYR E 10 42.24 -19.91 -0.95
N ILE E 11 41.96 -20.11 -2.22
CA ILE E 11 42.63 -19.38 -3.31
C ILE E 11 42.00 -18.01 -3.49
N GLY E 12 42.83 -17.01 -3.82
CA GLY E 12 42.39 -15.66 -4.08
C GLY E 12 41.98 -14.85 -2.85
N GLN E 13 41.30 -13.74 -3.13
CA GLN E 13 40.84 -12.82 -2.09
C GLN E 13 41.99 -12.41 -1.17
N ASP E 14 43.17 -12.18 -1.76
CA ASP E 14 44.35 -11.87 -0.96
C ASP E 14 44.10 -10.76 0.04
N LYS E 15 43.41 -9.68 -0.36
CA LYS E 15 43.15 -8.59 0.57
C LYS E 15 42.33 -9.06 1.76
N VAL E 16 41.16 -9.63 1.49
CA VAL E 16 40.30 -10.10 2.59
C VAL E 16 41.01 -11.19 3.37
N LYS E 17 41.63 -12.13 2.66
CA LYS E 17 42.33 -13.23 3.31
C LYS E 17 43.50 -12.72 4.16
N ASP E 18 44.25 -11.76 3.64
CA ASP E 18 45.38 -11.22 4.40
C ASP E 18 44.93 -10.43 5.63
N GLN E 19 43.85 -9.66 5.50
CA GLN E 19 43.34 -8.91 6.65
C GLN E 19 42.87 -9.84 7.77
N LEU E 20 42.00 -10.78 7.44
CA LEU E 20 41.46 -11.69 8.45
C LEU E 20 42.55 -12.49 9.15
N LYS E 21 43.60 -12.88 8.43
CA LYS E 21 44.68 -13.61 9.08
C LYS E 21 45.27 -12.83 10.26
N ILE E 22 45.53 -11.53 10.06
CA ILE E 22 46.07 -10.73 11.15
C ILE E 22 45.10 -10.67 12.32
N PHE E 23 43.84 -10.37 12.06
CA PHE E 23 42.86 -10.24 13.13
C PHE E 23 42.59 -11.57 13.82
N ILE E 24 42.56 -12.66 13.08
CA ILE E 24 42.31 -13.98 13.69
C ILE E 24 43.45 -14.35 14.64
N GLU E 25 44.69 -14.21 14.18
CA GLU E 25 45.80 -14.56 15.06
C GLU E 25 45.95 -13.58 16.23
N ALA E 26 45.65 -12.31 16.00
CA ALA E 26 45.71 -11.35 17.10
C ALA E 26 44.69 -11.67 18.18
N ALA E 27 43.49 -12.10 17.79
CA ALA E 27 42.47 -12.46 18.77
C ALA E 27 42.90 -13.63 19.64
N LYS E 28 43.61 -14.60 19.05
CA LYS E 28 44.07 -15.75 19.84
C LYS E 28 45.13 -15.34 20.85
N LEU E 29 46.06 -14.48 20.48
CA LEU E 29 47.07 -14.04 21.43
C LEU E 29 46.43 -13.41 22.66
N ARG E 30 45.37 -12.63 22.47
CA ARG E 30 44.66 -12.02 23.59
C ARG E 30 43.61 -12.95 24.19
N ASP E 31 43.41 -14.12 23.60
CA ASP E 31 42.42 -15.08 24.08
C ASP E 31 41.02 -14.47 24.17
N GLU E 32 40.52 -13.98 23.04
CA GLU E 32 39.21 -13.36 23.01
C GLU E 32 38.54 -13.67 21.69
N ALA E 33 37.22 -13.49 21.67
CA ALA E 33 36.46 -13.72 20.45
C ALA E 33 36.78 -12.68 19.38
N LEU E 34 36.59 -13.08 18.13
CA LEU E 34 36.80 -12.17 17.01
C LEU E 34 35.65 -11.17 16.94
N ASP E 35 35.95 -9.96 16.49
CA ASP E 35 34.93 -8.95 16.32
C ASP E 35 33.96 -9.35 15.20
N HIS E 36 32.75 -8.81 15.27
CA HIS E 36 31.73 -9.09 14.28
C HIS E 36 32.23 -8.75 12.88
N THR E 37 32.02 -9.67 11.93
CA THR E 37 32.56 -9.54 10.58
C THR E 37 31.43 -9.59 9.56
N LEU E 38 31.46 -8.66 8.60
CA LEU E 38 30.46 -8.58 7.54
C LEU E 38 31.11 -8.85 6.19
N LEU E 39 30.60 -9.85 5.46
CA LEU E 39 31.10 -10.21 4.14
C LEU E 39 30.03 -9.86 3.11
N PHE E 40 30.39 -9.10 2.09
CA PHE E 40 29.41 -8.68 1.09
C PHE E 40 30.02 -8.65 -0.31
N GLY E 41 29.14 -8.73 -1.31
CA GLY E 41 29.52 -8.72 -2.70
C GLY E 41 28.65 -9.63 -3.55
N PRO E 42 28.96 -9.72 -4.84
CA PRO E 42 28.19 -10.56 -5.76
C PRO E 42 28.03 -11.99 -5.25
N PRO E 43 26.97 -12.67 -5.69
CA PRO E 43 26.73 -14.04 -5.24
C PRO E 43 27.71 -15.04 -5.83
N GLY E 44 27.99 -16.09 -5.06
CA GLY E 44 28.88 -17.15 -5.52
C GLY E 44 30.35 -16.85 -5.47
N LEU E 45 30.77 -15.75 -4.85
CA LEU E 45 32.19 -15.44 -4.75
C LEU E 45 32.89 -16.20 -3.64
N GLY E 46 32.16 -16.83 -2.74
CA GLY E 46 32.74 -17.59 -1.65
C GLY E 46 32.53 -17.02 -0.27
N LYS E 47 31.50 -16.18 -0.07
CA LYS E 47 31.25 -15.59 1.23
C LYS E 47 30.97 -16.66 2.28
N THR E 48 30.11 -17.63 1.96
CA THR E 48 29.80 -18.70 2.90
C THR E 48 31.02 -19.55 3.22
N THR E 49 31.80 -19.92 2.21
CA THR E 49 32.99 -20.71 2.46
C THR E 49 33.92 -20.00 3.45
N MET E 50 34.07 -18.69 3.33
CA MET E 50 34.93 -17.96 4.25
C MET E 50 34.49 -18.13 5.70
N ALA E 51 33.17 -18.22 5.94
CA ALA E 51 32.69 -18.41 7.30
C ALA E 51 33.18 -19.73 7.89
N PHE E 52 33.13 -20.80 7.10
CA PHE E 52 33.63 -22.08 7.58
C PHE E 52 35.12 -22.02 7.87
N VAL E 53 35.87 -21.32 7.02
CA VAL E 53 37.31 -21.18 7.23
C VAL E 53 37.58 -20.43 8.53
N ILE E 54 36.86 -19.33 8.75
CA ILE E 54 37.04 -18.57 10.00
C ILE E 54 36.77 -19.46 11.20
N ALA E 55 35.71 -20.26 11.16
CA ALA E 55 35.43 -21.15 12.28
C ALA E 55 36.54 -22.16 12.47
N ASN E 56 37.04 -22.73 11.37
CA ASN E 56 38.13 -23.70 11.46
C ASN E 56 39.42 -23.04 11.91
N GLU E 57 39.70 -21.84 11.42
CA GLU E 57 40.91 -21.15 11.86
C GLU E 57 40.81 -20.78 13.33
N MET E 58 39.62 -20.40 13.78
CA MET E 58 39.41 -20.09 15.18
C MET E 58 39.29 -21.35 16.03
N GLY E 59 38.84 -22.46 15.44
CA GLY E 59 38.67 -23.68 16.19
C GLY E 59 37.40 -23.63 17.02
N VAL E 60 36.28 -23.35 16.35
CA VAL E 60 35.00 -23.15 17.00
C VAL E 60 33.89 -23.83 16.19
N ASN E 61 32.76 -24.07 16.85
CA ASN E 61 31.60 -24.67 16.21
C ASN E 61 30.76 -23.60 15.51
N LEU E 62 30.48 -23.82 14.22
CA LEU E 62 29.68 -22.90 13.43
C LEU E 62 28.20 -23.25 13.48
N LYS E 63 27.36 -22.22 13.56
CA LYS E 63 25.91 -22.35 13.53
C LYS E 63 25.40 -21.51 12.37
N GLN E 64 24.43 -22.05 11.62
CA GLN E 64 23.99 -21.42 10.39
C GLN E 64 22.47 -21.28 10.34
N THR E 65 22.04 -20.16 9.77
CA THR E 65 20.63 -19.83 9.56
C THR E 65 20.58 -18.78 8.46
N SER E 66 19.37 -18.29 8.17
CA SER E 66 19.22 -17.27 7.15
C SER E 66 18.17 -16.26 7.54
N GLY E 67 18.30 -15.06 6.99
CA GLY E 67 17.39 -13.96 7.25
C GLY E 67 15.93 -14.30 7.09
N PRO E 68 15.56 -14.83 5.92
CA PRO E 68 14.16 -15.19 5.68
C PRO E 68 13.67 -16.33 6.56
N ALA E 69 14.56 -17.11 7.15
CA ALA E 69 14.14 -18.21 8.01
C ALA E 69 13.73 -17.73 9.40
N ILE E 70 14.16 -16.55 9.80
CA ILE E 70 13.82 -16.00 11.11
C ILE E 70 12.67 -15.02 10.91
N GLU E 71 11.54 -15.30 11.56
CA GLU E 71 10.33 -14.50 11.39
C GLU E 71 9.91 -13.72 12.62
N LYS E 72 10.33 -14.11 13.82
CA LYS E 72 9.93 -13.39 15.01
C LYS E 72 11.05 -13.42 16.05
N ALA E 73 11.00 -12.46 16.97
CA ALA E 73 12.01 -12.35 18.01
C ALA E 73 12.20 -13.66 18.75
N GLY E 74 11.13 -14.39 19.01
CA GLY E 74 11.26 -15.66 19.70
C GLY E 74 12.13 -16.65 18.95
N ASP E 75 12.19 -16.53 17.62
CA ASP E 75 13.03 -17.42 16.84
C ASP E 75 14.50 -17.17 17.12
N LEU E 76 14.92 -15.91 17.00
CA LEU E 76 16.31 -15.54 17.25
C LEU E 76 16.72 -15.81 18.70
N VAL E 77 15.80 -15.58 19.64
CA VAL E 77 16.11 -15.81 21.05
C VAL E 77 16.52 -17.25 21.30
N ALA E 78 15.79 -18.21 20.71
CA ALA E 78 16.14 -19.61 20.91
C ALA E 78 17.54 -19.92 20.39
N ILE E 79 17.84 -19.44 19.18
CA ILE E 79 19.16 -19.66 18.59
C ILE E 79 20.26 -19.04 19.47
N LEU E 80 20.10 -17.77 19.82
CA LEU E 80 21.11 -17.10 20.63
C LEU E 80 21.28 -17.74 22.00
N ASN E 81 20.21 -18.30 22.56
CA ASN E 81 20.35 -18.95 23.85
C ASN E 81 21.12 -20.25 23.74
N ASP E 82 20.98 -20.95 22.61
CA ASP E 82 21.69 -22.21 22.39
C ASP E 82 23.10 -21.97 21.86
N LEU E 83 23.85 -21.08 22.51
CA LEU E 83 25.21 -20.76 22.12
C LEU E 83 26.17 -21.01 23.27
N GLU E 84 27.38 -21.45 22.91
CA GLU E 84 28.47 -21.75 23.81
C GLU E 84 29.57 -20.70 23.67
N PRO E 85 30.34 -20.41 24.74
CA PRO E 85 31.39 -19.39 24.62
C PRO E 85 32.32 -19.56 23.44
N GLY E 86 32.40 -18.51 22.62
CA GLY E 86 33.23 -18.48 21.44
C GLY E 86 32.53 -18.90 20.17
N ASP E 87 31.33 -19.47 20.26
CA ASP E 87 30.61 -19.93 19.10
C ASP E 87 30.48 -18.82 18.06
N ILE E 88 30.40 -19.20 16.80
CA ILE E 88 30.26 -18.28 15.68
C ILE E 88 28.89 -18.48 15.07
N LEU E 89 28.13 -17.40 14.93
CA LEU E 89 26.80 -17.43 14.33
C LEU E 89 26.85 -16.78 12.96
N PHE E 90 26.52 -17.54 11.93
CA PHE E 90 26.51 -17.07 10.55
C PHE E 90 25.07 -16.90 10.10
N ILE E 91 24.73 -15.70 9.63
CA ILE E 91 23.39 -15.40 9.14
C ILE E 91 23.50 -14.94 7.69
N ASP E 92 22.98 -15.74 6.77
CA ASP E 92 22.98 -15.37 5.37
C ASP E 92 21.81 -14.45 5.05
N GLU E 93 21.99 -13.60 4.04
CA GLU E 93 20.96 -12.67 3.61
C GLU E 93 20.46 -11.81 4.77
N ILE E 94 21.37 -11.42 5.64
CA ILE E 94 21.06 -10.65 6.84
C ILE E 94 20.28 -9.37 6.51
N HIS E 95 20.38 -8.89 5.27
CA HIS E 95 19.61 -7.70 4.89
C HIS E 95 18.11 -7.96 4.73
N ARG E 96 17.65 -9.20 4.81
CA ARG E 96 16.23 -9.50 4.61
C ARG E 96 15.46 -9.79 5.89
N MET E 97 16.09 -9.89 7.04
CA MET E 97 15.32 -10.16 8.25
C MET E 97 14.45 -8.96 8.63
N PRO E 98 13.28 -9.20 9.23
CA PRO E 98 12.38 -8.10 9.56
C PRO E 98 12.90 -7.14 10.61
N MET E 99 12.36 -5.92 10.55
CA MET E 99 12.72 -4.85 11.47
C MET E 99 12.57 -5.25 12.93
N ALA E 100 11.56 -6.06 13.24
CA ALA E 100 11.35 -6.49 14.62
C ALA E 100 12.45 -7.44 15.11
N VAL E 101 13.09 -8.15 14.19
CA VAL E 101 14.14 -9.08 14.60
C VAL E 101 15.42 -8.33 14.96
N GLU E 102 15.76 -7.29 14.20
CA GLU E 102 16.96 -6.51 14.47
C GLU E 102 16.99 -5.93 15.88
N GLU E 103 15.83 -5.66 16.48
CA GLU E 103 15.79 -5.11 17.83
C GLU E 103 16.68 -5.90 18.78
N VAL E 104 16.56 -7.22 18.75
CA VAL E 104 17.31 -8.07 19.67
C VAL E 104 18.78 -8.10 19.31
N LEU E 105 19.08 -8.04 18.01
CA LEU E 105 20.47 -8.13 17.56
C LEU E 105 21.33 -6.98 18.05
N TYR E 106 20.78 -5.77 18.12
CA TYR E 106 21.58 -4.63 18.57
C TYR E 106 22.12 -4.83 19.98
N SER E 107 21.25 -5.12 20.94
CA SER E 107 21.71 -5.31 22.32
C SER E 107 22.65 -6.50 22.45
N ALA E 108 22.37 -7.58 21.72
CA ALA E 108 23.22 -8.76 21.78
C ALA E 108 24.63 -8.45 21.28
N MET E 109 24.74 -7.80 20.13
CA MET E 109 26.06 -7.47 19.57
C MET E 109 26.80 -6.44 20.41
N GLU E 110 26.09 -5.46 20.96
CA GLU E 110 26.77 -4.39 21.69
C GLU E 110 27.17 -4.78 23.10
N ASP E 111 26.30 -5.47 23.85
CA ASP E 111 26.63 -5.80 25.24
C ASP E 111 26.39 -7.27 25.60
N TYR E 112 26.03 -8.10 24.63
CA TYR E 112 25.80 -9.53 24.87
C TYR E 112 24.66 -9.82 25.84
N TYR E 113 23.64 -8.96 25.87
CA TYR E 113 22.46 -9.24 26.69
C TYR E 113 21.23 -8.76 25.94
N ILE E 114 20.09 -9.35 26.27
CA ILE E 114 18.83 -9.02 25.62
C ILE E 114 17.70 -8.93 26.64
N ASP E 115 16.71 -8.11 26.33
CA ASP E 115 15.53 -7.92 27.16
C ASP E 115 14.32 -8.33 26.34
N ILE E 116 13.62 -9.38 26.79
CA ILE E 116 12.50 -9.98 26.08
C ILE E 116 11.22 -9.73 26.86
N MET E 117 10.24 -9.10 26.21
CA MET E 117 8.93 -8.95 26.82
C MET E 117 8.22 -10.30 26.81
N ILE E 118 7.59 -10.65 27.92
CA ILE E 118 6.92 -11.93 28.07
C ILE E 118 5.56 -11.72 28.73
N GLY E 119 4.59 -12.50 28.30
CA GLY E 119 3.23 -12.43 28.80
C GLY E 119 2.31 -11.62 27.90
N ALA E 120 1.02 -11.77 28.15
CA ALA E 120 -0.02 -11.05 27.42
C ALA E 120 -1.16 -10.75 28.39
N GLY E 121 -1.96 -9.75 28.01
CA GLY E 121 -3.08 -9.37 28.86
C GLY E 121 -2.59 -8.85 30.20
N GLU E 122 -3.07 -9.44 31.29
CA GLU E 122 -2.61 -9.02 32.61
C GLU E 122 -1.15 -9.35 32.83
N THR E 123 -0.60 -10.32 32.09
CA THR E 123 0.81 -10.66 32.21
C THR E 123 1.59 -9.74 31.28
N SER E 124 2.53 -8.99 31.86
CA SER E 124 3.35 -8.05 31.10
C SER E 124 4.63 -7.84 31.89
N ARG E 125 5.61 -8.70 31.63
CA ARG E 125 6.91 -8.63 32.27
C ARG E 125 7.98 -8.80 31.21
N SER E 126 9.23 -8.63 31.62
CA SER E 126 10.36 -8.81 30.73
C SER E 126 11.43 -9.62 31.45
N VAL E 127 12.20 -10.37 30.66
CA VAL E 127 13.27 -11.21 31.18
C VAL E 127 14.59 -10.76 30.57
N HIS E 128 15.61 -10.69 31.42
CA HIS E 128 16.95 -10.27 31.03
C HIS E 128 17.84 -11.51 30.90
N LEU E 129 18.38 -11.73 29.71
CA LEU E 129 19.26 -12.86 29.43
C LEU E 129 20.66 -12.36 29.12
N ASP E 130 21.65 -12.96 29.78
CA ASP E 130 23.04 -12.61 29.57
C ASP E 130 23.67 -13.66 28.65
N LEU E 131 24.17 -13.20 27.49
CA LEU E 131 24.76 -14.11 26.50
C LEU E 131 26.26 -14.24 26.67
N PRO E 132 26.82 -15.40 26.35
CA PRO E 132 28.28 -15.57 26.38
C PRO E 132 28.93 -14.93 25.17
N PRO E 133 30.23 -14.67 25.22
CA PRO E 133 30.92 -14.07 24.07
C PRO E 133 30.74 -14.89 22.80
N PHE E 134 30.36 -14.21 21.72
CA PHE E 134 30.14 -14.85 20.44
C PHE E 134 30.48 -13.87 19.33
N THR E 135 30.68 -14.39 18.11
CA THR E 135 31.00 -13.58 16.94
C THR E 135 29.93 -13.76 15.87
N LEU E 136 29.30 -12.66 15.47
CA LEU E 136 28.32 -12.68 14.41
C LEU E 136 29.00 -12.48 13.06
N VAL E 137 28.65 -13.30 12.08
CA VAL E 137 29.15 -13.17 10.71
C VAL E 137 27.94 -13.06 9.79
N GLY E 138 27.85 -11.95 9.06
CA GLY E 138 26.74 -11.71 8.15
C GLY E 138 27.21 -11.69 6.70
N ALA E 139 26.31 -12.07 5.80
CA ALA E 139 26.61 -12.08 4.38
C ALA E 139 25.43 -11.54 3.58
N THR E 140 25.70 -10.68 2.61
CA THR E 140 24.64 -10.10 1.80
C THR E 140 25.15 -9.81 0.39
N THR E 141 24.19 -9.70 -0.53
CA THR E 141 24.49 -9.32 -1.91
C THR E 141 24.38 -7.82 -2.10
N ARG E 142 23.52 -7.17 -1.32
CA ARG E 142 23.32 -5.73 -1.35
C ARG E 142 23.73 -5.16 -0.01
N ALA E 143 24.73 -4.31 0.00
CA ALA E 143 25.19 -3.66 1.23
C ALA E 143 24.46 -2.36 1.50
N GLY E 144 24.20 -1.58 0.44
CA GLY E 144 23.51 -0.32 0.61
C GLY E 144 22.11 -0.46 1.15
N MET E 145 21.53 -1.64 1.07
CA MET E 145 20.19 -1.88 1.60
C MET E 145 20.20 -2.26 3.08
N LEU E 146 21.38 -2.48 3.66
CA LEU E 146 21.47 -2.84 5.07
C LEU E 146 21.16 -1.64 5.94
N SER E 147 20.34 -1.86 6.97
CA SER E 147 19.95 -0.79 7.88
C SER E 147 21.16 -0.06 8.45
N ASN E 148 21.13 1.27 8.35
CA ASN E 148 22.22 2.12 8.81
C ASN E 148 22.65 1.86 10.24
N PRO E 149 21.78 1.87 11.24
CA PRO E 149 22.22 1.58 12.61
C PRO E 149 22.81 0.20 12.79
N LEU E 150 22.36 -0.79 12.01
CA LEU E 150 22.91 -2.13 12.10
C LEU E 150 24.31 -2.21 11.52
N ARG E 151 24.48 -1.64 10.32
CA ARG E 151 25.78 -1.66 9.65
C ARG E 151 26.89 -1.06 10.52
N ALA E 152 26.56 -0.13 11.40
CA ALA E 152 27.56 0.46 12.27
C ALA E 152 28.10 -0.51 13.32
N ARG E 153 27.38 -1.56 13.66
CA ARG E 153 27.86 -2.47 14.69
C ARG E 153 28.96 -3.42 14.21
N PHE E 154 29.05 -3.68 12.91
CA PHE E 154 30.10 -4.56 12.40
C PHE E 154 31.44 -3.86 12.48
N GLY E 155 32.39 -4.48 13.17
CA GLY E 155 33.72 -3.92 13.35
C GLY E 155 34.70 -4.24 12.24
N ILE E 156 34.40 -5.26 11.44
CA ILE E 156 35.28 -5.68 10.35
C ILE E 156 34.44 -5.85 9.10
N ASN E 157 34.96 -5.39 7.97
CA ASN E 157 34.27 -5.48 6.69
C ASN E 157 35.17 -6.12 5.65
N GLY E 158 34.60 -7.06 4.89
CA GLY E 158 35.31 -7.76 3.83
C GLY E 158 34.56 -7.61 2.52
N HIS E 159 35.18 -6.94 1.56
CA HIS E 159 34.58 -6.70 0.24
C HIS E 159 35.11 -7.71 -0.76
N MET E 160 34.24 -8.65 -1.15
CA MET E 160 34.60 -9.69 -2.10
C MET E 160 34.68 -9.13 -3.53
N GLU E 161 35.58 -9.70 -4.33
CA GLU E 161 35.74 -9.25 -5.71
C GLU E 161 35.92 -10.44 -6.64
N TYR E 162 35.73 -10.18 -7.94
CA TYR E 162 35.86 -11.19 -8.96
C TYR E 162 37.28 -11.73 -9.09
N TYR E 163 37.39 -13.03 -9.31
CA TYR E 163 38.68 -13.71 -9.47
C TYR E 163 39.22 -13.52 -10.88
N GLU E 164 40.54 -13.65 -11.02
CA GLU E 164 41.22 -13.53 -12.30
C GLU E 164 41.58 -14.89 -12.86
N LEU E 165 41.98 -14.90 -14.14
CA LEU E 165 42.34 -16.15 -14.81
C LEU E 165 43.39 -16.99 -14.09
N PRO E 166 44.45 -16.44 -13.52
CA PRO E 166 45.43 -17.29 -12.82
C PRO E 166 44.84 -18.06 -11.65
N ASP E 167 43.85 -17.49 -10.96
CA ASP E 167 43.23 -18.16 -9.83
C ASP E 167 42.19 -19.19 -10.27
N LEU E 168 41.28 -18.80 -11.17
CA LEU E 168 40.24 -19.73 -11.62
C LEU E 168 40.81 -20.92 -12.35
N THR E 169 41.91 -20.77 -13.08
CA THR E 169 42.49 -21.92 -13.75
C THR E 169 42.92 -22.97 -12.73
N GLU E 170 43.49 -22.53 -11.61
CA GLU E 170 43.88 -23.47 -10.56
C GLU E 170 42.66 -24.11 -9.91
N ILE E 171 41.60 -23.32 -9.70
CA ILE E 171 40.37 -23.85 -9.11
C ILE E 171 39.75 -24.91 -10.01
N VAL E 172 39.67 -24.64 -11.31
CA VAL E 172 39.11 -25.62 -12.24
C VAL E 172 39.90 -26.92 -12.17
N GLU E 173 41.23 -26.83 -12.17
CA GLU E 173 42.03 -28.05 -12.06
C GLU E 173 41.74 -28.78 -10.76
N ARG E 174 41.74 -28.06 -9.64
CA ARG E 174 41.42 -28.67 -8.35
C ARG E 174 40.11 -29.45 -8.44
N THR E 175 39.06 -28.84 -8.96
CA THR E 175 37.78 -29.52 -9.05
C THR E 175 37.85 -30.73 -9.96
N SER E 176 38.59 -30.62 -11.06
CA SER E 176 38.72 -31.77 -11.97
C SER E 176 39.37 -32.95 -11.26
N GLU E 177 40.35 -32.69 -10.41
CA GLU E 177 40.97 -33.78 -9.66
C GLU E 177 40.01 -34.38 -8.64
N ILE E 178 39.13 -33.58 -8.05
CA ILE E 178 38.17 -34.12 -7.09
C ILE E 178 37.18 -35.03 -7.81
N PHE E 179 36.78 -34.67 -9.03
CA PHE E 179 35.94 -35.53 -9.85
C PHE E 179 36.76 -36.56 -10.60
N GLU E 180 38.08 -36.52 -10.48
CA GLU E 180 38.98 -37.44 -11.18
C GLU E 180 38.87 -37.31 -12.69
N MET E 181 38.50 -36.13 -13.18
CA MET E 181 38.39 -35.87 -14.60
C MET E 181 39.73 -35.36 -15.10
N THR E 182 40.12 -35.78 -16.30
CA THR E 182 41.38 -35.36 -16.90
C THR E 182 41.12 -34.18 -17.83
N ILE E 183 41.81 -33.08 -17.59
CA ILE E 183 41.66 -31.86 -18.38
C ILE E 183 43.05 -31.32 -18.67
N THR E 184 43.24 -30.86 -19.90
CA THR E 184 44.52 -30.32 -20.32
C THR E 184 44.67 -28.86 -19.86
N PRO E 185 45.90 -28.37 -19.81
CA PRO E 185 46.10 -26.96 -19.42
C PRO E 185 45.40 -25.98 -20.34
N GLU E 186 45.11 -26.38 -21.57
CA GLU E 186 44.39 -25.51 -22.49
C GLU E 186 42.89 -25.54 -22.24
N ALA E 187 42.31 -26.73 -22.10
CA ALA E 187 40.88 -26.83 -21.86
C ALA E 187 40.50 -26.20 -20.52
N ALA E 188 41.32 -26.43 -19.49
CA ALA E 188 41.05 -25.82 -18.20
C ALA E 188 41.12 -24.30 -18.30
N LEU E 189 41.96 -23.78 -19.20
CA LEU E 189 42.03 -22.34 -19.40
C LEU E 189 40.80 -21.80 -20.11
N GLU E 190 40.25 -22.54 -21.08
CA GLU E 190 39.06 -22.08 -21.78
C GLU E 190 37.87 -21.97 -20.85
N LEU E 191 37.62 -22.98 -20.02
CA LEU E 191 36.50 -22.90 -19.08
C LEU E 191 36.65 -21.71 -18.15
N ALA E 192 37.86 -21.46 -17.65
CA ALA E 192 38.07 -20.32 -16.77
C ALA E 192 37.71 -19.02 -17.47
N ARG E 193 38.18 -18.84 -18.71
CA ARG E 193 37.87 -17.62 -19.44
C ARG E 193 36.38 -17.40 -19.59
N ARG E 194 35.62 -18.46 -19.86
CA ARG E 194 34.18 -18.33 -20.10
C ARG E 194 33.33 -18.57 -18.85
N SER E 195 33.94 -18.84 -17.70
CA SER E 195 33.21 -19.07 -16.45
C SER E 195 32.65 -17.78 -15.82
N ARG E 196 32.68 -16.64 -16.49
CA ARG E 196 32.20 -15.37 -15.95
C ARG E 196 32.89 -14.97 -14.66
N GLY E 197 34.09 -15.49 -14.41
CA GLY E 197 34.85 -15.13 -13.24
C GLY E 197 34.32 -15.58 -11.89
N THR E 198 33.35 -16.48 -11.84
CA THR E 198 32.77 -16.90 -10.58
C THR E 198 32.98 -18.40 -10.35
N PRO E 199 33.55 -18.80 -9.21
CA PRO E 199 33.79 -20.23 -8.98
C PRO E 199 32.57 -21.12 -9.09
N ARG E 200 31.41 -20.68 -8.58
CA ARG E 200 30.21 -21.50 -8.69
C ARG E 200 29.83 -21.77 -10.13
N ILE E 201 30.02 -20.80 -11.02
CA ILE E 201 29.68 -21.02 -12.42
C ILE E 201 30.68 -21.99 -13.05
N ALA E 202 31.96 -21.83 -12.74
CA ALA E 202 32.96 -22.76 -13.26
C ALA E 202 32.66 -24.20 -12.86
N ASN E 203 32.25 -24.42 -11.61
CA ASN E 203 31.92 -25.78 -11.18
C ASN E 203 30.71 -26.33 -11.94
N ARG E 204 29.70 -25.49 -12.20
CA ARG E 204 28.55 -25.97 -12.97
C ARG E 204 28.96 -26.43 -14.36
N LEU E 205 29.70 -25.59 -15.08
CA LEU E 205 30.11 -25.94 -16.43
C LEU E 205 30.95 -27.21 -16.46
N LEU E 206 31.90 -27.34 -15.53
CA LEU E 206 32.75 -28.52 -15.53
C LEU E 206 31.94 -29.82 -15.41
N LYS E 207 30.94 -29.84 -14.54
CA LYS E 207 30.11 -31.05 -14.45
C LYS E 207 29.37 -31.33 -15.75
N ARG E 208 28.94 -30.29 -16.45
CA ARG E 208 28.19 -30.48 -17.68
C ARG E 208 29.08 -30.92 -18.84
N VAL E 209 30.27 -30.34 -18.97
CA VAL E 209 31.17 -30.76 -20.04
C VAL E 209 31.55 -32.22 -19.90
N ARG E 210 31.67 -32.72 -18.67
CA ARG E 210 31.99 -34.13 -18.47
C ARG E 210 31.00 -35.03 -19.19
N ASP E 211 29.71 -34.77 -19.03
CA ASP E 211 28.70 -35.58 -19.71
C ASP E 211 28.86 -35.52 -21.21
N TYR E 212 29.38 -34.41 -21.73
CA TYR E 212 29.63 -34.28 -23.16
C TYR E 212 30.84 -35.10 -23.57
N ALA E 213 31.96 -34.93 -22.87
CA ALA E 213 33.18 -35.67 -23.22
C ALA E 213 33.01 -37.17 -23.10
N GLN E 214 32.10 -37.63 -22.22
CA GLN E 214 31.84 -39.06 -22.09
C GLN E 214 31.04 -39.64 -23.25
N ILE E 215 30.63 -38.85 -24.23
CA ILE E 215 29.87 -39.35 -25.36
C ILE E 215 30.60 -38.97 -26.65
N MET E 216 31.00 -37.71 -26.76
CA MET E 216 31.72 -37.23 -27.93
C MET E 216 33.22 -37.48 -27.85
N GLY E 217 33.67 -38.22 -26.84
CA GLY E 217 35.09 -38.52 -26.70
C GLY E 217 35.31 -39.66 -25.75
N ASP E 218 36.57 -39.85 -25.34
CA ASP E 218 36.95 -40.89 -24.41
C ASP E 218 37.00 -40.40 -22.97
N GLY E 219 36.19 -39.39 -22.62
CA GLY E 219 36.19 -38.86 -21.27
C GLY E 219 37.31 -37.89 -20.98
N VAL E 220 38.11 -37.52 -21.97
CA VAL E 220 39.20 -36.57 -21.79
C VAL E 220 38.73 -35.23 -22.34
N ILE E 221 38.82 -34.19 -21.52
CA ILE E 221 38.36 -32.86 -21.90
C ILE E 221 39.47 -32.18 -22.70
N ASP E 222 39.39 -32.28 -24.02
CA ASP E 222 40.34 -31.61 -24.89
C ASP E 222 39.83 -30.21 -25.20
N ASP E 223 40.75 -29.34 -25.63
CA ASP E 223 40.36 -27.97 -25.95
C ASP E 223 39.28 -27.95 -27.04
N LYS E 224 39.43 -28.77 -28.07
CA LYS E 224 38.41 -28.82 -29.13
C LYS E 224 37.10 -29.37 -28.60
N ILE E 225 37.15 -30.39 -27.75
CA ILE E 225 35.94 -30.96 -27.17
C ILE E 225 35.24 -29.95 -26.27
N ALA E 226 36.01 -29.21 -25.47
CA ALA E 226 35.43 -28.19 -24.60
C ALA E 226 34.69 -27.12 -25.40
N ASP E 227 35.26 -26.66 -26.49
CA ASP E 227 34.59 -25.63 -27.29
C ASP E 227 33.27 -26.12 -27.88
N GLN E 228 33.23 -27.34 -28.38
CA GLN E 228 31.96 -27.85 -28.92
C GLN E 228 30.91 -27.98 -27.83
N ALA E 229 31.31 -28.39 -26.63
CA ALA E 229 30.37 -28.49 -25.52
C ALA E 229 29.88 -27.12 -25.06
N LEU E 230 30.77 -26.14 -24.95
CA LEU E 230 30.34 -24.82 -24.50
C LEU E 230 29.37 -24.18 -25.48
N THR E 231 29.57 -24.38 -26.78
CA THR E 231 28.60 -23.84 -27.73
C THR E 231 27.26 -24.55 -27.56
N MET E 232 27.29 -25.84 -27.25
CA MET E 232 26.05 -26.58 -26.99
C MET E 232 25.33 -26.00 -25.78
N LEU E 233 26.06 -25.56 -24.77
CA LEU E 233 25.44 -24.94 -23.61
C LEU E 233 25.00 -23.51 -23.86
N ASP E 234 25.12 -23.01 -25.08
CA ASP E 234 24.73 -21.64 -25.39
C ASP E 234 25.54 -20.61 -24.61
N VAL E 235 26.76 -20.97 -24.23
CA VAL E 235 27.63 -20.07 -23.48
C VAL E 235 28.59 -19.41 -24.47
N ASP E 236 28.52 -18.09 -24.54
CA ASP E 236 29.39 -17.34 -25.44
C ASP E 236 30.85 -17.51 -25.06
N HIS E 237 31.74 -17.28 -26.03
CA HIS E 237 33.17 -17.31 -25.76
C HIS E 237 33.57 -16.18 -24.81
N GLU E 238 32.68 -15.23 -24.54
CA GLU E 238 32.91 -14.16 -23.57
C GLU E 238 32.19 -14.39 -22.26
N GLY E 239 31.62 -15.57 -22.05
CA GLY E 239 30.91 -15.89 -20.82
C GLY E 239 29.48 -15.40 -20.75
N LEU E 240 29.00 -14.68 -21.75
CA LEU E 240 27.62 -14.23 -21.74
C LEU E 240 26.69 -15.43 -21.78
N ASP E 241 25.61 -15.35 -21.01
CA ASP E 241 24.63 -16.43 -20.94
C ASP E 241 23.39 -16.11 -21.77
N TYR E 242 22.47 -17.06 -21.80
CA TYR E 242 21.23 -16.90 -22.54
C TYR E 242 20.54 -15.58 -22.21
N VAL E 243 20.51 -15.23 -20.92
CA VAL E 243 19.89 -13.98 -20.50
C VAL E 243 20.73 -12.77 -20.93
N ASP E 244 22.05 -12.85 -20.77
CA ASP E 244 22.90 -11.75 -21.20
C ASP E 244 22.72 -11.47 -22.68
N GLN E 245 22.71 -12.51 -23.50
CA GLN E 245 22.52 -12.32 -24.94
C GLN E 245 21.15 -11.73 -25.23
N LYS E 246 20.11 -12.22 -24.57
CA LYS E 246 18.76 -11.71 -24.80
C LYS E 246 18.63 -10.24 -24.38
N ILE E 247 19.32 -9.84 -23.31
CA ILE E 247 19.27 -8.44 -22.89
C ILE E 247 19.87 -7.52 -23.95
N LEU E 248 21.13 -7.74 -24.28
CA LEU E 248 21.78 -6.87 -25.26
C LEU E 248 21.04 -6.85 -26.59
N ARG E 249 20.62 -8.02 -27.08
CA ARG E 249 19.90 -8.07 -28.34
C ARG E 249 18.58 -7.31 -28.30
N THR E 250 17.87 -7.37 -27.18
CA THR E 250 16.60 -6.64 -27.06
C THR E 250 16.84 -5.14 -27.08
N MET E 251 17.88 -4.67 -26.40
CA MET E 251 18.19 -3.25 -26.40
C MET E 251 18.51 -2.76 -27.80
N ILE E 252 19.36 -3.48 -28.52
CA ILE E 252 19.80 -3.08 -29.85
C ILE E 252 18.65 -3.15 -30.86
N GLU E 253 17.93 -4.26 -30.88
CA GLU E 253 16.90 -4.44 -31.90
C GLU E 253 15.61 -3.66 -31.65
N MET E 254 15.21 -3.45 -30.40
CA MET E 254 13.97 -2.72 -30.14
C MET E 254 14.15 -1.30 -29.62
N TYR E 255 15.33 -0.95 -29.10
CA TYR E 255 15.52 0.38 -28.52
C TYR E 255 16.79 1.05 -29.04
N GLY E 256 17.31 0.61 -30.18
CA GLY E 256 18.49 1.22 -30.75
C GLY E 256 19.68 1.28 -29.83
N GLY E 257 19.80 0.31 -28.92
CA GLY E 257 20.89 0.26 -27.97
C GLY E 257 20.70 1.06 -26.70
N GLY E 258 19.56 1.70 -26.52
CA GLY E 258 19.33 2.51 -25.34
C GLY E 258 19.52 3.99 -25.64
N PRO E 259 19.58 4.82 -24.59
CA PRO E 259 19.52 4.47 -23.17
C PRO E 259 18.19 3.85 -22.76
N VAL E 260 18.23 2.89 -21.84
CA VAL E 260 17.03 2.26 -21.31
C VAL E 260 17.25 1.96 -19.83
N GLY E 261 16.19 2.09 -19.05
CA GLY E 261 16.27 1.83 -17.63
C GLY E 261 16.17 0.36 -17.27
N LEU E 262 16.66 0.06 -16.07
CA LEU E 262 16.66 -1.31 -15.57
C LEU E 262 15.25 -1.90 -15.52
N GLY E 263 14.26 -1.10 -15.10
CA GLY E 263 12.90 -1.62 -15.02
C GLY E 263 12.27 -1.88 -16.38
N THR E 264 12.33 -0.90 -17.29
CA THR E 264 11.73 -1.04 -18.61
C THR E 264 12.23 -2.32 -19.31
N LEU E 265 13.54 -2.56 -19.27
CA LEU E 265 14.09 -3.76 -19.89
C LEU E 265 13.56 -5.03 -19.25
N SER E 266 13.53 -5.08 -17.92
CA SER E 266 13.06 -6.26 -17.18
C SER E 266 11.60 -6.59 -17.43
N VAL E 267 10.86 -5.74 -18.13
CA VAL E 267 9.46 -6.04 -18.45
C VAL E 267 9.34 -6.80 -19.77
N ASN E 268 10.17 -6.48 -20.76
CA ASN E 268 10.05 -7.18 -22.04
C ASN E 268 10.52 -8.62 -21.91
N ILE E 269 11.70 -8.84 -21.34
CA ILE E 269 12.21 -10.18 -21.06
C ILE E 269 11.71 -10.58 -19.69
N ALA E 270 11.32 -11.85 -19.55
CA ALA E 270 10.78 -12.36 -18.29
C ALA E 270 11.89 -12.65 -17.29
N GLU E 271 12.41 -11.58 -16.67
CA GLU E 271 13.44 -11.68 -15.65
C GLU E 271 13.20 -10.60 -14.61
N GLU E 272 13.55 -10.92 -13.36
CA GLU E 272 13.36 -9.99 -12.26
C GLU E 272 14.43 -8.91 -12.23
N ARG E 273 14.00 -7.66 -12.04
CA ARG E 273 14.92 -6.53 -12.04
C ARG E 273 16.04 -6.71 -11.02
N GLU E 274 15.75 -7.36 -9.89
CA GLU E 274 16.79 -7.63 -8.90
C GLU E 274 17.83 -8.61 -9.42
N THR E 275 17.40 -9.65 -10.12
CA THR E 275 18.36 -10.60 -10.67
C THR E 275 19.24 -9.95 -11.72
N VAL E 276 18.65 -9.12 -12.58
CA VAL E 276 19.43 -8.42 -13.59
C VAL E 276 20.49 -7.55 -12.94
N GLU E 277 20.08 -6.75 -11.95
CA GLU E 277 21.01 -5.86 -11.26
C GLU E 277 21.97 -6.60 -10.34
N ASP E 278 21.51 -7.68 -9.71
CA ASP E 278 22.34 -8.42 -8.77
C ASP E 278 23.35 -9.34 -9.46
N MET E 279 22.98 -9.98 -10.57
CA MET E 279 23.85 -10.96 -11.20
C MET E 279 24.30 -10.64 -12.62
N TYR E 280 23.56 -9.80 -13.36
CA TYR E 280 23.94 -9.51 -14.75
C TYR E 280 24.60 -8.14 -14.92
N GLU E 281 23.97 -7.08 -14.44
CA GLU E 281 24.54 -5.75 -14.62
C GLU E 281 25.97 -5.60 -14.10
N PRO E 282 26.33 -6.09 -12.92
CA PRO E 282 27.69 -5.84 -12.41
C PRO E 282 28.80 -6.39 -13.29
N TYR E 283 28.64 -7.60 -13.80
CA TYR E 283 29.65 -8.18 -14.68
C TYR E 283 29.71 -7.45 -16.01
N LEU E 284 28.55 -7.20 -16.61
CA LEU E 284 28.50 -6.50 -17.90
C LEU E 284 29.14 -5.13 -17.82
N ILE E 285 29.01 -4.46 -16.67
CA ILE E 285 29.62 -3.14 -16.51
C ILE E 285 31.14 -3.26 -16.42
N GLN E 286 31.64 -4.17 -15.59
CA GLN E 286 33.08 -4.31 -15.45
C GLN E 286 33.74 -4.78 -16.74
N LYS E 287 33.05 -5.59 -17.54
CA LYS E 287 33.61 -6.08 -18.81
C LYS E 287 33.44 -5.09 -19.95
N GLY E 288 32.79 -3.95 -19.72
CA GLY E 288 32.61 -2.95 -20.76
C GLY E 288 31.56 -3.27 -21.80
N PHE E 289 30.65 -4.20 -21.52
CA PHE E 289 29.57 -4.48 -22.46
C PHE E 289 28.46 -3.44 -22.37
N ILE E 290 28.28 -2.84 -21.19
CA ILE E 290 27.26 -1.83 -20.96
C ILE E 290 27.87 -0.67 -20.19
N MET E 291 27.38 0.53 -20.46
CA MET E 291 27.80 1.75 -19.79
C MET E 291 26.58 2.48 -19.24
N ARG E 292 26.75 3.09 -18.07
CA ARG E 292 25.68 3.85 -17.43
C ARG E 292 25.71 5.31 -17.86
N THR E 293 24.53 5.90 -18.01
CA THR E 293 24.38 7.29 -18.42
C THR E 293 23.22 7.92 -17.67
N ARG E 294 23.13 9.24 -17.78
CA ARG E 294 22.09 10.01 -17.11
C ARG E 294 20.69 9.48 -17.36
N THR E 295 20.46 8.76 -18.46
CA THR E 295 19.14 8.24 -18.78
C THR E 295 19.08 6.71 -18.77
N GLY E 296 20.13 6.05 -18.28
CA GLY E 296 20.15 4.59 -18.24
C GLY E 296 21.34 3.97 -18.93
N ARG E 297 21.23 2.67 -19.22
CA ARG E 297 22.31 1.91 -19.82
C ARG E 297 22.28 1.94 -21.35
N VAL E 298 23.47 1.96 -21.94
CA VAL E 298 23.65 1.95 -23.39
C VAL E 298 24.74 0.95 -23.73
N ALA E 299 24.51 0.18 -24.80
CA ALA E 299 25.50 -0.80 -25.25
C ALA E 299 26.66 -0.11 -25.96
N THR E 300 27.88 -0.47 -25.56
CA THR E 300 29.07 0.12 -26.15
C THR E 300 29.38 -0.52 -27.50
N ALA E 301 30.31 0.12 -28.22
CA ALA E 301 30.77 -0.42 -29.50
C ALA E 301 31.28 -1.84 -29.36
N LYS E 302 31.91 -2.15 -28.23
CA LYS E 302 32.39 -3.51 -28.00
C LYS E 302 31.24 -4.50 -28.08
N ALA E 303 30.12 -4.18 -27.45
CA ALA E 303 28.95 -5.04 -27.51
C ALA E 303 28.45 -5.18 -28.95
N TYR E 304 28.35 -4.05 -29.66
CA TYR E 304 27.88 -4.10 -31.03
C TYR E 304 28.78 -4.98 -31.90
N GLU E 305 30.09 -4.75 -31.84
CA GLU E 305 31.00 -5.53 -32.65
C GLU E 305 31.04 -6.98 -32.20
N HIS E 306 30.84 -7.24 -30.91
CA HIS E 306 30.82 -8.61 -30.43
C HIS E 306 29.52 -9.32 -30.83
N MET E 307 28.39 -8.64 -30.65
CA MET E 307 27.10 -9.21 -31.02
C MET E 307 26.90 -9.26 -32.53
N GLY E 308 27.70 -8.52 -33.29
CA GLY E 308 27.58 -8.51 -34.73
C GLY E 308 26.55 -7.52 -35.26
N TYR E 309 26.56 -6.31 -34.70
CA TYR E 309 25.67 -5.23 -35.10
C TYR E 309 26.52 -4.01 -35.44
N ASP E 310 26.11 -3.27 -36.46
CA ASP E 310 26.83 -2.07 -36.85
C ASP E 310 26.65 -1.00 -35.78
N TYR E 311 27.76 -0.48 -35.26
CA TYR E 311 27.70 0.53 -34.22
C TYR E 311 27.12 1.84 -34.75
N THR E 312 26.72 2.69 -33.81
CA THR E 312 26.14 3.99 -34.12
C THR E 312 27.18 4.91 -34.75
N THR F 1 34.39 -1.22 30.96
CA THR F 1 33.67 -0.88 29.75
C THR F 1 34.10 0.51 29.27
N LEU F 2 33.99 0.73 27.96
CA LEU F 2 34.44 1.99 27.36
C LEU F 2 33.46 3.15 27.58
N ARG F 3 32.17 2.88 27.58
CA ARG F 3 31.16 3.92 27.67
C ARG F 3 31.28 4.77 28.93
N PRO F 4 31.42 6.10 28.82
CA PRO F 4 31.49 6.97 29.99
C PRO F 4 30.23 6.84 30.85
N GLN F 5 30.41 7.03 32.16
CA GLN F 5 29.31 6.89 33.10
C GLN F 5 28.86 8.19 33.77
N TYR F 6 29.71 9.21 33.83
CA TYR F 6 29.33 10.47 34.48
C TYR F 6 29.81 11.66 33.65
N PHE F 7 29.24 12.83 33.95
CA PHE F 7 29.58 14.03 33.20
C PHE F 7 31.06 14.34 33.23
N LYS F 8 31.75 14.02 34.32
CA LYS F 8 33.18 14.30 34.37
C LYS F 8 33.94 13.47 33.34
N GLU F 9 33.41 12.31 32.97
CA GLU F 9 34.06 11.45 32.00
C GLU F 9 33.64 11.74 30.57
N TYR F 10 32.51 12.40 30.36
CA TYR F 10 32.04 12.72 29.01
C TYR F 10 32.77 13.96 28.51
N ILE F 11 33.65 13.77 27.55
CA ILE F 11 34.43 14.86 26.95
C ILE F 11 33.66 15.51 25.82
N GLY F 12 33.76 16.82 25.72
CA GLY F 12 33.09 17.59 24.68
C GLY F 12 31.61 17.86 24.92
N GLN F 13 30.97 18.39 23.87
CA GLN F 13 29.56 18.78 23.92
C GLN F 13 29.29 19.75 25.07
N ASP F 14 30.27 20.61 25.36
CA ASP F 14 30.16 21.54 26.48
C ASP F 14 28.83 22.29 26.49
N LYS F 15 28.37 22.75 25.32
CA LYS F 15 27.11 23.48 25.26
C LYS F 15 25.95 22.66 25.79
N VAL F 16 25.92 21.37 25.50
CA VAL F 16 24.85 20.51 26.00
C VAL F 16 25.06 20.17 27.48
N LYS F 17 26.29 19.83 27.87
CA LYS F 17 26.54 19.48 29.27
C LYS F 17 26.20 20.63 30.21
N ASP F 18 26.60 21.85 29.86
CA ASP F 18 26.34 22.98 30.74
C ASP F 18 24.85 23.16 31.03
N GLN F 19 24.00 23.00 30.01
CA GLN F 19 22.56 23.12 30.24
C GLN F 19 22.01 21.96 31.06
N LEU F 20 22.36 20.73 30.68
CA LEU F 20 21.86 19.59 31.43
C LEU F 20 22.31 19.61 32.88
N LYS F 21 23.50 20.12 33.17
CA LYS F 21 23.94 20.23 34.56
C LYS F 21 22.99 21.08 35.38
N ILE F 22 22.55 22.21 34.84
CA ILE F 22 21.63 23.08 35.55
C ILE F 22 20.29 22.41 35.74
N PHE F 23 19.71 21.86 34.67
CA PHE F 23 18.39 21.24 34.77
C PHE F 23 18.39 20.01 35.66
N ILE F 24 19.44 19.19 35.61
CA ILE F 24 19.48 18.03 36.47
C ILE F 24 19.65 18.41 37.93
N GLU F 25 20.53 19.36 38.22
CA GLU F 25 20.73 19.78 39.61
C GLU F 25 19.48 20.43 40.17
N ALA F 26 18.80 21.26 39.38
CA ALA F 26 17.55 21.86 39.83
C ALA F 26 16.49 20.81 40.10
N ALA F 27 16.40 19.80 39.23
CA ALA F 27 15.44 18.72 39.40
C ALA F 27 15.73 17.83 40.58
N LYS F 28 16.93 17.91 41.16
CA LYS F 28 17.25 17.09 42.33
C LYS F 28 16.94 17.79 43.63
N LEU F 29 16.89 19.13 43.65
CA LEU F 29 16.48 19.80 44.87
C LEU F 29 15.04 19.43 45.17
N ARG F 30 14.20 19.50 44.14
CA ARG F 30 12.83 19.05 44.22
C ARG F 30 12.82 17.53 44.05
N ASP F 31 11.86 16.87 44.66
CA ASP F 31 11.77 15.41 44.54
C ASP F 31 10.93 15.04 43.31
N GLU F 32 11.46 15.37 42.14
CA GLU F 32 10.73 15.08 40.91
C GLU F 32 11.69 14.76 39.77
N ALA F 33 11.14 14.16 38.73
CA ALA F 33 11.87 13.75 37.54
C ALA F 33 12.19 14.93 36.63
N LEU F 34 13.20 14.72 35.78
CA LEU F 34 13.59 15.71 34.79
C LEU F 34 12.56 15.74 33.66
N ASP F 35 12.34 16.92 33.09
CA ASP F 35 11.41 17.04 31.97
C ASP F 35 11.89 16.25 30.77
N HIS F 36 10.94 15.82 29.95
CA HIS F 36 11.24 15.05 28.76
C HIS F 36 12.20 15.82 27.86
N THR F 37 13.27 15.14 27.43
CA THR F 37 14.35 15.76 26.68
C THR F 37 14.45 15.17 25.29
N LEU F 38 14.72 16.03 24.30
CA LEU F 38 14.88 15.64 22.91
C LEU F 38 16.29 15.97 22.46
N LEU F 39 17.02 14.96 22.00
CA LEU F 39 18.38 15.10 21.50
C LEU F 39 18.38 14.86 20.00
N PHE F 40 18.99 15.77 19.23
CA PHE F 40 19.06 15.59 17.79
C PHE F 40 20.41 16.00 17.24
N GLY F 41 20.74 15.42 16.09
CA GLY F 41 21.99 15.66 15.41
C GLY F 41 22.45 14.46 14.61
N PRO F 42 23.65 14.54 14.03
CA PRO F 42 24.18 13.43 13.23
C PRO F 42 24.31 12.14 14.02
N PRO F 43 24.29 11.00 13.35
CA PRO F 43 24.43 9.71 14.06
C PRO F 43 25.84 9.44 14.53
N GLY F 44 25.94 8.67 15.61
CA GLY F 44 27.22 8.26 16.16
C GLY F 44 27.95 9.30 16.97
N LEU F 45 27.32 10.42 17.30
CA LEU F 45 28.00 11.46 18.05
C LEU F 45 28.02 11.22 19.55
N GLY F 46 27.30 10.21 20.05
CA GLY F 46 27.30 9.92 21.47
C GLY F 46 26.04 10.29 22.21
N LYS F 47 24.90 10.35 21.52
CA LYS F 47 23.65 10.70 22.17
C LYS F 47 23.13 9.56 23.06
N THR F 48 23.35 8.31 22.66
CA THR F 48 22.93 7.20 23.52
C THR F 48 23.70 7.21 24.84
N THR F 49 25.00 7.47 24.78
CA THR F 49 25.80 7.56 25.99
C THR F 49 25.26 8.63 26.92
N MET F 50 24.76 9.74 26.35
CA MET F 50 24.18 10.80 27.17
C MET F 50 23.02 10.29 27.99
N ALA F 51 22.21 9.39 27.42
CA ALA F 51 21.10 8.84 28.19
C ALA F 51 21.58 8.09 29.42
N PHE F 52 22.65 7.31 29.28
CA PHE F 52 23.20 6.60 30.43
C PHE F 52 23.72 7.57 31.49
N VAL F 53 24.42 8.63 31.06
CA VAL F 53 24.95 9.60 32.02
C VAL F 53 23.82 10.24 32.81
N ILE F 54 22.76 10.66 32.13
CA ILE F 54 21.61 11.25 32.82
C ILE F 54 21.03 10.28 33.83
N ALA F 55 20.88 9.01 33.44
CA ALA F 55 20.33 8.02 34.36
C ALA F 55 21.21 7.84 35.59
N ASN F 56 22.54 7.81 35.40
CA ASN F 56 23.42 7.64 36.56
C ASN F 56 23.41 8.88 37.44
N GLU F 57 23.35 10.07 36.85
CA GLU F 57 23.31 11.28 37.66
C GLU F 57 22.00 11.40 38.42
N MET F 58 20.89 11.02 37.79
CA MET F 58 19.60 11.03 38.47
C MET F 58 19.44 9.85 39.43
N GLY F 59 20.19 8.78 39.22
CA GLY F 59 20.13 7.62 40.09
C GLY F 59 18.93 6.72 39.86
N VAL F 60 18.64 6.41 38.60
CA VAL F 60 17.49 5.59 38.21
C VAL F 60 17.92 4.64 37.11
N ASN F 61 17.05 3.69 36.80
CA ASN F 61 17.31 2.72 35.75
C ASN F 61 17.00 3.31 34.38
N LEU F 62 17.65 2.76 33.36
CA LEU F 62 17.44 3.18 31.97
C LEU F 62 16.92 2.02 31.15
N LYS F 63 15.81 2.24 30.44
CA LYS F 63 15.22 1.26 29.55
C LYS F 63 15.31 1.79 28.13
N GLN F 64 15.56 0.89 27.17
CA GLN F 64 15.76 1.29 25.79
C GLN F 64 14.84 0.57 24.84
N THR F 65 14.43 1.27 23.79
CA THR F 65 13.62 0.74 22.72
C THR F 65 13.84 1.62 21.51
N SER F 66 13.15 1.32 20.40
CA SER F 66 13.30 2.11 19.19
C SER F 66 11.96 2.27 18.49
N GLY F 67 11.87 3.34 17.70
CA GLY F 67 10.67 3.65 16.94
C GLY F 67 10.14 2.51 16.11
N PRO F 68 11.01 1.90 15.29
CA PRO F 68 10.57 0.76 14.48
C PRO F 68 10.19 -0.45 15.32
N ALA F 69 10.64 -0.51 16.57
CA ALA F 69 10.32 -1.65 17.42
C ALA F 69 8.87 -1.66 17.88
N ILE F 70 8.17 -0.54 17.75
CA ILE F 70 6.79 -0.42 18.19
C ILE F 70 5.90 -0.36 16.96
N GLU F 71 4.98 -1.32 16.85
CA GLU F 71 4.09 -1.41 15.70
C GLU F 71 2.62 -1.23 16.04
N LYS F 72 2.22 -1.46 17.28
CA LYS F 72 0.83 -1.34 17.68
C LYS F 72 0.76 -0.79 19.10
N ALA F 73 -0.38 -0.18 19.42
CA ALA F 73 -0.58 0.41 20.73
C ALA F 73 -0.33 -0.58 21.85
N GLY F 74 -0.62 -1.86 21.64
CA GLY F 74 -0.39 -2.83 22.69
C GLY F 74 1.06 -2.96 23.11
N ASP F 75 1.99 -2.67 22.19
CA ASP F 75 3.41 -2.72 22.54
C ASP F 75 3.78 -1.58 23.49
N LEU F 76 3.40 -0.36 23.14
CA LEU F 76 3.73 0.80 23.96
C LEU F 76 3.12 0.70 25.35
N VAL F 77 1.89 0.21 25.44
CA VAL F 77 1.24 0.04 26.74
C VAL F 77 2.02 -0.92 27.63
N ALA F 78 2.48 -2.03 27.08
CA ALA F 78 3.25 -2.99 27.87
C ALA F 78 4.55 -2.41 28.38
N ILE F 79 5.24 -1.63 27.55
CA ILE F 79 6.50 -1.00 27.97
C ILE F 79 6.26 -0.02 29.11
N LEU F 80 5.25 0.84 28.98
CA LEU F 80 5.00 1.85 30.01
C LEU F 80 4.63 1.23 31.35
N ASN F 81 3.91 0.10 31.35
CA ASN F 81 3.57 -0.53 32.62
C ASN F 81 4.80 -1.09 33.34
N ASP F 82 5.89 -1.31 32.64
CA ASP F 82 7.10 -1.86 33.24
C ASP F 82 8.03 -0.80 33.83
N LEU F 83 7.60 0.46 33.88
CA LEU F 83 8.45 1.53 34.39
C LEU F 83 8.22 1.75 35.88
N GLU F 84 9.32 1.90 36.61
CA GLU F 84 9.30 2.23 38.03
C GLU F 84 9.31 3.74 38.21
N PRO F 85 8.89 4.23 39.37
CA PRO F 85 8.87 5.67 39.59
C PRO F 85 10.22 6.32 39.35
N GLY F 86 10.25 7.29 38.43
CA GLY F 86 11.46 8.00 38.08
C GLY F 86 12.32 7.36 37.00
N ASP F 87 11.96 6.19 36.50
CA ASP F 87 12.76 5.56 35.46
C ASP F 87 12.85 6.43 34.23
N ILE F 88 13.87 6.17 33.41
CA ILE F 88 14.10 6.90 32.16
C ILE F 88 13.83 5.94 31.01
N LEU F 89 13.03 6.39 30.05
CA LEU F 89 12.71 5.63 28.85
C LEU F 89 13.35 6.32 27.66
N PHE F 90 14.25 5.62 26.98
CA PHE F 90 14.94 6.16 25.80
C PHE F 90 14.35 5.52 24.55
N ILE F 91 13.93 6.33 23.59
CA ILE F 91 13.37 5.85 22.33
C ILE F 91 14.25 6.37 21.20
N ASP F 92 14.93 5.46 20.52
CA ASP F 92 15.76 5.82 19.40
C ASP F 92 14.94 5.96 18.13
N GLU F 93 15.37 6.87 17.25
CA GLU F 93 14.67 7.15 16.00
C GLU F 93 13.18 7.36 16.20
N ILE F 94 12.85 8.21 17.19
CA ILE F 94 11.46 8.44 17.55
C ILE F 94 10.64 8.95 16.37
N HIS F 95 11.27 9.60 15.40
CA HIS F 95 10.55 10.12 14.25
C HIS F 95 9.98 9.03 13.35
N ARG F 96 10.47 7.81 13.47
CA ARG F 96 10.04 6.71 12.62
C ARG F 96 8.88 5.91 13.21
N MET F 97 8.39 6.31 14.39
CA MET F 97 7.29 5.63 15.03
C MET F 97 5.97 5.89 14.27
N PRO F 98 5.07 4.90 14.23
CA PRO F 98 3.81 5.09 13.50
C PRO F 98 2.93 6.17 14.10
N MET F 99 2.22 6.89 13.23
CA MET F 99 1.35 7.98 13.66
C MET F 99 0.25 7.51 14.59
N ALA F 100 -0.31 6.33 14.33
CA ALA F 100 -1.37 5.82 15.20
C ALA F 100 -0.85 5.50 16.60
N VAL F 101 0.44 5.25 16.75
CA VAL F 101 1.04 4.98 18.04
C VAL F 101 1.49 6.26 18.72
N GLU F 102 2.06 7.18 17.93
CA GLU F 102 2.51 8.45 18.47
C GLU F 102 1.40 9.17 19.23
N GLU F 103 0.18 9.16 18.71
CA GLU F 103 -0.91 9.86 19.38
C GLU F 103 -1.28 9.26 20.73
N VAL F 104 -0.74 8.09 21.08
CA VAL F 104 -0.99 7.54 22.40
C VAL F 104 -0.04 8.16 23.44
N LEU F 105 1.15 8.59 23.01
CA LEU F 105 2.08 9.23 23.92
C LEU F 105 1.59 10.58 24.42
N TYR F 106 0.76 11.28 23.64
CA TYR F 106 0.32 12.62 24.02
C TYR F 106 -0.22 12.67 25.44
N SER F 107 -1.12 11.76 25.80
CA SER F 107 -1.64 11.76 27.16
C SER F 107 -0.61 11.29 28.17
N ALA F 108 0.23 10.33 27.78
CA ALA F 108 1.25 9.81 28.68
C ALA F 108 2.27 10.88 29.06
N MET F 109 2.73 11.66 28.09
CA MET F 109 3.73 12.68 28.35
C MET F 109 3.17 13.86 29.14
N GLU F 110 1.96 14.31 28.80
CA GLU F 110 1.42 15.50 29.44
C GLU F 110 0.70 15.25 30.76
N ASP F 111 0.06 14.09 30.96
CA ASP F 111 -0.69 13.86 32.19
C ASP F 111 -0.40 12.53 32.87
N TYR F 112 0.48 11.70 32.34
CA TYR F 112 0.83 10.42 32.94
C TYR F 112 -0.34 9.44 33.06
N TYR F 113 -1.27 9.45 32.10
CA TYR F 113 -2.36 8.49 32.10
C TYR F 113 -2.58 8.04 30.67
N ILE F 114 -3.24 6.88 30.52
CA ILE F 114 -3.58 6.34 29.21
C ILE F 114 -4.98 5.75 29.25
N ASP F 115 -5.75 5.99 28.19
CA ASP F 115 -7.07 5.39 28.03
C ASP F 115 -6.93 4.22 27.08
N ILE F 116 -7.34 3.03 27.52
CA ILE F 116 -7.16 1.80 26.75
C ILE F 116 -8.39 0.91 26.88
N MET F 117 -8.63 0.12 25.84
CA MET F 117 -9.71 -0.86 25.82
C MET F 117 -9.08 -2.19 26.21
N ILE F 118 -9.74 -2.91 27.12
CA ILE F 118 -9.22 -4.17 27.61
C ILE F 118 -10.30 -5.24 27.50
N GLY F 119 -9.86 -6.48 27.31
CA GLY F 119 -10.77 -7.61 27.16
C GLY F 119 -11.26 -7.79 25.73
N ALA F 120 -12.18 -8.75 25.60
CA ALA F 120 -12.77 -9.09 24.32
C ALA F 120 -14.22 -9.51 24.53
N GLY F 121 -15.02 -9.34 23.48
CA GLY F 121 -16.43 -9.68 23.57
C GLY F 121 -17.12 -8.94 24.69
N GLU F 122 -17.93 -9.65 25.47
CA GLU F 122 -18.63 -9.02 26.58
C GLU F 122 -17.68 -8.51 27.66
N THR F 123 -16.42 -8.91 27.64
CA THR F 123 -15.46 -8.41 28.61
C THR F 123 -14.81 -7.11 28.17
N SER F 124 -15.00 -6.70 26.93
CA SER F 124 -14.41 -5.46 26.44
C SER F 124 -14.89 -4.26 27.24
N ARG F 125 -13.95 -3.51 27.80
CA ARG F 125 -14.29 -2.32 28.56
C ARG F 125 -13.10 -1.37 28.50
N SER F 126 -13.39 -0.08 28.72
CA SER F 126 -12.36 0.95 28.75
C SER F 126 -11.80 1.10 30.16
N VAL F 127 -10.48 1.23 30.26
CA VAL F 127 -9.80 1.40 31.53
C VAL F 127 -8.90 2.62 31.44
N HIS F 128 -8.76 3.32 32.56
CA HIS F 128 -7.96 4.54 32.64
C HIS F 128 -6.73 4.26 33.52
N LEU F 129 -5.62 3.90 32.88
CA LEU F 129 -4.37 3.62 33.58
C LEU F 129 -3.68 4.90 34.03
N ASP F 130 -3.06 4.86 35.20
CA ASP F 130 -2.36 6.00 35.77
C ASP F 130 -0.89 5.63 35.95
N LEU F 131 -0.03 6.23 35.12
CA LEU F 131 1.40 5.93 35.07
C LEU F 131 2.18 6.65 36.16
N PRO F 132 3.25 6.04 36.67
CA PRO F 132 4.14 6.72 37.60
C PRO F 132 5.03 7.71 36.87
N PRO F 133 5.60 8.68 37.57
CA PRO F 133 6.44 9.67 36.87
C PRO F 133 7.62 9.02 36.15
N PHE F 134 7.89 9.50 34.94
CA PHE F 134 8.98 8.98 34.14
C PHE F 134 9.45 10.07 33.20
N THR F 135 10.69 9.92 32.72
CA THR F 135 11.30 10.86 31.79
C THR F 135 11.54 10.18 30.45
N LEU F 136 11.05 10.78 29.39
CA LEU F 136 11.25 10.26 28.04
C LEU F 136 12.40 10.99 27.38
N VAL F 137 13.32 10.23 26.78
CA VAL F 137 14.44 10.78 26.03
C VAL F 137 14.33 10.28 24.61
N GLY F 138 14.07 11.17 23.67
CA GLY F 138 13.93 10.83 22.27
C GLY F 138 15.14 11.27 21.48
N ALA F 139 15.45 10.52 20.43
CA ALA F 139 16.57 10.85 19.56
C ALA F 139 16.11 10.86 18.10
N THR F 140 16.54 11.88 17.36
CA THR F 140 16.16 12.02 15.97
C THR F 140 17.25 12.80 15.25
N THR F 141 17.25 12.72 13.91
CA THR F 141 18.28 13.40 13.14
C THR F 141 17.99 14.89 12.96
N ARG F 142 16.73 15.26 12.74
CA ARG F 142 16.37 16.64 12.53
C ARG F 142 15.09 16.96 13.27
N ALA F 143 14.99 18.20 13.76
CA ALA F 143 13.79 18.60 14.47
C ALA F 143 12.59 18.69 13.53
N GLY F 144 12.82 19.04 12.27
CA GLY F 144 11.75 19.14 11.30
C GLY F 144 11.12 17.83 10.89
N MET F 145 11.64 16.71 11.38
CA MET F 145 11.05 15.41 11.04
C MET F 145 9.84 15.08 11.90
N LEU F 146 9.74 15.64 13.10
CA LEU F 146 8.62 15.36 13.99
C LEU F 146 7.43 16.28 13.77
N SER F 147 6.26 15.78 14.13
CA SER F 147 5.02 16.53 14.03
C SER F 147 4.94 17.63 15.08
N ASN F 148 4.19 18.68 14.75
CA ASN F 148 4.03 19.80 15.69
C ASN F 148 3.44 19.40 17.03
N PRO F 149 2.44 18.52 17.10
CA PRO F 149 1.89 18.18 18.43
C PRO F 149 2.84 17.38 19.30
N LEU F 150 3.77 16.63 18.71
CA LEU F 150 4.74 15.90 19.53
C LEU F 150 5.90 16.79 19.95
N ARG F 151 6.48 17.53 19.00
CA ARG F 151 7.59 18.40 19.32
C ARG F 151 7.23 19.42 20.38
N ALA F 152 5.98 19.87 20.41
CA ALA F 152 5.55 20.83 21.41
C ALA F 152 5.53 20.28 22.82
N ARG F 153 5.54 18.96 23.00
CA ARG F 153 5.49 18.39 24.34
C ARG F 153 6.87 18.17 24.97
N PHE F 154 7.94 18.16 24.19
CA PHE F 154 9.28 18.02 24.76
C PHE F 154 9.71 19.34 25.39
N GLY F 155 10.20 19.26 26.63
CA GLY F 155 10.59 20.44 27.37
C GLY F 155 12.03 20.90 27.24
N ILE F 156 12.92 20.05 26.77
CA ILE F 156 14.34 20.41 26.62
C ILE F 156 14.81 19.93 25.25
N ASN F 157 15.62 20.75 24.59
CA ASN F 157 16.15 20.42 23.28
C ASN F 157 17.66 20.58 23.29
N GLY F 158 18.36 19.60 22.71
CA GLY F 158 19.81 19.61 22.65
C GLY F 158 20.35 19.29 21.27
N HIS F 159 21.21 20.14 20.75
CA HIS F 159 21.82 19.95 19.43
C HIS F 159 23.28 19.54 19.64
N MET F 160 23.66 18.39 19.10
CA MET F 160 25.00 17.83 19.25
C MET F 160 25.80 18.04 17.97
N GLU F 161 27.09 18.36 18.13
CA GLU F 161 27.95 18.68 17.01
C GLU F 161 29.21 17.83 17.01
N TYR F 162 29.84 17.77 15.83
CA TYR F 162 31.07 17.00 15.65
C TYR F 162 32.18 17.47 16.58
N TYR F 163 33.00 16.51 17.00
CA TYR F 163 34.12 16.78 17.89
C TYR F 163 35.30 17.33 17.08
N GLU F 164 36.07 18.21 17.70
CA GLU F 164 37.25 18.76 17.05
C GLU F 164 38.50 17.95 17.42
N LEU F 165 39.57 18.20 16.67
CA LEU F 165 40.81 17.44 16.87
C LEU F 165 41.30 17.41 18.32
N PRO F 166 41.25 18.50 19.08
CA PRO F 166 41.74 18.40 20.47
C PRO F 166 40.94 17.44 21.32
N ASP F 167 39.64 17.34 21.08
CA ASP F 167 38.77 16.44 21.83
C ASP F 167 38.96 14.99 21.38
N LEU F 168 38.90 14.74 20.08
CA LEU F 168 39.10 13.38 19.60
C LEU F 168 40.45 12.83 20.01
N THR F 169 41.47 13.69 20.05
CA THR F 169 42.77 13.23 20.50
C THR F 169 42.68 12.71 21.93
N GLU F 170 41.96 13.40 22.80
CA GLU F 170 41.81 12.94 24.17
C GLU F 170 40.98 11.66 24.24
N ILE F 171 39.97 11.54 23.39
CA ILE F 171 39.15 10.33 23.38
C ILE F 171 39.97 9.13 22.94
N VAL F 172 40.81 9.29 21.92
CA VAL F 172 41.67 8.20 21.50
C VAL F 172 42.68 7.86 22.59
N GLU F 173 43.28 8.88 23.21
CA GLU F 173 44.22 8.64 24.30
C GLU F 173 43.53 7.92 25.46
N ARG F 174 42.28 8.29 25.75
CA ARG F 174 41.54 7.62 26.80
C ARG F 174 41.23 6.17 26.41
N THR F 175 40.73 5.97 25.19
CA THR F 175 40.39 4.62 24.75
C THR F 175 41.63 3.74 24.74
N SER F 176 42.76 4.27 24.29
CA SER F 176 44.02 3.54 24.30
C SER F 176 44.57 3.38 25.70
N GLU F 177 43.86 3.87 26.72
CA GLU F 177 44.25 3.69 28.11
C GLU F 177 43.43 2.60 28.77
N ILE F 178 42.23 2.33 28.28
CA ILE F 178 41.45 1.22 28.80
C ILE F 178 42.14 -0.08 28.43
N PHE F 179 42.47 -0.22 27.14
CA PHE F 179 43.31 -1.31 26.72
C PHE F 179 44.72 -0.95 27.19
N GLU F 180 45.43 -1.92 27.76
CA GLU F 180 46.78 -1.61 28.22
C GLU F 180 47.68 -1.58 26.98
N MET F 181 47.68 -0.41 26.33
CA MET F 181 48.42 -0.18 25.11
C MET F 181 49.12 1.17 25.22
N THR F 182 50.10 1.39 24.34
CA THR F 182 50.86 2.63 24.32
C THR F 182 50.75 3.25 22.93
N ILE F 183 50.45 4.54 22.88
CA ILE F 183 50.34 5.28 21.63
C ILE F 183 51.02 6.62 21.80
N THR F 184 51.81 7.02 20.80
CA THR F 184 52.50 8.29 20.83
C THR F 184 51.58 9.45 20.42
N PRO F 185 51.92 10.66 20.85
CA PRO F 185 51.06 11.81 20.50
C PRO F 185 50.83 11.97 19.01
N GLU F 186 51.85 11.76 18.19
CA GLU F 186 51.69 11.89 16.75
C GLU F 186 50.74 10.84 16.19
N ALA F 187 50.80 9.62 16.72
CA ALA F 187 49.88 8.59 16.23
C ALA F 187 48.46 8.90 16.63
N ALA F 188 48.25 9.33 17.87
CA ALA F 188 46.90 9.69 18.32
C ALA F 188 46.35 10.85 17.50
N LEU F 189 47.18 11.86 17.23
CA LEU F 189 46.72 12.99 16.43
C LEU F 189 46.38 12.55 15.01
N GLU F 190 47.24 11.73 14.39
CA GLU F 190 46.97 11.27 13.04
C GLU F 190 45.70 10.43 12.97
N LEU F 191 45.51 9.52 13.91
CA LEU F 191 44.31 8.69 13.91
C LEU F 191 43.04 9.52 14.09
N ALA F 192 43.07 10.52 14.97
CA ALA F 192 41.92 11.38 15.19
C ALA F 192 41.60 12.21 13.95
N ARG F 193 42.61 12.82 13.34
CA ARG F 193 42.39 13.61 12.13
C ARG F 193 41.67 12.79 11.06
N ARG F 194 41.97 11.51 10.99
CA ARG F 194 41.33 10.59 10.03
C ARG F 194 39.97 10.08 10.48
N SER F 195 39.58 10.31 11.73
CA SER F 195 38.37 9.73 12.31
C SER F 195 37.06 10.42 11.92
N ARG F 196 37.02 11.24 10.86
CA ARG F 196 35.77 11.88 10.41
C ARG F 196 35.01 12.55 11.54
N GLY F 197 35.71 13.08 12.54
CA GLY F 197 35.07 13.75 13.66
C GLY F 197 34.08 12.93 14.46
N THR F 198 34.09 11.60 14.35
CA THR F 198 33.10 10.76 15.01
C THR F 198 33.79 9.85 16.02
N PRO F 199 33.36 9.84 17.29
CA PRO F 199 34.02 8.96 18.26
C PRO F 199 33.84 7.49 17.96
N ARG F 200 32.69 7.08 17.40
CA ARG F 200 32.49 5.68 17.09
C ARG F 200 33.53 5.16 16.12
N ILE F 201 33.87 5.94 15.10
CA ILE F 201 34.91 5.54 14.16
C ILE F 201 36.27 5.51 14.84
N ALA F 202 36.57 6.51 15.65
CA ALA F 202 37.87 6.56 16.33
C ALA F 202 38.14 5.29 17.12
N ASN F 203 37.12 4.77 17.82
CA ASN F 203 37.31 3.54 18.59
C ASN F 203 37.48 2.32 17.69
N ARG F 204 36.71 2.22 16.61
CA ARG F 204 36.85 1.08 15.71
C ARG F 204 38.23 1.03 15.08
N LEU F 205 38.71 2.14 14.54
CA LEU F 205 40.04 2.16 13.94
C LEU F 205 41.13 1.86 14.96
N LEU F 206 41.02 2.41 16.17
CA LEU F 206 42.03 2.15 17.19
C LEU F 206 42.16 0.66 17.47
N LYS F 207 41.05 -0.07 17.51
CA LYS F 207 41.13 -1.50 17.74
C LYS F 207 41.92 -2.20 16.63
N ARG F 208 41.62 -1.87 15.38
CA ARG F 208 42.33 -2.47 14.25
C ARG F 208 43.83 -2.15 14.27
N VAL F 209 44.18 -0.88 14.53
CA VAL F 209 45.59 -0.51 14.60
C VAL F 209 46.29 -1.27 15.71
N ARG F 210 45.63 -1.47 16.83
CA ARG F 210 46.21 -2.25 17.92
C ARG F 210 46.49 -3.68 17.48
N ASP F 211 45.54 -4.30 16.79
CA ASP F 211 45.74 -5.66 16.30
C ASP F 211 46.94 -5.74 15.37
N TYR F 212 47.05 -4.77 14.45
CA TYR F 212 48.19 -4.73 13.52
C TYR F 212 49.51 -4.52 14.25
N ALA F 213 49.54 -3.59 15.21
CA ALA F 213 50.77 -3.32 15.94
C ALA F 213 51.22 -4.51 16.78
N GLN F 214 50.29 -5.32 17.26
CA GLN F 214 50.67 -6.47 18.06
C GLN F 214 51.25 -7.60 17.22
N ILE F 215 50.70 -7.82 16.02
CA ILE F 215 51.17 -8.91 15.16
C ILE F 215 52.26 -8.44 14.20
N MET F 216 52.06 -7.31 13.54
CA MET F 216 53.01 -6.81 12.55
C MET F 216 53.98 -5.80 13.13
N GLY F 217 53.94 -5.57 14.45
CA GLY F 217 54.82 -4.62 15.08
C GLY F 217 55.26 -5.07 16.46
N ASP F 218 55.84 -4.15 17.22
CA ASP F 218 56.34 -4.44 18.55
C ASP F 218 55.32 -4.15 19.65
N GLY F 219 54.06 -3.93 19.30
CA GLY F 219 53.07 -3.63 20.33
C GLY F 219 53.04 -2.20 20.76
N VAL F 220 53.63 -1.30 19.98
CA VAL F 220 53.66 0.14 20.25
C VAL F 220 53.19 0.83 18.99
N ILE F 221 52.32 1.83 19.15
CA ILE F 221 51.74 2.54 18.02
C ILE F 221 52.55 3.79 17.74
N ASP F 222 53.05 3.89 16.52
CA ASP F 222 53.84 5.02 16.05
C ASP F 222 53.27 5.52 14.74
N ASP F 223 53.62 6.75 14.38
CA ASP F 223 53.14 7.33 13.13
C ASP F 223 53.35 6.36 11.96
N LYS F 224 54.51 5.72 11.91
CA LYS F 224 54.78 4.75 10.85
C LYS F 224 53.78 3.60 10.89
N ILE F 225 53.40 3.17 12.09
CA ILE F 225 52.45 2.07 12.22
C ILE F 225 51.05 2.52 11.85
N ALA F 226 50.63 3.69 12.33
CA ALA F 226 49.31 4.19 12.00
C ALA F 226 49.13 4.35 10.49
N ASP F 227 50.13 4.92 9.80
CA ASP F 227 50.04 5.05 8.36
C ASP F 227 49.85 3.69 7.69
N GLN F 228 50.67 2.71 8.04
CA GLN F 228 50.55 1.40 7.42
C GLN F 228 49.19 0.77 7.71
N ALA F 229 48.77 0.77 8.96
CA ALA F 229 47.46 0.21 9.29
C ALA F 229 46.35 0.91 8.54
N LEU F 230 46.31 2.25 8.61
CA LEU F 230 45.29 2.99 7.88
C LEU F 230 45.44 2.82 6.38
N THR F 231 46.66 2.65 5.90
CA THR F 231 46.85 2.43 4.46
C THR F 231 46.36 1.05 4.04
N MET F 232 46.46 0.06 4.94
CA MET F 232 45.97 -1.27 4.59
C MET F 232 44.46 -1.26 4.46
N LEU F 233 43.78 -0.55 5.34
CA LEU F 233 42.34 -0.35 5.19
C LEU F 233 42.09 0.67 4.08
N ASP F 234 40.82 0.89 3.77
CA ASP F 234 40.46 1.83 2.71
C ASP F 234 40.39 3.27 3.17
N VAL F 235 40.74 3.58 4.42
CA VAL F 235 40.64 4.96 4.89
C VAL F 235 41.66 5.81 4.15
N ASP F 236 41.16 6.81 3.43
CA ASP F 236 42.00 7.73 2.68
C ASP F 236 42.85 8.58 3.63
N HIS F 237 43.75 9.37 3.04
CA HIS F 237 44.63 10.23 3.83
C HIS F 237 43.87 11.33 4.55
N GLU F 238 42.56 11.46 4.38
CA GLU F 238 41.78 12.45 5.12
C GLU F 238 40.42 11.92 5.54
N GLY F 239 40.32 10.61 5.78
CA GLY F 239 39.13 9.98 6.31
C GLY F 239 38.01 9.64 5.34
N LEU F 240 38.09 10.03 4.07
CA LEU F 240 37.00 9.69 3.16
C LEU F 240 36.82 8.18 3.05
N ASP F 241 35.59 7.74 3.20
CA ASP F 241 35.21 6.33 3.11
C ASP F 241 35.15 5.89 1.65
N TYR F 242 35.11 4.57 1.45
CA TYR F 242 34.97 4.06 0.09
C TYR F 242 33.67 4.54 -0.54
N VAL F 243 32.62 4.69 0.25
CA VAL F 243 31.35 5.23 -0.26
C VAL F 243 31.52 6.69 -0.64
N ASP F 244 32.27 7.45 0.16
CA ASP F 244 32.51 8.85 -0.14
C ASP F 244 33.21 8.99 -1.49
N GLN F 245 34.28 8.23 -1.69
CA GLN F 245 34.99 8.25 -2.95
C GLN F 245 34.07 7.87 -4.09
N LYS F 246 33.25 6.84 -3.87
CA LYS F 246 32.30 6.39 -4.88
C LYS F 246 31.35 7.52 -5.29
N ILE F 247 30.83 8.29 -4.33
CA ILE F 247 29.94 9.40 -4.65
C ILE F 247 30.66 10.45 -5.50
N LEU F 248 31.75 11.01 -4.98
CA LEU F 248 32.46 12.05 -5.71
C LEU F 248 32.84 11.59 -7.11
N ARG F 249 33.37 10.38 -7.22
CA ARG F 249 33.74 9.83 -8.52
C ARG F 249 32.54 9.75 -9.46
N THR F 250 31.40 9.29 -8.96
CA THR F 250 30.21 9.16 -9.80
C THR F 250 29.69 10.51 -10.29
N MET F 251 29.70 11.52 -9.42
CA MET F 251 29.21 12.84 -9.83
C MET F 251 30.09 13.47 -10.91
N ILE F 252 31.40 13.43 -10.73
CA ILE F 252 32.31 14.05 -11.68
C ILE F 252 32.27 13.34 -13.03
N GLU F 253 32.32 12.01 -13.02
CA GLU F 253 32.39 11.27 -14.28
C GLU F 253 31.03 11.04 -14.93
N MET F 254 30.02 10.62 -14.16
CA MET F 254 28.75 10.29 -14.80
C MET F 254 27.82 11.49 -14.95
N TYR F 255 27.93 12.50 -14.09
CA TYR F 255 27.11 13.70 -14.20
C TYR F 255 27.92 14.93 -14.55
N GLY F 256 29.22 14.78 -14.83
CA GLY F 256 30.03 15.91 -15.20
C GLY F 256 30.13 16.98 -14.14
N GLY F 257 30.04 16.60 -12.87
CA GLY F 257 30.10 17.54 -11.77
C GLY F 257 28.75 18.05 -11.29
N GLY F 258 27.66 17.69 -11.95
CA GLY F 258 26.36 18.14 -11.56
C GLY F 258 25.83 19.26 -12.44
N PRO F 259 24.72 19.88 -12.04
CA PRO F 259 23.96 19.57 -10.83
C PRO F 259 23.21 18.25 -10.91
N VAL F 260 23.05 17.59 -9.77
CA VAL F 260 22.32 16.32 -9.71
C VAL F 260 21.61 16.25 -8.38
N GLY F 261 20.42 15.66 -8.38
CA GLY F 261 19.65 15.51 -7.15
C GLY F 261 20.02 14.22 -6.42
N LEU F 262 19.93 14.28 -5.09
CA LEU F 262 20.26 13.10 -4.29
C LEU F 262 19.32 11.95 -4.58
N GLY F 263 18.08 12.23 -4.96
CA GLY F 263 17.16 11.17 -5.30
C GLY F 263 17.64 10.36 -6.49
N THR F 264 17.99 11.06 -7.57
CA THR F 264 18.48 10.39 -8.77
C THR F 264 19.88 9.82 -8.58
N LEU F 265 20.72 10.48 -7.78
CA LEU F 265 22.05 9.97 -7.53
C LEU F 265 22.03 8.68 -6.72
N SER F 266 21.17 8.61 -5.69
CA SER F 266 21.09 7.42 -4.85
C SER F 266 20.86 6.15 -5.65
N VAL F 267 19.89 6.18 -6.56
CA VAL F 267 19.57 5.01 -7.37
C VAL F 267 20.71 4.61 -8.29
N ASN F 268 21.60 5.54 -8.65
CA ASN F 268 22.72 5.17 -9.50
C ASN F 268 23.84 4.50 -8.73
N ILE F 269 24.07 4.88 -7.47
CA ILE F 269 25.09 4.22 -6.65
C ILE F 269 24.53 3.03 -5.87
N ALA F 270 23.23 2.76 -5.97
CA ALA F 270 22.60 1.66 -5.25
C ALA F 270 22.74 1.78 -3.74
N GLU F 271 22.54 3.00 -3.22
CA GLU F 271 22.57 3.28 -1.80
C GLU F 271 21.22 3.84 -1.40
N GLU F 272 20.77 3.51 -0.20
CA GLU F 272 19.48 4.00 0.26
C GLU F 272 19.55 5.49 0.56
N ARG F 273 18.57 6.22 0.05
CA ARG F 273 18.53 7.68 0.17
C ARG F 273 18.78 8.17 1.60
N GLU F 274 18.16 7.52 2.59
CA GLU F 274 18.32 7.97 3.98
C GLU F 274 19.76 7.90 4.46
N THR F 275 20.54 6.94 3.99
CA THR F 275 21.91 6.83 4.47
C THR F 275 22.80 7.92 3.90
N VAL F 276 22.67 8.20 2.60
CA VAL F 276 23.49 9.24 1.98
C VAL F 276 23.09 10.62 2.49
N GLU F 277 21.79 10.83 2.74
CA GLU F 277 21.33 12.11 3.27
C GLU F 277 21.78 12.34 4.71
N ASP F 278 21.64 11.35 5.57
CA ASP F 278 21.90 11.53 7.00
C ASP F 278 23.32 11.22 7.44
N MET F 279 24.04 10.33 6.76
CA MET F 279 25.38 9.95 7.20
C MET F 279 26.50 10.57 6.39
N TYR F 280 26.41 10.53 5.06
CA TYR F 280 27.52 10.97 4.21
C TYR F 280 27.41 12.42 3.72
N GLU F 281 26.29 12.81 3.13
CA GLU F 281 26.16 14.17 2.64
C GLU F 281 26.51 15.25 3.66
N PRO F 282 26.08 15.16 4.92
CA PRO F 282 26.38 16.25 5.87
C PRO F 282 27.87 16.54 6.02
N TYR F 283 28.70 15.51 6.11
CA TYR F 283 30.14 15.72 6.26
C TYR F 283 30.76 16.28 4.99
N LEU F 284 30.39 15.75 3.83
CA LEU F 284 30.93 16.26 2.58
C LEU F 284 30.61 17.74 2.40
N ILE F 285 29.43 18.16 2.87
CA ILE F 285 29.05 19.57 2.79
C ILE F 285 29.82 20.39 3.81
N GLN F 286 29.82 19.96 5.07
CA GLN F 286 30.50 20.71 6.12
C GLN F 286 32.00 20.83 5.92
N LYS F 287 32.60 20.06 5.00
CA LYS F 287 34.04 20.16 4.77
C LYS F 287 34.37 20.67 3.37
N GLY F 288 33.37 21.10 2.61
CA GLY F 288 33.60 21.70 1.31
C GLY F 288 33.86 20.77 0.16
N PHE F 289 33.68 19.46 0.33
CA PHE F 289 33.87 18.57 -0.80
C PHE F 289 32.72 18.69 -1.79
N ILE F 290 31.51 18.93 -1.28
CA ILE F 290 30.32 19.09 -2.10
C ILE F 290 29.68 20.43 -1.78
N MET F 291 29.10 21.04 -2.80
CA MET F 291 28.37 22.29 -2.70
C MET F 291 26.93 22.05 -3.10
N ARG F 292 26.01 22.76 -2.46
CA ARG F 292 24.59 22.66 -2.76
C ARG F 292 24.11 23.90 -3.48
N THR F 293 23.28 23.71 -4.50
CA THR F 293 22.77 24.78 -5.32
C THR F 293 21.27 24.58 -5.53
N ARG F 294 20.63 25.66 -6.01
CA ARG F 294 19.20 25.63 -6.28
C ARG F 294 18.80 24.40 -7.08
N THR F 295 19.64 23.97 -8.03
CA THR F 295 19.31 22.82 -8.85
C THR F 295 19.70 21.49 -8.23
N GLY F 296 20.67 21.48 -7.32
CA GLY F 296 21.10 20.23 -6.72
C GLY F 296 22.52 20.36 -6.17
N ARG F 297 23.13 19.21 -5.89
CA ARG F 297 24.48 19.21 -5.38
C ARG F 297 25.49 19.37 -6.52
N VAL F 298 26.61 20.02 -6.19
CA VAL F 298 27.67 20.29 -7.15
C VAL F 298 29.00 20.01 -6.46
N ALA F 299 29.91 19.34 -7.15
CA ALA F 299 31.22 19.05 -6.58
C ALA F 299 32.13 20.26 -6.72
N THR F 300 32.80 20.63 -5.63
CA THR F 300 33.71 21.76 -5.63
C THR F 300 35.06 21.39 -6.23
N ALA F 301 35.85 22.43 -6.54
CA ALA F 301 37.19 22.21 -7.07
C ALA F 301 38.05 21.38 -6.14
N LYS F 302 37.81 21.48 -4.82
CA LYS F 302 38.54 20.66 -3.86
C LYS F 302 38.36 19.18 -4.15
N ALA F 303 37.13 18.78 -4.52
CA ALA F 303 36.89 17.39 -4.89
C ALA F 303 37.66 17.02 -6.15
N TYR F 304 37.67 17.89 -7.15
CA TYR F 304 38.40 17.62 -8.37
C TYR F 304 39.87 17.38 -8.09
N GLU F 305 40.50 18.23 -7.28
CA GLU F 305 41.92 18.04 -6.98
C GLU F 305 42.16 16.83 -6.10
N HIS F 306 41.18 16.45 -5.27
CA HIS F 306 41.34 15.26 -4.43
C HIS F 306 41.28 13.99 -5.26
N MET F 307 40.32 13.91 -6.18
CA MET F 307 40.20 12.74 -7.04
C MET F 307 41.24 12.74 -8.15
N GLY F 308 41.89 13.87 -8.40
CA GLY F 308 42.93 13.94 -9.42
C GLY F 308 42.44 14.25 -10.82
N TYR F 309 41.24 14.79 -10.97
CA TYR F 309 40.71 15.17 -12.26
C TYR F 309 41.00 16.64 -12.52
N ASP F 310 40.72 17.09 -13.74
CA ASP F 310 40.91 18.48 -14.13
C ASP F 310 39.58 19.20 -14.09
N TYR F 311 39.52 20.29 -13.32
CA TYR F 311 38.31 21.09 -13.19
C TYR F 311 38.17 22.02 -14.40
N THR F 312 37.98 21.39 -15.57
CA THR F 312 37.85 22.13 -16.81
C THR F 312 36.55 22.93 -16.81
N SER G 1 12.14 -50.87 24.28
CA SER G 1 11.49 -50.53 23.03
C SER G 1 10.80 -49.17 23.13
N GLU G 2 10.62 -48.69 24.36
CA GLU G 2 9.96 -47.41 24.56
C GLU G 2 10.75 -46.28 23.93
N ASP G 3 12.07 -46.42 23.83
CA ASP G 3 12.88 -45.42 23.15
C ASP G 3 12.56 -45.39 21.66
N ALA G 4 12.52 -46.56 21.02
CA ALA G 4 12.22 -46.61 19.60
C ALA G 4 10.80 -46.16 19.32
N GLU G 5 9.85 -46.55 20.17
CA GLU G 5 8.47 -46.09 19.99
C GLU G 5 8.39 -44.58 20.15
N GLN G 6 8.99 -44.05 21.22
CA GLN G 6 8.98 -42.60 21.42
C GLN G 6 9.81 -41.90 20.36
N GLU G 7 10.94 -42.49 19.97
CA GLU G 7 11.76 -41.91 18.91
C GLU G 7 10.95 -41.76 17.63
N ALA G 8 10.24 -42.81 17.24
CA ALA G 8 9.40 -42.73 16.04
C ALA G 8 8.30 -41.69 16.23
N VAL G 9 7.64 -41.71 17.39
CA VAL G 9 6.59 -40.73 17.66
C VAL G 9 7.18 -39.32 17.70
N ALA G 10 8.31 -39.16 18.41
CA ALA G 10 8.94 -37.86 18.50
C ALA G 10 9.48 -37.41 17.14
N ALA G 11 10.09 -38.34 16.39
CA ALA G 11 10.59 -38.00 15.06
C ALA G 11 9.46 -37.64 14.11
N LEU G 12 8.34 -38.36 14.19
CA LEU G 12 7.19 -38.04 13.36
C LEU G 12 6.65 -36.65 13.71
N VAL G 13 6.62 -36.32 14.99
CA VAL G 13 6.18 -34.99 15.42
C VAL G 13 7.12 -33.93 14.88
N ALA G 14 8.41 -34.24 14.80
CA ALA G 14 9.37 -33.28 14.27
C ALA G 14 9.12 -32.98 12.80
N LEU G 15 8.40 -33.85 12.09
CA LEU G 15 8.04 -33.64 10.70
C LEU G 15 6.76 -32.83 10.56
N GLY G 16 6.20 -32.34 11.65
CA GLY G 16 5.01 -31.52 11.64
C GLY G 16 3.72 -32.20 12.01
N TYR G 17 3.75 -33.50 12.30
CA TYR G 17 2.52 -34.18 12.69
C TYR G 17 2.13 -33.82 14.11
N LYS G 18 0.82 -33.82 14.37
CA LYS G 18 0.33 -33.51 15.70
C LYS G 18 0.67 -34.65 16.67
N PRO G 19 0.94 -34.32 17.94
CA PRO G 19 1.29 -35.38 18.90
C PRO G 19 0.26 -36.49 19.00
N GLN G 20 -1.03 -36.15 19.05
CA GLN G 20 -2.06 -37.17 19.12
C GLN G 20 -2.11 -38.00 17.84
N GLU G 21 -2.18 -37.33 16.68
CA GLU G 21 -2.26 -38.07 15.43
C GLU G 21 -0.97 -38.83 15.17
N ALA G 22 0.18 -38.24 15.49
CA ALA G 22 1.44 -38.94 15.36
C ALA G 22 1.49 -40.18 16.25
N SER G 23 0.99 -40.05 17.48
CA SER G 23 0.95 -41.19 18.39
C SER G 23 0.05 -42.31 17.86
N ARG G 24 -1.15 -41.95 17.41
CA ARG G 24 -2.06 -42.95 16.87
C ARG G 24 -1.45 -43.64 15.66
N MET G 25 -0.87 -42.87 14.73
CA MET G 25 -0.25 -43.46 13.56
C MET G 25 0.82 -44.47 13.95
N VAL G 26 1.74 -44.06 14.83
CA VAL G 26 2.78 -45.00 15.28
C VAL G 26 2.15 -46.09 16.15
N SER G 27 1.18 -45.72 16.98
CA SER G 27 0.49 -46.72 17.81
C SER G 27 -0.30 -47.70 16.96
N LYS G 28 -0.73 -47.27 15.77
CA LYS G 28 -1.45 -48.15 14.87
C LYS G 28 -0.55 -49.20 14.23
N ILE G 29 0.77 -49.00 14.26
CA ILE G 29 1.68 -49.99 13.71
C ILE G 29 1.68 -51.23 14.61
N ALA G 30 1.70 -52.40 13.98
CA ALA G 30 1.62 -53.65 14.73
C ALA G 30 2.93 -53.98 15.45
N ARG G 31 4.02 -54.13 14.70
CA ARG G 31 5.30 -54.51 15.28
C ARG G 31 5.91 -53.39 16.13
N PRO G 32 6.07 -53.57 17.45
CA PRO G 32 6.74 -52.54 18.26
C PRO G 32 8.25 -52.75 18.24
N ASP G 33 8.64 -54.02 18.07
CA ASP G 33 10.04 -54.42 18.07
C ASP G 33 10.84 -53.88 16.89
N ALA G 34 10.19 -53.36 15.85
CA ALA G 34 10.94 -52.87 14.70
C ALA G 34 11.80 -51.66 15.10
N SER G 35 12.92 -51.50 14.39
CA SER G 35 13.84 -50.41 14.68
C SER G 35 13.19 -49.05 14.43
N SER G 36 13.70 -48.04 15.13
CA SER G 36 13.14 -46.69 15.03
C SER G 36 13.02 -46.21 13.59
N GLU G 37 14.03 -46.47 12.77
CA GLU G 37 13.96 -46.05 11.37
C GLU G 37 12.82 -46.75 10.64
N THR G 38 12.66 -48.05 10.86
CA THR G 38 11.57 -48.79 10.20
C THR G 38 10.21 -48.31 10.72
N LEU G 39 10.11 -48.02 12.01
CA LEU G 39 8.85 -47.53 12.57
C LEU G 39 8.44 -46.21 11.92
N ILE G 40 9.37 -45.25 11.85
CA ILE G 40 9.07 -43.97 11.21
C ILE G 40 8.90 -44.14 9.72
N ARG G 41 9.72 -44.98 9.09
CA ARG G 41 9.61 -45.23 7.66
C ARG G 41 8.24 -45.80 7.29
N ASP G 42 7.80 -46.80 8.04
CA ASP G 42 6.48 -47.40 7.78
C ASP G 42 5.36 -46.41 8.10
N ALA G 43 5.46 -45.73 9.24
CA ALA G 43 4.46 -44.74 9.62
C ALA G 43 4.32 -43.64 8.57
N LEU G 44 5.44 -43.12 8.07
CA LEU G 44 5.38 -42.09 7.04
C LEU G 44 4.76 -42.62 5.76
N ARG G 45 5.07 -43.85 5.39
CA ARG G 45 4.48 -44.44 4.18
C ARG G 45 2.97 -44.61 4.34
N ALA G 46 2.52 -45.02 5.52
CA ALA G 46 1.10 -45.21 5.77
C ALA G 46 0.32 -43.90 5.73
N ALA G 47 0.97 -42.76 5.90
CA ALA G 47 0.31 -41.47 5.85
C ALA G 47 -0.06 -41.02 4.44
N LEU G 48 0.30 -41.80 3.42
CA LEU G 48 0.01 -41.42 2.03
C LEU G 48 -1.31 -42.03 1.57
PG AGS J . -3.80 19.83 21.80
S1G AGS J . -4.81 20.34 20.22
O2G AGS J . -4.56 18.72 22.58
O3G AGS J . -2.40 19.31 21.34
PB AGS J . -4.71 21.41 23.80
O1B AGS J . -5.85 22.06 23.13
O2B AGS J . -5.10 20.10 24.47
O3B AGS J . -3.60 21.03 22.77
PA AGS J . -4.33 22.00 26.43
O1A AGS J . -5.74 22.13 26.78
O2A AGS J . -3.78 20.60 26.67
O3A AGS J . -4.06 22.29 24.91
O5' AGS J . -3.48 23.08 27.16
C5' AGS J . -2.07 22.92 27.24
C4' AGS J . -1.56 23.61 28.49
O4' AGS J . -2.01 24.98 28.50
C3' AGS J . -2.03 22.99 29.80
O3' AGS J . -1.00 23.00 30.77
C2' AGS J . -3.19 23.91 30.22
O2' AGS J . -3.35 23.94 31.62
C1' AGS J . -2.70 25.25 29.69
N9 AGS J . -3.77 26.20 29.41
C8 AGS J . -4.48 26.30 28.24
N7 AGS J . -5.38 27.26 28.24
C5 AGS J . -5.22 27.84 29.48
C6 AGS J . -5.87 28.93 30.11
N6 AGS J . -6.84 29.64 29.53
N1 AGS J . -5.47 29.26 31.36
C2 AGS J . -4.50 28.55 31.93
N3 AGS J . -3.82 27.52 31.44
C4 AGS J . -4.23 27.21 30.21
HOG2 AGS J . -4.53 17.96 22.11
H21 AGS J . -2.37 19.29 20.46
H5'1 AGS J . -1.64 23.31 26.46
H5'2 AGS J . -1.85 21.97 27.29
H4' AGS J . -0.59 23.60 28.47
H3' AGS J . -2.36 22.09 29.66
HO3' AGS J . -0.49 22.28 30.66
H2' AGS J . -4.01 23.64 29.78
HO2' AGS J . -2.60 23.65 32.01
H1' AGS J . -2.08 25.64 30.34
H8 AGS J . -4.35 25.70 27.49
HN61 AGS J . -7.14 29.41 28.71
HN62 AGS J . -7.21 30.35 29.97
H2 AGS J . -4.26 28.83 32.83
MG MG K . -5.46 18.27 24.19
PG AGS L . -27.74 12.65 6.37
S1G AGS L . -26.99 12.35 4.60
O2G AGS L . -28.31 11.32 6.94
O3G AGS L . -26.64 13.19 7.31
PB AGS L . -30.36 13.31 5.92
O1B AGS L . -30.47 13.18 4.46
O2B AGS L . -30.67 11.99 6.64
O3B AGS L . -28.89 13.68 6.35
PA AGS L . -32.50 13.90 7.48
O1A AGS L . -33.54 13.16 6.77
O2A AGS L . -31.84 13.08 8.58
O3A AGS L . -31.33 14.37 6.53
O5' AGS L . -33.07 15.23 8.06
C5' AGS L . -32.37 15.88 9.13
C4' AGS L . -33.30 16.88 9.77
O4' AGS L . -33.92 17.67 8.73
C3' AGS L . -34.44 16.29 10.60
O3' AGS L . -34.56 16.98 11.83
C2' AGS L . -35.66 16.48 9.71
O2' AGS L . -36.84 16.70 10.49
C1' AGS L . -35.30 17.75 8.94
N9 AGS L . -35.94 17.85 7.65
C8 AGS L . -35.43 17.48 6.44
N7 AGS L . -36.20 17.70 5.42
C5 AGS L . -37.33 18.27 5.99
C6 AGS L . -38.53 18.75 5.44
N6 AGS L . -38.82 18.71 4.13
N1 AGS L . -39.45 19.27 6.29
C2 AGS L . -39.16 19.30 7.59
N3 AGS L . -38.07 18.89 8.22
C4 AGS L . -37.18 18.38 7.36
HOG2 AGS L . -27.64 10.75 7.05
H21 AGS L . -25.90 13.33 6.84
H5'1 AGS L . -31.58 16.33 8.79
H5'2 AGS L . -32.10 15.22 9.79
H4' AGS L . -32.77 17.46 10.33
H3' AGS L . -34.28 15.35 10.76
HO3' AGS L . -35.43 17.12 12.00
H2' AGS L . -35.78 15.73 9.11
HO2' AGS L . -37.42 17.17 10.03
H1' AGS L . -35.51 18.53 9.48
H8 AGS L . -34.55 17.07 6.35
HN61 AGS L . -38.24 18.33 3.56
HN62 AGS L . -39.60 19.07 3.84
H2 AGS L . -39.86 19.69 8.16
MG MG M . -29.80 9.74 7.07
PG AGS N . -25.32 -8.09 -14.89
S1G AGS N . -23.52 -7.40 -15.12
O2G AGS N . -25.28 -9.63 -14.66
O3G AGS N . -25.96 -7.40 -13.66
PB AGS N . -26.65 -8.93 -17.13
O1B AGS N . -25.55 -9.30 -18.03
O2B AGS N . -27.11 -10.11 -16.28
O3B AGS N . -26.22 -7.81 -16.12
PA AGS N . -29.16 -9.41 -18.02
O1A AGS N . -28.84 -10.64 -18.75
O2A AGS N . -29.61 -9.72 -16.60
O3A AGS N . -27.93 -8.45 -17.88
O5' AGS N . -30.24 -8.57 -18.79
C5' AGS N . -31.17 -7.75 -18.07
C4' AGS N . -32.44 -7.69 -18.87
O4' AGS N . -32.12 -7.33 -20.22
C3' AGS N . -33.19 -9.01 -18.99
O3' AGS N . -34.16 -9.12 -17.95
C2' AGS N . -33.86 -8.94 -20.36
O2' AGS N . -35.24 -8.64 -20.28
C1' AGS N . -33.12 -7.80 -21.09
N9 AGS N . -32.49 -8.21 -22.33
C8 AGS N . -31.15 -8.31 -22.57
N7 AGS N . -30.85 -8.68 -23.79
C5 AGS N . -32.09 -8.83 -24.40
C6 AGS N . -32.48 -9.20 -25.70
N6 AGS N . -31.61 -9.52 -26.66
N1 AGS N . -33.79 -9.26 -25.97
C2 AGS N . -34.67 -8.95 -25.01
N3 AGS N . -34.42 -8.57 -23.75
C4 AGS N . -33.11 -8.54 -23.51
HOG2 AGS N . -25.09 -9.79 -13.80
H21 AGS N . -25.59 -6.60 -13.56
H5'1 AGS N . -30.81 -6.86 -17.96
H5'2 AGS N . -31.35 -8.15 -17.20
H4' AGS N . -33.03 -7.02 -18.49
H3' AGS N . -32.56 -9.76 -18.96
HO3' AGS N . -34.96 -9.01 -18.29
H2' AGS N . -33.72 -9.77 -20.84
HO2' AGS N . -35.69 -9.11 -20.88
H1' AGS N . -33.75 -7.09 -21.26
H8 AGS N . -30.46 -8.12 -21.91
HN61 AGS N . -30.72 -9.58 -26.47
HN62 AGS N . -31.90 -9.68 -27.51
H2 AGS N . -35.60 -9.00 -25.26
MG MG O . -26.38 -11.46 -14.75
PG AGS P . 0.77 -24.36 -17.73
S1G AGS P . 1.86 -22.89 -17.07
O2G AGS P . 1.05 -25.65 -16.89
O3G AGS P . -0.73 -23.98 -17.61
PB AGS P . 2.27 -25.63 -19.59
O1B AGS P . 3.57 -24.94 -19.54
O2B AGS P . 2.17 -26.80 -18.61
O3B AGS P . 1.09 -24.65 -19.22
PA AGS P . 1.42 -27.70 -21.05
O1A AGS P . 2.47 -28.69 -20.79
O2A AGS P . 0.25 -27.72 -20.07
O3A AGS P . 2.00 -26.24 -21.01
O5' AGS P . 0.91 -27.89 -22.54
C5' AGS P . -0.40 -27.49 -22.92
C4' AGS P . -0.68 -28.06 -24.29
O4' AGS P . 0.25 -27.54 -25.25
C3' AGS P . -0.54 -29.58 -24.38
O3' AGS P . -1.76 -30.23 -24.06
C2' AGS P . -0.15 -29.81 -25.84
O2' AGS P . -1.28 -30.14 -26.65
C1' AGS P . 0.45 -28.47 -26.28
N9 AGS P . 1.88 -28.53 -26.58
C8 AGS P . 2.88 -27.87 -25.93
N7 AGS P . 4.08 -28.11 -26.43
C5 AGS P . 3.84 -28.99 -27.46
C6 AGS P . 4.69 -29.61 -28.39
N6 AGS P . 6.02 -29.45 -28.41
N1 AGS P . 4.14 -30.43 -29.31
C2 AGS P . 2.81 -30.60 -29.29
N3 AGS P . 1.90 -30.06 -28.48
C4 AGS P . 2.48 -29.26 -27.57
HOG2 AGS P . 0.45 -25.72 -16.24
H21 AGS P . -0.80 -23.12 -17.43
H5'1 AGS P . -0.45 -26.52 -22.96
H5'2 AGS P . -1.05 -27.84 -22.29
H4' AGS P . -1.58 -27.82 -24.56
H3' AGS P . 0.17 -29.89 -23.80
HO3' AGS P . -2.17 -30.48 -24.81
H2' AGS P . 0.52 -30.52 -25.91
HO2' AGS P . -1.13 -30.90 -27.07
H1' AGS P . -0.02 -28.17 -27.07
H8 AGS P . 2.73 -27.29 -25.18
HN61 AGS P . 6.41 -28.91 -27.79
HN62 AGS P . 6.52 -29.87 -29.03
H2 AGS P . 2.46 -31.20 -29.97
MG MG Q . 0.43 -26.45 -18.63
PB ADP R . 28.14 -17.72 -1.84
O1B ADP R . 28.32 -17.96 -0.36
O2B ADP R . 28.72 -16.43 -2.34
O3B ADP R . 26.76 -18.03 -2.37
PA ADP R . 29.38 -20.20 -1.67
O1A ADP R . 28.12 -20.55 -0.91
O2A ADP R . 30.71 -20.06 -0.98
O3A ADP R . 29.07 -18.84 -2.49
O5' ADP R . 29.54 -21.23 -2.89
C5' ADP R . 30.74 -21.21 -3.64
C4' ADP R . 30.84 -22.48 -4.47
O4' ADP R . 32.00 -22.36 -5.30
C3' ADP R . 31.12 -23.72 -3.68
O3' ADP R . 30.73 -24.87 -4.43
C2' ADP R . 32.62 -23.66 -3.42
O2' ADP R . 33.23 -24.95 -3.34
C1' ADP R . 33.15 -22.91 -4.63
N9 ADP R . 34.13 -21.87 -4.25
C8 ADP R . 33.94 -20.55 -4.05
N7 ADP R . 35.09 -19.94 -3.72
C5 ADP R . 36.06 -20.85 -3.71
C6 ADP R . 37.52 -20.87 -3.44
N6 ADP R . 38.17 -19.72 -3.12
N1 ADP R . 38.16 -22.04 -3.54
C2 ADP R . 37.52 -23.17 -3.87
N3 ADP R . 36.20 -23.23 -4.12
C4 ADP R . 35.43 -22.13 -4.05
H5'1 ADP R . 31.58 -21.16 -2.95
H5'2 ADP R . 30.76 -20.34 -4.29
H4' ADP R . 29.93 -22.61 -5.08
H3' ADP R . 30.58 -23.68 -2.72
HO3' ADP R . 31.31 -25.62 -4.28
H2' ADP R . 32.81 -23.09 -2.51
HO2' ADP R . 34.19 -24.86 -3.41
H1' ADP R . 33.63 -23.64 -5.30
H8 ADP R . 32.98 -20.05 -4.13
HN61 ADP R . 37.67 -18.85 -3.04
HN62 ADP R . 39.16 -19.75 -2.93
H2 ADP R . 38.10 -24.09 -3.93
PG AGS S . 24.29 5.21 17.22
S1G AGS S . 23.09 6.38 16.26
O2G AGS S . 23.52 4.43 18.33
O3G AGS S . 24.91 4.19 16.22
PB AGS S . 25.18 6.93 19.13
O1B AGS S . 24.60 8.21 18.72
O2B AGS S . 24.29 6.11 20.07
O3B AGS S . 25.45 6.01 17.88
PA AGS S . 26.85 6.05 20.99
O1A AGS S . 26.68 6.56 22.36
O2A AGS S . 25.90 4.89 20.68
O3A AGS S . 26.53 7.12 19.90
O5' AGS S . 28.34 5.62 20.78
C5' AGS S . 28.95 4.76 21.73
C4' AGS S . 30.44 4.88 21.59
O4' AGS S . 30.81 6.27 21.52
C3' AGS S . 31.25 4.27 22.73
O3' AGS S . 32.36 3.55 22.24
C2' AGS S . 31.68 5.50 23.54
O2' AGS S . 32.91 5.29 24.23
C1' AGS S . 31.85 6.53 22.44
N9 AGS S . 31.75 7.91 22.89
C8 AGS S . 30.81 8.83 22.51
N7 AGS S . 30.97 10.01 23.06
C5 AGS S . 32.10 9.84 23.86
C6 AGS S . 32.79 10.72 24.72
N6 AGS S . 32.43 11.99 24.92
N1 AGS S . 33.86 10.24 25.37
C2 AGS S . 34.21 8.97 25.17
N3 AGS S . 33.64 8.05 24.40
C4 AGS S . 32.58 8.56 23.77
HOG2 AGS S . 22.75 4.16 18.01
H21 AGS S . 24.47 4.23 15.45
H5'1 AGS S . 28.70 5.02 22.63
H5'2 AGS S . 28.69 3.84 21.57
H4' AGS S . 30.71 4.46 20.76
H3' AGS S . 30.68 3.69 23.27
HO3' AGS S . 32.98 3.46 22.88
H2' AGS S . 30.97 5.76 24.16
HO2' AGS S . 32.88 5.70 25.02
H1' AGS S . 32.71 6.39 22.00
H8 AGS S . 30.10 8.63 21.88
HN61 AGS S . 31.67 12.32 24.54
HN62 AGS S . 32.95 12.53 25.42
H2 AGS S . 35.01 8.67 25.67
MG MG T . 22.45 4.13 20.73
#